data_5QOH
# 
_entry.id   5QOH 
# 
_audit_conform.dict_name       mmcif_pdbx.dic 
_audit_conform.dict_version    5.387 
_audit_conform.dict_location   http://mmcif.pdb.org/dictionaries/ascii/mmcif_pdbx.dic 
# 
loop_
_database_2.database_id 
_database_2.database_code 
_database_2.pdbx_database_accession 
_database_2.pdbx_DOI 
PDB   5QOH         pdb_00005qoh 10.2210/pdb5qoh/pdb 
WWPDB D_1001402206 ?            ?                   
# 
loop_
_pdbx_audit_revision_history.ordinal 
_pdbx_audit_revision_history.data_content_type 
_pdbx_audit_revision_history.major_revision 
_pdbx_audit_revision_history.minor_revision 
_pdbx_audit_revision_history.revision_date 
1 'Structure model' 1 0 2019-05-08 
2 'Structure model' 1 1 2019-11-20 
3 'Structure model' 1 2 2024-03-06 
# 
_pdbx_audit_revision_details.ordinal             1 
_pdbx_audit_revision_details.revision_ordinal    1 
_pdbx_audit_revision_details.data_content_type   'Structure model' 
_pdbx_audit_revision_details.provider            repository 
_pdbx_audit_revision_details.type                'Initial release' 
_pdbx_audit_revision_details.description         ? 
_pdbx_audit_revision_details.details             ? 
# 
loop_
_pdbx_audit_revision_group.ordinal 
_pdbx_audit_revision_group.revision_ordinal 
_pdbx_audit_revision_group.data_content_type 
_pdbx_audit_revision_group.group 
1 2 'Structure model' 'Data collection'     
2 3 'Structure model' 'Data collection'     
3 3 'Structure model' 'Database references' 
# 
loop_
_pdbx_audit_revision_category.ordinal 
_pdbx_audit_revision_category.revision_ordinal 
_pdbx_audit_revision_category.data_content_type 
_pdbx_audit_revision_category.category 
1 2 'Structure model' diffrn_source  
2 3 'Structure model' chem_comp_atom 
3 3 'Structure model' chem_comp_bond 
4 3 'Structure model' database_2     
# 
loop_
_pdbx_audit_revision_item.ordinal 
_pdbx_audit_revision_item.revision_ordinal 
_pdbx_audit_revision_item.data_content_type 
_pdbx_audit_revision_item.item 
1 2 'Structure model' '_diffrn_source.pdbx_synchrotron_beamline' 
2 2 'Structure model' '_diffrn_source.type'                      
3 3 'Structure model' '_database_2.pdbx_DOI'                     
4 3 'Structure model' '_database_2.pdbx_database_accession'      
# 
_pdbx_database_status.entry_id                        5QOH 
_pdbx_database_status.status_code                     REL 
_pdbx_database_status.status_code_sf                  REL 
_pdbx_database_status.status_code_mr                  ? 
_pdbx_database_status.status_code_cs                  ? 
_pdbx_database_status.recvd_initial_deposition_date   2019-02-22 
_pdbx_database_status.deposit_site                    RCSB 
_pdbx_database_status.process_site                    RCSB 
_pdbx_database_status.SG_entry                        ? 
_pdbx_database_status.pdb_format_compatible           Y 
_pdbx_database_status.methods_development_category    ? 
_pdbx_database_status.status_code_nmr_data            ? 
# 
loop_
_audit_author.name 
_audit_author.pdbx_ordinal 
_audit_author.identifier_ORCID 
'Nelson, E.R.'      1  ? 
'Velupillai, S.'    2  ? 
'Talon, R.'         3  ? 
'Collins, P.M.'     4  ? 
'Krojer, T.'        5  ? 
'Wang, D.'          6  ? 
'Brandao-Neto, J.'  7  ? 
'Douangamath, A.'   8  ? 
'Burgess-Brown, N.' 9  ? 
'Arrowsmith, C.H.'  10 ? 
'Bountra, C.'       11 ? 
'Huber, K.'         12 ? 
'von Delft, F.'     13 ? 
# 
_citation.id                        primary 
_citation.title                     'PanDDA analysis group deposition' 
_citation.journal_abbrev            'To Be Published' 
_citation.journal_volume            ? 
_citation.page_first                ? 
_citation.page_last                 ? 
_citation.year                      ? 
_citation.journal_id_ASTM           ? 
_citation.country                   ? 
_citation.journal_id_ISSN           ? 
_citation.journal_id_CSD            0353 
_citation.book_publisher            ? 
_citation.pdbx_database_id_PubMed   ? 
_citation.pdbx_database_id_DOI      ? 
# 
loop_
_citation_author.citation_id 
_citation_author.name 
_citation_author.identifier_ORCID 
_citation_author.ordinal 
primary 'Nelson, E.R.'      ? 1  
primary 'Velupillai, S.'    ? 2  
primary 'Talon, R.'         ? 3  
primary 'Collins, P.M.'     ? 4  
primary 'Krojer, T.'        ? 5  
primary 'Wang, D.'          ? 6  
primary 'Brandao-Neto, J.'  ? 7  
primary 'Douangamath, A.'   ? 8  
primary 'Burgess-Brown, N.' ? 9  
primary 'Arrowsmith, C.H.'  ? 10 
primary 'Bountra, C.'       ? 11 
primary 'Huber, K.'         ? 12 
primary 'von Delft, F.'     ? 13 
# 
loop_
_entity.id 
_entity.type 
_entity.src_method 
_entity.pdbx_description 
_entity.formula_weight 
_entity.pdbx_number_of_molecules 
_entity.pdbx_ec 
_entity.pdbx_mutation 
_entity.pdbx_fragment 
_entity.details 
1 polymer     man 'DCP2 (NUDT20)'             19073.738 1  3.6.1.62 ? 'UNP residues 95-260' ? 
2 non-polymer syn 1,2-ETHANEDIOL              62.068    2  ?        ? ?                     ? 
3 non-polymer syn 'DIMETHYL SULFOXIDE'        78.133    1  ?        ? ?                     ? 
4 non-polymer syn 'ACETATE ION'               59.044    2  ?        ? ?                     ? 
5 non-polymer syn 'DI(HYDROXYETHYL)ETHER'     106.120   1  ?        ? ?                     ? 
6 non-polymer syn N,N-dimethylpyridin-4-amine 122.168   1  ?        ? ?                     ? 
7 water       nat water                       18.015    91 ?        ? ?                     ? 
# 
_entity_name_com.entity_id   1 
_entity_name_com.name        
'Nucleoside diphosphate-linked moiety X motif 20, Nudix motif 20, mRNA-decapping enzyme 2, hDpc, m7GpppN-mRNA hydrolase' 
# 
_entity_poly.entity_id                      1 
_entity_poly.type                           'polypeptide(L)' 
_entity_poly.nstd_linkage                   no 
_entity_poly.nstd_monomer                   no 
_entity_poly.pdbx_seq_one_letter_code       
;SMGVPTYGAIILDETLENVLLVQGYLAKSGWGFPKGKVNKEEAPHDCAAREVFEETGFDIKDYICKDDYIELRINDQLAR
LYIIPGIPKDTKFNPKTRREIRNIEWFSIEKLPCHRNDMTPKSKLGLAPNKFFMAIPFIRPLRDWLSRRFGDSSDSDNGF
SSTGSTP
;
_entity_poly.pdbx_seq_one_letter_code_can   
;SMGVPTYGAIILDETLENVLLVQGYLAKSGWGFPKGKVNKEEAPHDCAAREVFEETGFDIKDYICKDDYIELRINDQLAR
LYIIPGIPKDTKFNPKTRREIRNIEWFSIEKLPCHRNDMTPKSKLGLAPNKFFMAIPFIRPLRDWLSRRFGDSSDSDNGF
SSTGSTP
;
_entity_poly.pdbx_strand_id                 A 
_entity_poly.pdbx_target_identifier         ? 
# 
loop_
_pdbx_entity_nonpoly.entity_id 
_pdbx_entity_nonpoly.name 
_pdbx_entity_nonpoly.comp_id 
2 1,2-ETHANEDIOL              EDO 
3 'DIMETHYL SULFOXIDE'        DMS 
4 'ACETATE ION'               ACT 
5 'DI(HYDROXYETHYL)ETHER'     PEG 
6 N,N-dimethylpyridin-4-amine JGD 
7 water                       HOH 
# 
loop_
_entity_poly_seq.entity_id 
_entity_poly_seq.num 
_entity_poly_seq.mon_id 
_entity_poly_seq.hetero 
1 1   SER n 
1 2   MET n 
1 3   GLY n 
1 4   VAL n 
1 5   PRO n 
1 6   THR n 
1 7   TYR n 
1 8   GLY n 
1 9   ALA n 
1 10  ILE n 
1 11  ILE n 
1 12  LEU n 
1 13  ASP n 
1 14  GLU n 
1 15  THR n 
1 16  LEU n 
1 17  GLU n 
1 18  ASN n 
1 19  VAL n 
1 20  LEU n 
1 21  LEU n 
1 22  VAL n 
1 23  GLN n 
1 24  GLY n 
1 25  TYR n 
1 26  LEU n 
1 27  ALA n 
1 28  LYS n 
1 29  SER n 
1 30  GLY n 
1 31  TRP n 
1 32  GLY n 
1 33  PHE n 
1 34  PRO n 
1 35  LYS n 
1 36  GLY n 
1 37  LYS n 
1 38  VAL n 
1 39  ASN n 
1 40  LYS n 
1 41  GLU n 
1 42  GLU n 
1 43  ALA n 
1 44  PRO n 
1 45  HIS n 
1 46  ASP n 
1 47  CYS n 
1 48  ALA n 
1 49  ALA n 
1 50  ARG n 
1 51  GLU n 
1 52  VAL n 
1 53  PHE n 
1 54  GLU n 
1 55  GLU n 
1 56  THR n 
1 57  GLY n 
1 58  PHE n 
1 59  ASP n 
1 60  ILE n 
1 61  LYS n 
1 62  ASP n 
1 63  TYR n 
1 64  ILE n 
1 65  CYS n 
1 66  LYS n 
1 67  ASP n 
1 68  ASP n 
1 69  TYR n 
1 70  ILE n 
1 71  GLU n 
1 72  LEU n 
1 73  ARG n 
1 74  ILE n 
1 75  ASN n 
1 76  ASP n 
1 77  GLN n 
1 78  LEU n 
1 79  ALA n 
1 80  ARG n 
1 81  LEU n 
1 82  TYR n 
1 83  ILE n 
1 84  ILE n 
1 85  PRO n 
1 86  GLY n 
1 87  ILE n 
1 88  PRO n 
1 89  LYS n 
1 90  ASP n 
1 91  THR n 
1 92  LYS n 
1 93  PHE n 
1 94  ASN n 
1 95  PRO n 
1 96  LYS n 
1 97  THR n 
1 98  ARG n 
1 99  ARG n 
1 100 GLU n 
1 101 ILE n 
1 102 ARG n 
1 103 ASN n 
1 104 ILE n 
1 105 GLU n 
1 106 TRP n 
1 107 PHE n 
1 108 SER n 
1 109 ILE n 
1 110 GLU n 
1 111 LYS n 
1 112 LEU n 
1 113 PRO n 
1 114 CYS n 
1 115 HIS n 
1 116 ARG n 
1 117 ASN n 
1 118 ASP n 
1 119 MET n 
1 120 THR n 
1 121 PRO n 
1 122 LYS n 
1 123 SER n 
1 124 LYS n 
1 125 LEU n 
1 126 GLY n 
1 127 LEU n 
1 128 ALA n 
1 129 PRO n 
1 130 ASN n 
1 131 LYS n 
1 132 PHE n 
1 133 PHE n 
1 134 MET n 
1 135 ALA n 
1 136 ILE n 
1 137 PRO n 
1 138 PHE n 
1 139 ILE n 
1 140 ARG n 
1 141 PRO n 
1 142 LEU n 
1 143 ARG n 
1 144 ASP n 
1 145 TRP n 
1 146 LEU n 
1 147 SER n 
1 148 ARG n 
1 149 ARG n 
1 150 PHE n 
1 151 GLY n 
1 152 ASP n 
1 153 SER n 
1 154 SER n 
1 155 ASP n 
1 156 SER n 
1 157 ASP n 
1 158 ASN n 
1 159 GLY n 
1 160 PHE n 
1 161 SER n 
1 162 SER n 
1 163 THR n 
1 164 GLY n 
1 165 SER n 
1 166 THR n 
1 167 PRO n 
# 
_entity_src_gen.entity_id                          1 
_entity_src_gen.pdbx_src_id                        1 
_entity_src_gen.pdbx_alt_source_flag               sample 
_entity_src_gen.pdbx_seq_type                      'Biological sequence' 
_entity_src_gen.pdbx_beg_seq_num                   1 
_entity_src_gen.pdbx_end_seq_num                   167 
_entity_src_gen.gene_src_common_name               Human 
_entity_src_gen.gene_src_genus                     ? 
_entity_src_gen.pdbx_gene_src_gene                 'DCP2, NUDT20' 
_entity_src_gen.gene_src_species                   ? 
_entity_src_gen.gene_src_strain                    ? 
_entity_src_gen.gene_src_tissue                    ? 
_entity_src_gen.gene_src_tissue_fraction           ? 
_entity_src_gen.gene_src_details                   ? 
_entity_src_gen.pdbx_gene_src_fragment             ? 
_entity_src_gen.pdbx_gene_src_scientific_name      'Homo sapiens' 
_entity_src_gen.pdbx_gene_src_ncbi_taxonomy_id     9606 
_entity_src_gen.pdbx_gene_src_variant              ? 
_entity_src_gen.pdbx_gene_src_cell_line            ? 
_entity_src_gen.pdbx_gene_src_atcc                 ? 
_entity_src_gen.pdbx_gene_src_organ                ? 
_entity_src_gen.pdbx_gene_src_organelle            ? 
_entity_src_gen.pdbx_gene_src_cell                 ? 
_entity_src_gen.pdbx_gene_src_cellular_location    ? 
_entity_src_gen.host_org_common_name               ? 
_entity_src_gen.pdbx_host_org_scientific_name      'Escherichia coli' 
_entity_src_gen.pdbx_host_org_ncbi_taxonomy_id     562 
_entity_src_gen.host_org_genus                     ? 
_entity_src_gen.pdbx_host_org_gene                 ? 
_entity_src_gen.pdbx_host_org_organ                ? 
_entity_src_gen.host_org_species                   ? 
_entity_src_gen.pdbx_host_org_tissue               ? 
_entity_src_gen.pdbx_host_org_tissue_fraction      ? 
_entity_src_gen.pdbx_host_org_strain               ? 
_entity_src_gen.pdbx_host_org_variant              ? 
_entity_src_gen.pdbx_host_org_cell_line            ? 
_entity_src_gen.pdbx_host_org_atcc                 ? 
_entity_src_gen.pdbx_host_org_culture_collection   ? 
_entity_src_gen.pdbx_host_org_cell                 ? 
_entity_src_gen.pdbx_host_org_organelle            ? 
_entity_src_gen.pdbx_host_org_cellular_location    ? 
_entity_src_gen.pdbx_host_org_vector_type          ? 
_entity_src_gen.pdbx_host_org_vector               ? 
_entity_src_gen.host_org_details                   ? 
_entity_src_gen.expression_system_id               ? 
_entity_src_gen.plasmid_name                       ? 
_entity_src_gen.plasmid_details                    ? 
_entity_src_gen.pdbx_description                   ? 
# 
loop_
_chem_comp.id 
_chem_comp.type 
_chem_comp.mon_nstd_flag 
_chem_comp.name 
_chem_comp.pdbx_synonyms 
_chem_comp.formula 
_chem_comp.formula_weight 
ACT non-polymer         . 'ACETATE ION'               ?                 'C2 H3 O2 -1'    59.044  
ALA 'L-peptide linking' y ALANINE                     ?                 'C3 H7 N O2'     89.093  
ARG 'L-peptide linking' y ARGININE                    ?                 'C6 H15 N4 O2 1' 175.209 
ASN 'L-peptide linking' y ASPARAGINE                  ?                 'C4 H8 N2 O3'    132.118 
ASP 'L-peptide linking' y 'ASPARTIC ACID'             ?                 'C4 H7 N O4'     133.103 
CYS 'L-peptide linking' y CYSTEINE                    ?                 'C3 H7 N O2 S'   121.158 
DMS non-polymer         . 'DIMETHYL SULFOXIDE'        ?                 'C2 H6 O S'      78.133  
EDO non-polymer         . 1,2-ETHANEDIOL              'ETHYLENE GLYCOL' 'C2 H6 O2'       62.068  
GLN 'L-peptide linking' y GLUTAMINE                   ?                 'C5 H10 N2 O3'   146.144 
GLU 'L-peptide linking' y 'GLUTAMIC ACID'             ?                 'C5 H9 N O4'     147.129 
GLY 'peptide linking'   y GLYCINE                     ?                 'C2 H5 N O2'     75.067  
HIS 'L-peptide linking' y HISTIDINE                   ?                 'C6 H10 N3 O2 1' 156.162 
HOH non-polymer         . WATER                       ?                 'H2 O'           18.015  
ILE 'L-peptide linking' y ISOLEUCINE                  ?                 'C6 H13 N O2'    131.173 
JGD non-polymer         . N,N-dimethylpyridin-4-amine ?                 'C7 H10 N2'      122.168 
LEU 'L-peptide linking' y LEUCINE                     ?                 'C6 H13 N O2'    131.173 
LYS 'L-peptide linking' y LYSINE                      ?                 'C6 H15 N2 O2 1' 147.195 
MET 'L-peptide linking' y METHIONINE                  ?                 'C5 H11 N O2 S'  149.211 
PEG non-polymer         . 'DI(HYDROXYETHYL)ETHER'     ?                 'C4 H10 O3'      106.120 
PHE 'L-peptide linking' y PHENYLALANINE               ?                 'C9 H11 N O2'    165.189 
PRO 'L-peptide linking' y PROLINE                     ?                 'C5 H9 N O2'     115.130 
SER 'L-peptide linking' y SERINE                      ?                 'C3 H7 N O3'     105.093 
THR 'L-peptide linking' y THREONINE                   ?                 'C4 H9 N O3'     119.119 
TRP 'L-peptide linking' y TRYPTOPHAN                  ?                 'C11 H12 N2 O2'  204.225 
TYR 'L-peptide linking' y TYROSINE                    ?                 'C9 H11 N O3'    181.189 
VAL 'L-peptide linking' y VALINE                      ?                 'C5 H11 N O2'    117.146 
# 
loop_
_pdbx_poly_seq_scheme.asym_id 
_pdbx_poly_seq_scheme.entity_id 
_pdbx_poly_seq_scheme.seq_id 
_pdbx_poly_seq_scheme.mon_id 
_pdbx_poly_seq_scheme.ndb_seq_num 
_pdbx_poly_seq_scheme.pdb_seq_num 
_pdbx_poly_seq_scheme.auth_seq_num 
_pdbx_poly_seq_scheme.pdb_mon_id 
_pdbx_poly_seq_scheme.auth_mon_id 
_pdbx_poly_seq_scheme.pdb_strand_id 
_pdbx_poly_seq_scheme.pdb_ins_code 
_pdbx_poly_seq_scheme.hetero 
A 1 1   SER 1   94  ?   ?   ?   A . n 
A 1 2   MET 2   95  ?   ?   ?   A . n 
A 1 3   GLY 3   96  96  GLY GLY A . n 
A 1 4   VAL 4   97  97  VAL VAL A . n 
A 1 5   PRO 5   98  98  PRO PRO A . n 
A 1 6   THR 6   99  99  THR THR A . n 
A 1 7   TYR 7   100 100 TYR TYR A . n 
A 1 8   GLY 8   101 101 GLY GLY A . n 
A 1 9   ALA 9   102 102 ALA ALA A . n 
A 1 10  ILE 10  103 103 ILE ILE A . n 
A 1 11  ILE 11  104 104 ILE ILE A . n 
A 1 12  LEU 12  105 105 LEU LEU A . n 
A 1 13  ASP 13  106 106 ASP ASP A . n 
A 1 14  GLU 14  107 107 GLU GLU A . n 
A 1 15  THR 15  108 108 THR THR A . n 
A 1 16  LEU 16  109 109 LEU LEU A . n 
A 1 17  GLU 17  110 110 GLU GLU A . n 
A 1 18  ASN 18  111 111 ASN ASN A . n 
A 1 19  VAL 19  112 112 VAL VAL A . n 
A 1 20  LEU 20  113 113 LEU LEU A . n 
A 1 21  LEU 21  114 114 LEU LEU A . n 
A 1 22  VAL 22  115 115 VAL VAL A . n 
A 1 23  GLN 23  116 116 GLN GLN A . n 
A 1 24  GLY 24  117 117 GLY GLY A . n 
A 1 25  TYR 25  118 118 TYR TYR A . n 
A 1 26  LEU 26  119 119 LEU LEU A . n 
A 1 27  ALA 27  120 120 ALA ALA A . n 
A 1 28  LYS 28  121 121 LYS LYS A . n 
A 1 29  SER 29  122 122 SER SER A . n 
A 1 30  GLY 30  123 123 GLY GLY A . n 
A 1 31  TRP 31  124 124 TRP TRP A . n 
A 1 32  GLY 32  125 125 GLY GLY A . n 
A 1 33  PHE 33  126 126 PHE PHE A . n 
A 1 34  PRO 34  127 127 PRO PRO A . n 
A 1 35  LYS 35  128 128 LYS LYS A . n 
A 1 36  GLY 36  129 129 GLY GLY A . n 
A 1 37  LYS 37  130 130 LYS LYS A . n 
A 1 38  VAL 38  131 131 VAL VAL A . n 
A 1 39  ASN 39  132 132 ASN ASN A . n 
A 1 40  LYS 40  133 133 LYS LYS A . n 
A 1 41  GLU 41  134 134 GLU GLU A . n 
A 1 42  GLU 42  135 135 GLU GLU A . n 
A 1 43  ALA 43  136 136 ALA ALA A . n 
A 1 44  PRO 44  137 137 PRO PRO A . n 
A 1 45  HIS 45  138 138 HIS HIS A . n 
A 1 46  ASP 46  139 139 ASP ASP A . n 
A 1 47  CYS 47  140 140 CYS CYS A . n 
A 1 48  ALA 48  141 141 ALA ALA A . n 
A 1 49  ALA 49  142 142 ALA ALA A . n 
A 1 50  ARG 50  143 143 ARG ARG A . n 
A 1 51  GLU 51  144 144 GLU GLU A . n 
A 1 52  VAL 52  145 145 VAL VAL A . n 
A 1 53  PHE 53  146 146 PHE PHE A . n 
A 1 54  GLU 54  147 147 GLU GLU A . n 
A 1 55  GLU 55  148 148 GLU GLU A . n 
A 1 56  THR 56  149 149 THR THR A . n 
A 1 57  GLY 57  150 150 GLY GLY A . n 
A 1 58  PHE 58  151 151 PHE PHE A . n 
A 1 59  ASP 59  152 152 ASP ASP A . n 
A 1 60  ILE 60  153 153 ILE ILE A . n 
A 1 61  LYS 61  154 154 LYS LYS A . n 
A 1 62  ASP 62  155 155 ASP ASP A . n 
A 1 63  TYR 63  156 156 TYR TYR A . n 
A 1 64  ILE 64  157 157 ILE ILE A . n 
A 1 65  CYS 65  158 158 CYS CYS A . n 
A 1 66  LYS 66  159 159 LYS LYS A . n 
A 1 67  ASP 67  160 160 ASP ASP A . n 
A 1 68  ASP 68  161 161 ASP ASP A . n 
A 1 69  TYR 69  162 162 TYR TYR A . n 
A 1 70  ILE 70  163 163 ILE ILE A . n 
A 1 71  GLU 71  164 164 GLU GLU A . n 
A 1 72  LEU 72  165 165 LEU LEU A . n 
A 1 73  ARG 73  166 166 ARG ARG A . n 
A 1 74  ILE 74  167 167 ILE ILE A . n 
A 1 75  ASN 75  168 168 ASN ASN A . n 
A 1 76  ASP 76  169 169 ASP ASP A . n 
A 1 77  GLN 77  170 170 GLN GLN A . n 
A 1 78  LEU 78  171 171 LEU LEU A . n 
A 1 79  ALA 79  172 172 ALA ALA A . n 
A 1 80  ARG 80  173 173 ARG ARG A . n 
A 1 81  LEU 81  174 174 LEU LEU A . n 
A 1 82  TYR 82  175 175 TYR TYR A . n 
A 1 83  ILE 83  176 176 ILE ILE A . n 
A 1 84  ILE 84  177 177 ILE ILE A . n 
A 1 85  PRO 85  178 178 PRO PRO A . n 
A 1 86  GLY 86  179 179 GLY GLY A . n 
A 1 87  ILE 87  180 180 ILE ILE A . n 
A 1 88  PRO 88  181 181 PRO PRO A . n 
A 1 89  LYS 89  182 182 LYS LYS A . n 
A 1 90  ASP 90  183 183 ASP ASP A . n 
A 1 91  THR 91  184 184 THR THR A . n 
A 1 92  LYS 92  185 185 LYS LYS A . n 
A 1 93  PHE 93  186 186 PHE PHE A . n 
A 1 94  ASN 94  187 187 ASN ASN A . n 
A 1 95  PRO 95  188 188 PRO PRO A . n 
A 1 96  LYS 96  189 189 LYS LYS A . n 
A 1 97  THR 97  190 190 THR THR A . n 
A 1 98  ARG 98  191 191 ARG ARG A . n 
A 1 99  ARG 99  192 192 ARG ARG A . n 
A 1 100 GLU 100 193 193 GLU GLU A . n 
A 1 101 ILE 101 194 194 ILE ILE A . n 
A 1 102 ARG 102 195 195 ARG ARG A . n 
A 1 103 ASN 103 196 196 ASN ASN A . n 
A 1 104 ILE 104 197 197 ILE ILE A . n 
A 1 105 GLU 105 198 198 GLU GLU A . n 
A 1 106 TRP 106 199 199 TRP TRP A . n 
A 1 107 PHE 107 200 200 PHE PHE A . n 
A 1 108 SER 108 201 201 SER SER A . n 
A 1 109 ILE 109 202 202 ILE ILE A . n 
A 1 110 GLU 110 203 203 GLU GLU A . n 
A 1 111 LYS 111 204 204 LYS LYS A . n 
A 1 112 LEU 112 205 205 LEU LEU A . n 
A 1 113 PRO 113 206 206 PRO PRO A . n 
A 1 114 CYS 114 207 207 CYS CYS A . n 
A 1 115 HIS 115 208 208 HIS HIS A . n 
A 1 116 ARG 116 209 209 ARG ARG A . n 
A 1 117 ASN 117 210 210 ASN ASN A . n 
A 1 118 ASP 118 211 211 ASP ASP A . n 
A 1 119 MET 119 212 212 MET MET A . n 
A 1 120 THR 120 213 213 THR THR A . n 
A 1 121 PRO 121 214 214 PRO PRO A . n 
A 1 122 LYS 122 215 215 LYS LYS A . n 
A 1 123 SER 123 216 216 SER SER A . n 
A 1 124 LYS 124 217 217 LYS LYS A . n 
A 1 125 LEU 125 218 218 LEU LEU A . n 
A 1 126 GLY 126 219 219 GLY GLY A . n 
A 1 127 LEU 127 220 220 LEU LEU A . n 
A 1 128 ALA 128 221 221 ALA ALA A . n 
A 1 129 PRO 129 222 222 PRO PRO A . n 
A 1 130 ASN 130 223 223 ASN ASN A . n 
A 1 131 LYS 131 224 224 LYS LYS A . n 
A 1 132 PHE 132 225 225 PHE PHE A . n 
A 1 133 PHE 133 226 226 PHE PHE A . n 
A 1 134 MET 134 227 227 MET MET A . n 
A 1 135 ALA 135 228 228 ALA ALA A . n 
A 1 136 ILE 136 229 229 ILE ILE A . n 
A 1 137 PRO 137 230 230 PRO PRO A . n 
A 1 138 PHE 138 231 231 PHE PHE A . n 
A 1 139 ILE 139 232 232 ILE ILE A . n 
A 1 140 ARG 140 233 233 ARG ARG A . n 
A 1 141 PRO 141 234 234 PRO PRO A . n 
A 1 142 LEU 142 235 235 LEU LEU A . n 
A 1 143 ARG 143 236 236 ARG ARG A . n 
A 1 144 ASP 144 237 237 ASP ASP A . n 
A 1 145 TRP 145 238 238 TRP TRP A . n 
A 1 146 LEU 146 239 239 LEU LEU A . n 
A 1 147 SER 147 240 240 SER SER A . n 
A 1 148 ARG 148 241 241 ARG ARG A . n 
A 1 149 ARG 149 242 242 ARG ARG A . n 
A 1 150 PHE 150 243 243 PHE PHE A . n 
A 1 151 GLY 151 244 244 GLY GLY A . n 
A 1 152 ASP 152 245 ?   ?   ?   A . n 
A 1 153 SER 153 246 ?   ?   ?   A . n 
A 1 154 SER 154 247 ?   ?   ?   A . n 
A 1 155 ASP 155 248 ?   ?   ?   A . n 
A 1 156 SER 156 249 ?   ?   ?   A . n 
A 1 157 ASP 157 250 ?   ?   ?   A . n 
A 1 158 ASN 158 251 ?   ?   ?   A . n 
A 1 159 GLY 159 252 ?   ?   ?   A . n 
A 1 160 PHE 160 253 ?   ?   ?   A . n 
A 1 161 SER 161 254 ?   ?   ?   A . n 
A 1 162 SER 162 255 ?   ?   ?   A . n 
A 1 163 THR 163 256 ?   ?   ?   A . n 
A 1 164 GLY 164 257 ?   ?   ?   A . n 
A 1 165 SER 165 258 ?   ?   ?   A . n 
A 1 166 THR 166 259 ?   ?   ?   A . n 
A 1 167 PRO 167 260 ?   ?   ?   A . n 
# 
loop_
_pdbx_nonpoly_scheme.asym_id 
_pdbx_nonpoly_scheme.entity_id 
_pdbx_nonpoly_scheme.mon_id 
_pdbx_nonpoly_scheme.ndb_seq_num 
_pdbx_nonpoly_scheme.pdb_seq_num 
_pdbx_nonpoly_scheme.auth_seq_num 
_pdbx_nonpoly_scheme.pdb_mon_id 
_pdbx_nonpoly_scheme.auth_mon_id 
_pdbx_nonpoly_scheme.pdb_strand_id 
_pdbx_nonpoly_scheme.pdb_ins_code 
B 2 EDO 1  301 2   EDO EDO A . 
C 2 EDO 1  302 3   EDO EDO A . 
D 3 DMS 1  303 1   DMS DMS A . 
E 4 ACT 1  304 1   ACT ACT A . 
F 4 ACT 1  305 2   ACT ACT A . 
G 5 PEG 1  306 1   PEG PEG A . 
H 6 JGD 1  307 1   JGD LIG A . 
I 7 HOH 1  401 104 HOH HOH A . 
I 7 HOH 2  402 17  HOH HOH A . 
I 7 HOH 3  403 12  HOH HOH A . 
I 7 HOH 4  404 19  HOH HOH A . 
I 7 HOH 5  405 29  HOH HOH A . 
I 7 HOH 6  406 8   HOH HOH A . 
I 7 HOH 7  407 39  HOH HOH A . 
I 7 HOH 8  408 15  HOH HOH A . 
I 7 HOH 9  409 96  HOH HOH A . 
I 7 HOH 10 410 1   HOH HOH A . 
I 7 HOH 11 411 60  HOH HOH A . 
I 7 HOH 12 412 66  HOH HOH A . 
I 7 HOH 13 413 10  HOH HOH A . 
I 7 HOH 14 414 68  HOH HOH A . 
I 7 HOH 15 415 83  HOH HOH A . 
I 7 HOH 16 416 35  HOH HOH A . 
I 7 HOH 17 417 13  HOH HOH A . 
I 7 HOH 18 418 67  HOH HOH A . 
I 7 HOH 19 419 90  HOH HOH A . 
I 7 HOH 20 420 102 HOH HOH A . 
I 7 HOH 21 421 59  HOH HOH A . 
I 7 HOH 22 422 88  HOH HOH A . 
I 7 HOH 23 423 55  HOH HOH A . 
I 7 HOH 24 424 80  HOH HOH A . 
I 7 HOH 25 425 31  HOH HOH A . 
I 7 HOH 26 426 38  HOH HOH A . 
I 7 HOH 27 427 32  HOH HOH A . 
I 7 HOH 28 428 7   HOH HOH A . 
I 7 HOH 29 429 79  HOH HOH A . 
I 7 HOH 30 430 85  HOH HOH A . 
I 7 HOH 31 431 5   HOH HOH A . 
I 7 HOH 32 432 14  HOH HOH A . 
I 7 HOH 33 433 23  HOH HOH A . 
I 7 HOH 34 434 62  HOH HOH A . 
I 7 HOH 35 435 71  HOH HOH A . 
I 7 HOH 36 436 76  HOH HOH A . 
I 7 HOH 37 437 100 HOH HOH A . 
I 7 HOH 38 438 36  HOH HOH A . 
I 7 HOH 39 439 43  HOH HOH A . 
I 7 HOH 40 440 97  HOH HOH A . 
I 7 HOH 41 441 4   HOH HOH A . 
I 7 HOH 42 442 95  HOH HOH A . 
I 7 HOH 43 443 78  HOH HOH A . 
I 7 HOH 44 444 33  HOH HOH A . 
I 7 HOH 45 445 18  HOH HOH A . 
I 7 HOH 46 446 107 HOH HOH A . 
I 7 HOH 47 447 2   HOH HOH A . 
I 7 HOH 48 448 46  HOH HOH A . 
I 7 HOH 49 449 16  HOH HOH A . 
I 7 HOH 50 450 65  HOH HOH A . 
I 7 HOH 51 451 28  HOH HOH A . 
I 7 HOH 52 452 9   HOH HOH A . 
I 7 HOH 53 453 6   HOH HOH A . 
I 7 HOH 54 454 24  HOH HOH A . 
I 7 HOH 55 455 27  HOH HOH A . 
I 7 HOH 56 456 11  HOH HOH A . 
I 7 HOH 57 457 25  HOH HOH A . 
I 7 HOH 58 458 50  HOH HOH A . 
I 7 HOH 59 459 57  HOH HOH A . 
I 7 HOH 60 460 22  HOH HOH A . 
I 7 HOH 61 461 87  HOH HOH A . 
I 7 HOH 62 462 81  HOH HOH A . 
I 7 HOH 63 463 52  HOH HOH A . 
I 7 HOH 64 464 84  HOH HOH A . 
I 7 HOH 65 465 3   HOH HOH A . 
I 7 HOH 66 466 72  HOH HOH A . 
I 7 HOH 67 467 74  HOH HOH A . 
I 7 HOH 68 468 69  HOH HOH A . 
I 7 HOH 69 469 30  HOH HOH A . 
I 7 HOH 70 470 92  HOH HOH A . 
I 7 HOH 71 471 42  HOH HOH A . 
I 7 HOH 72 472 47  HOH HOH A . 
I 7 HOH 73 473 103 HOH HOH A . 
I 7 HOH 74 474 40  HOH HOH A . 
I 7 HOH 75 475 106 HOH HOH A . 
I 7 HOH 76 476 105 HOH HOH A . 
I 7 HOH 77 477 21  HOH HOH A . 
I 7 HOH 78 478 94  HOH HOH A . 
I 7 HOH 79 479 64  HOH HOH A . 
I 7 HOH 80 480 109 HOH HOH A . 
I 7 HOH 81 481 91  HOH HOH A . 
I 7 HOH 82 482 86  HOH HOH A . 
I 7 HOH 83 483 26  HOH HOH A . 
I 7 HOH 84 484 75  HOH HOH A . 
I 7 HOH 85 485 101 HOH HOH A . 
I 7 HOH 86 486 98  HOH HOH A . 
I 7 HOH 87 487 51  HOH HOH A . 
I 7 HOH 88 488 56  HOH HOH A . 
I 7 HOH 89 489 20  HOH HOH A . 
I 7 HOH 90 490 93  HOH HOH A . 
I 7 HOH 91 491 41  HOH HOH A . 
# 
loop_
_pdbx_unobs_or_zero_occ_atoms.id 
_pdbx_unobs_or_zero_occ_atoms.PDB_model_num 
_pdbx_unobs_or_zero_occ_atoms.polymer_flag 
_pdbx_unobs_or_zero_occ_atoms.occupancy_flag 
_pdbx_unobs_or_zero_occ_atoms.auth_asym_id 
_pdbx_unobs_or_zero_occ_atoms.auth_comp_id 
_pdbx_unobs_or_zero_occ_atoms.auth_seq_id 
_pdbx_unobs_or_zero_occ_atoms.PDB_ins_code 
_pdbx_unobs_or_zero_occ_atoms.auth_atom_id 
_pdbx_unobs_or_zero_occ_atoms.label_alt_id 
_pdbx_unobs_or_zero_occ_atoms.label_asym_id 
_pdbx_unobs_or_zero_occ_atoms.label_comp_id 
_pdbx_unobs_or_zero_occ_atoms.label_seq_id 
_pdbx_unobs_or_zero_occ_atoms.label_atom_id 
1  1 Y 1 A LYS 130 ? CE  ? A LYS 37  CE  
2  1 Y 1 A LYS 130 ? NZ  ? A LYS 37  NZ  
3  1 Y 1 A LYS 133 ? CG  ? A LYS 40  CG  
4  1 Y 1 A LYS 133 ? CD  ? A LYS 40  CD  
5  1 Y 1 A LYS 133 ? CE  ? A LYS 40  CE  
6  1 Y 1 A LYS 133 ? NZ  ? A LYS 40  NZ  
7  1 Y 1 A GLU 134 ? CG  ? A GLU 41  CG  
8  1 Y 1 A GLU 134 ? CD  ? A GLU 41  CD  
9  1 Y 1 A GLU 134 ? OE1 ? A GLU 41  OE1 
10 1 Y 1 A GLU 134 ? OE2 ? A GLU 41  OE2 
11 1 Y 1 A LYS 159 ? CD  ? A LYS 66  CD  
12 1 Y 1 A LYS 159 ? CE  ? A LYS 66  CE  
13 1 Y 1 A LYS 159 ? NZ  ? A LYS 66  NZ  
14 1 Y 1 A LYS 185 ? CE  ? A LYS 92  CE  
15 1 Y 1 A LYS 185 ? NZ  ? A LYS 92  NZ  
16 1 Y 1 A LYS 215 ? CD  ? A LYS 122 CD  
17 1 Y 1 A LYS 215 ? CE  ? A LYS 122 CE  
18 1 Y 1 A LYS 215 ? NZ  ? A LYS 122 NZ  
19 1 Y 1 A LYS 217 ? CE  ? A LYS 124 CE  
20 1 Y 1 A LYS 217 ? NZ  ? A LYS 124 NZ  
21 1 Y 1 A ARG 241 ? CD  ? A ARG 148 CD  
22 1 Y 1 A ARG 241 ? NE  ? A ARG 148 NE  
23 1 Y 1 A ARG 241 ? CZ  ? A ARG 148 CZ  
24 1 Y 1 A ARG 241 ? NH1 ? A ARG 148 NH1 
25 1 Y 1 A ARG 241 ? NH2 ? A ARG 148 NH2 
# 
loop_
_software.pdbx_ordinal 
_software.name 
_software.version 
_software.date 
_software.type 
_software.contact_author 
_software.contact_author_email 
_software.classification 
_software.location 
_software.language 
_software.citation_id 
1 REFMAC      5.8.0189 ?               program 'Garib N. Murshudov' garib@ysbl.york.ac.uk    refinement        
http://www.ccp4.ac.uk/dist/html/refmac5.html        Fortran_77 ? 
2 Aimless     0.5.29   17/10/16        program 'Phil Evans'         ?                        'data scaling'    
http://www.mrc-lmb.cam.ac.uk/harry/pre/aimless.html ?          ? 
3 PDB_EXTRACT 3.23     'SEP. 23, 2016' package PDB                  deposit@deposit.rcsb.org 'data extraction' 
http://sw-tools.pdb.org/apps/PDB_EXTRACT/           C++        ? 
4 XDS         .        ?               program ?                    ?                        'data reduction'  ? ?          ? 
5 REFMAC      .        ?               program ?                    ?                        phasing           ? ?          ? 
# 
_cell.entry_id           5QOH 
_cell.length_a           48.760 
_cell.length_b           61.370 
_cell.length_c           66.400 
_cell.angle_alpha        90.000 
_cell.angle_beta         90.000 
_cell.angle_gamma        90.000 
_cell.Z_PDB              4 
_cell.pdbx_unique_axis   ? 
# 
_symmetry.entry_id                         5QOH 
_symmetry.Int_Tables_number                19 
_symmetry.space_group_name_H-M             'P 21 21 21' 
_symmetry.pdbx_full_space_group_name_H-M   ? 
_symmetry.cell_setting                     ? 
# 
_exptl.crystals_number   1 
_exptl.entry_id          5QOH 
_exptl.method            'X-RAY DIFFRACTION' 
# 
_exptl_crystal.id                    1 
_exptl_crystal.pdbx_mosaicity        0.000 
_exptl_crystal.pdbx_mosaicity_esd    ? 
_exptl_crystal.density_Matthews      2.60 
_exptl_crystal.density_diffrn        ? 
_exptl_crystal.density_meas          ? 
_exptl_crystal.density_meas_temp     ? 
_exptl_crystal.density_percent_sol   52.77 
_exptl_crystal.size_max              ? 
_exptl_crystal.size_mid              ? 
_exptl_crystal.size_min              ? 
_exptl_crystal.size_rad              ? 
_exptl_crystal.description           ? 
_exptl_crystal.preparation           ? 
# 
_exptl_crystal_grow.crystal_id      1 
_exptl_crystal_grow.method          'VAPOR DIFFUSION, SITTING DROP' 
_exptl_crystal_grow.pH              4.5 
_exptl_crystal_grow.temp            277 
_exptl_crystal_grow.pdbx_details    '0.1 M acetate, pH 4.5, 5-25% PEG3350' 
_exptl_crystal_grow.temp_details    ? 
_exptl_crystal_grow.pdbx_pH_range   ? 
# 
_diffrn.id                               1 
_diffrn.ambient_temp                     ? 
_diffrn.crystal_id                       1 
_diffrn.ambient_temp_details             ? 
_diffrn.pdbx_serial_crystal_experiment   ? 
# 
_diffrn_detector.detector               PIXEL 
_diffrn_detector.type                   'DECTRIS PILATUS 2M' 
_diffrn_detector.pdbx_collection_date   2016-12-05 
_diffrn_detector.diffrn_id              1 
_diffrn_detector.details                ? 
# 
_diffrn_radiation.diffrn_id                        1 
_diffrn_radiation.wavelength_id                    1 
_diffrn_radiation.pdbx_diffrn_protocol             'SINGLE WAVELENGTH' 
_diffrn_radiation.pdbx_monochromatic_or_laue_m_l   ? 
_diffrn_radiation.monochromator                    ? 
_diffrn_radiation.pdbx_scattering_type             x-ray 
# 
_diffrn_radiation_wavelength.id           1 
_diffrn_radiation_wavelength.wavelength   0.92819 
_diffrn_radiation_wavelength.wt           1.0 
# 
_diffrn_source.diffrn_id                   1 
_diffrn_source.source                      SYNCHROTRON 
_diffrn_source.type                        'DIAMOND BEAMLINE I04-1' 
_diffrn_source.pdbx_wavelength_list        0.92819 
_diffrn_source.pdbx_synchrotron_site       Diamond 
_diffrn_source.pdbx_synchrotron_beamline   I04-1 
_diffrn_source.pdbx_wavelength             ? 
# 
_reflns.entry_id                     5QOH 
_reflns.pdbx_diffrn_id               1 
_reflns.pdbx_ordinal                 1 
_reflns.observed_criterion_sigma_I   ? 
_reflns.observed_criterion_sigma_F   ? 
_reflns.d_resolution_low             39.300 
_reflns.d_resolution_high            1.930 
_reflns.number_obs                   15554 
_reflns.number_all                   ? 
_reflns.percent_possible_obs         99.900 
_reflns.pdbx_Rmerge_I_obs            0.074 
_reflns.pdbx_Rsym_value              ? 
_reflns.pdbx_netI_over_sigmaI        15.600 
_reflns.B_iso_Wilson_estimate        ? 
_reflns.pdbx_redundancy              6.500 
_reflns.pdbx_Rrim_I_all              0.080 
_reflns.pdbx_Rpim_I_all              0.031 
_reflns.pdbx_CC_half                 0.999 
_reflns.pdbx_netI_over_av_sigmaI     ? 
_reflns.pdbx_number_measured_all     100412 
_reflns.pdbx_scaling_rejects         0 
_reflns.pdbx_chi_squared             ? 
_reflns.Rmerge_F_all                 ? 
_reflns.Rmerge_F_obs                 ? 
_reflns.observed_criterion_F_max     ? 
_reflns.observed_criterion_F_min     ? 
_reflns.observed_criterion_I_max     ? 
_reflns.observed_criterion_I_min     ? 
_reflns.pdbx_d_res_high_opt          ? 
_reflns.pdbx_d_res_low_opt           ? 
_reflns.details                      ? 
# 
loop_
_reflns_shell.pdbx_diffrn_id 
_reflns_shell.pdbx_ordinal 
_reflns_shell.d_res_high 
_reflns_shell.d_res_low 
_reflns_shell.number_measured_obs 
_reflns_shell.number_measured_all 
_reflns_shell.number_unique_obs 
_reflns_shell.pdbx_rejects 
_reflns_shell.Rmerge_I_obs 
_reflns_shell.meanI_over_sigI_obs 
_reflns_shell.pdbx_Rsym_value 
_reflns_shell.pdbx_chi_squared 
_reflns_shell.pdbx_redundancy 
_reflns_shell.percent_possible_obs 
_reflns_shell.pdbx_netI_over_sigmaI_obs 
_reflns_shell.number_possible 
_reflns_shell.number_unique_all 
_reflns_shell.Rmerge_F_all 
_reflns_shell.Rmerge_F_obs 
_reflns_shell.Rmerge_I_all 
_reflns_shell.meanI_over_sigI_all 
_reflns_shell.percent_possible_all 
_reflns_shell.pdbx_Rrim_I_all 
_reflns_shell.pdbx_Rpim_I_all 
_reflns_shell.pdbx_CC_half 
1 1 1.930 1.980  ? 7576 ? ? 0.812 ? ? ? 6.700 ? 2.400  ? 1125 ? ? ? ? 100.000 0.880 0.337 0.724 
1 2 8.630 39.300 ? 1176 ? ? 0.022 ? ? ? 5.500 ? 53.600 ? 215  ? ? ? ? 99.400  0.024 0.010 1.000 
# 
_refine.entry_id                                 5QOH 
_refine.pdbx_refine_id                           'X-RAY DIFFRACTION' 
_refine.ls_d_res_high                            1.9300 
_refine.ls_d_res_low                             45.1100 
_refine.pdbx_ls_sigma_F                          0.000 
_refine.pdbx_data_cutoff_high_absF               ? 
_refine.pdbx_data_cutoff_low_absF                ? 
_refine.ls_percent_reflns_obs                    99.8100 
_refine.ls_number_reflns_obs                     14769 
_refine.ls_number_reflns_all                     ? 
_refine.pdbx_ls_cross_valid_method               THROUGHOUT 
_refine.ls_matrix_type                           ? 
_refine.pdbx_R_Free_selection_details            RANDOM 
_refine.details                                  
'HYDROGENS HAVE BEEN ADDED IN THE RIDING POSITIONS U VALUES : REFINED INDIVIDUALLY' 
_refine.ls_R_factor_all                          ? 
_refine.ls_R_factor_obs                          0.1883 
_refine.ls_R_factor_R_work                       0.1856 
_refine.ls_wR_factor_R_work                      ? 
_refine.ls_R_factor_R_free                       0.2459 
_refine.ls_wR_factor_R_free                      ? 
_refine.ls_percent_reflns_R_free                 4.8000 
_refine.ls_number_reflns_R_free                  742 
_refine.ls_number_reflns_R_work                  ? 
_refine.ls_R_factor_R_free_error                 ? 
_refine.B_iso_mean                               37.3800 
_refine.solvent_model_param_bsol                 ? 
_refine.solvent_model_param_ksol                 ? 
_refine.pdbx_isotropic_thermal_model             ? 
_refine.aniso_B[1][1]                            2.4500 
_refine.aniso_B[2][2]                            -2.5900 
_refine.aniso_B[3][3]                            0.1400 
_refine.aniso_B[1][2]                            0.0000 
_refine.aniso_B[1][3]                            -0.0000 
_refine.aniso_B[2][3]                            0.0000 
_refine.correlation_coeff_Fo_to_Fc               0.9630 
_refine.correlation_coeff_Fo_to_Fc_free          0.9230 
_refine.overall_SU_R_Cruickshank_DPI             ? 
_refine.pdbx_overall_SU_R_free_Cruickshank_DPI   ? 
_refine.pdbx_overall_SU_R_Blow_DPI               ? 
_refine.pdbx_overall_SU_R_free_Blow_DPI          ? 
_refine.overall_SU_R_free                        ? 
_refine.pdbx_overall_ESU_R                       0.1530 
_refine.pdbx_overall_ESU_R_Free                  0.1550 
_refine.overall_SU_ML                            0.1200 
_refine.overall_SU_B                             4.3070 
_refine.solvent_model_details                    MASK 
_refine.pdbx_solvent_vdw_probe_radii             1.2000 
_refine.pdbx_solvent_ion_probe_radii             0.8000 
_refine.pdbx_solvent_shrinkage_radii             0.8000 
_refine.ls_number_parameters                     ? 
_refine.ls_number_restraints                     ? 
_refine.pdbx_starting_model                      'PDB entry 5MP0' 
_refine.pdbx_method_to_determine_struct          'FOURIER SYNTHESIS' 
_refine.pdbx_stereochemistry_target_values       'MAXIMUM LIKELIHOOD' 
_refine.pdbx_stereochem_target_val_spec_case     ? 
_refine.overall_FOM_work_R_set                   ? 
_refine.B_iso_max                                98.340 
_refine.B_iso_min                                18.520 
_refine.pdbx_overall_phase_error                 ? 
_refine.occupancy_max                            ? 
_refine.occupancy_min                            ? 
_refine.pdbx_diffrn_id                           1 
_refine.pdbx_TLS_residual_ADP_flag               ? 
_refine.pdbx_ls_sigma_I                          ? 
_refine.pdbx_data_cutoff_high_rms_absF           ? 
_refine.ls_R_factor_R_free_error_details         ? 
# 
_refine_hist.cycle_id                         final 
_refine_hist.pdbx_refine_id                   'X-RAY DIFFRACTION' 
_refine_hist.d_res_high                       1.9300 
_refine_hist.d_res_low                        45.1100 
_refine_hist.pdbx_number_atoms_ligand         36 
_refine_hist.number_atoms_solvent             91 
_refine_hist.number_atoms_total               1322 
_refine_hist.pdbx_number_residues_total       149 
_refine_hist.pdbx_B_iso_mean_ligand           62.19 
_refine_hist.pdbx_B_iso_mean_solvent          46.64 
_refine_hist.pdbx_number_atoms_protein        1195 
_refine_hist.pdbx_number_atoms_nucleic_acid   0 
# 
loop_
_refine_ls_restr.pdbx_refine_id 
_refine_ls_restr.type 
_refine_ls_restr.number 
_refine_ls_restr.dev_ideal 
_refine_ls_restr.dev_ideal_target 
_refine_ls_restr.weight 
_refine_ls_restr.pdbx_restraint_function 
'X-RAY DIFFRACTION' r_bond_refined_d       1642 0.018  0.019  ? ? 
'X-RAY DIFFRACTION' r_bond_other_d         1384 0.002  0.020  ? ? 
'X-RAY DIFFRACTION' r_angle_refined_deg    2022 1.876  1.961  ? ? 
'X-RAY DIFFRACTION' r_angle_other_deg      3193 1.087  2.980  ? ? 
'X-RAY DIFFRACTION' r_dihedral_angle_1_deg 187  7.185  5.000  ? ? 
'X-RAY DIFFRACTION' r_dihedral_angle_2_deg 73   32.513 21.781 ? ? 
'X-RAY DIFFRACTION' r_dihedral_angle_3_deg 247  16.413 15.000 ? ? 
'X-RAY DIFFRACTION' r_dihedral_angle_4_deg 19   23.959 15.000 ? ? 
'X-RAY DIFFRACTION' r_chiral_restr         202  0.120  0.200  ? ? 
'X-RAY DIFFRACTION' r_gen_planes_refined   1763 0.009  0.021  ? ? 
'X-RAY DIFFRACTION' r_gen_planes_other     364  0.003  0.020  ? ? 
'X-RAY DIFFRACTION' r_mcbond_it            760  2.994  3.487  ? ? 
'X-RAY DIFFRACTION' r_mcbond_other         756  2.987  3.477  ? ? 
'X-RAY DIFFRACTION' r_mcangle_it           901  4.488  5.131  ? ? 
# 
_refine_ls_shell.d_res_high                       1.9300 
_refine_ls_shell.d_res_low                        1.9800 
_refine_ls_shell.pdbx_total_number_of_bins_used   20 
_refine_ls_shell.percent_reflns_obs               99.8200 
_refine_ls_shell.number_reflns_R_work             1063 
_refine_ls_shell.R_factor_all                     ? 
_refine_ls_shell.R_factor_R_work                  0.2730 
_refine_ls_shell.R_factor_R_free                  0.2900 
_refine_ls_shell.percent_reflns_R_free            ? 
_refine_ls_shell.number_reflns_R_free             59 
_refine_ls_shell.R_factor_R_free_error            ? 
_refine_ls_shell.number_reflns_all                1122 
_refine_ls_shell.number_reflns_obs                ? 
_refine_ls_shell.pdbx_refine_id                   'X-RAY DIFFRACTION' 
_refine_ls_shell.R_factor_obs                     ? 
# 
_struct.entry_id                  5QOH 
_struct.title                     
'PanDDA analysis group deposition -- Crystal Structure of DCP2 (NUDT20) in complex with XST00000847b' 
_struct.pdbx_model_details        ? 
_struct.pdbx_CASP_flag            ? 
_struct.pdbx_model_type_details   ? 
# 
_struct_keywords.entry_id        5QOH 
_struct_keywords.text            'SGC - Diamond I04-1 fragment screening, PanDDA, XChemExplorer, HYDROLASE' 
_struct_keywords.pdbx_keywords   HYDROLASE 
# 
loop_
_struct_asym.id 
_struct_asym.pdbx_blank_PDB_chainid_flag 
_struct_asym.pdbx_modified 
_struct_asym.entity_id 
_struct_asym.details 
A N N 1 ? 
B N N 2 ? 
C N N 2 ? 
D N N 3 ? 
E N N 4 ? 
F N N 4 ? 
G N N 5 ? 
H N N 6 ? 
I N N 7 ? 
# 
_struct_ref.id                         1 
_struct_ref.db_name                    UNP 
_struct_ref.db_code                    DCP2_HUMAN 
_struct_ref.pdbx_db_accession          Q8IU60 
_struct_ref.pdbx_db_isoform            ? 
_struct_ref.entity_id                  1 
_struct_ref.pdbx_seq_one_letter_code   
;MGVPTYGAIILDETLENVLLVQGYLAKSGWGFPKGKVNKEEAPHDCAAREVFEETGFDIKDYICKDDYIELRINDQLARL
YIIPGIPKDTKFNPKTRREIRNIEWFSIEKLPCHRNDMTPKSKLGLAPNKFFMAIPFIRPLRDWLSRRFGDSSDSDNGFS
STGSTP
;
_struct_ref.pdbx_align_begin           95 
# 
_struct_ref_seq.align_id                      1 
_struct_ref_seq.ref_id                        1 
_struct_ref_seq.pdbx_PDB_id_code              5QOH 
_struct_ref_seq.pdbx_strand_id                A 
_struct_ref_seq.seq_align_beg                 2 
_struct_ref_seq.pdbx_seq_align_beg_ins_code   ? 
_struct_ref_seq.seq_align_end                 167 
_struct_ref_seq.pdbx_seq_align_end_ins_code   ? 
_struct_ref_seq.pdbx_db_accession             Q8IU60 
_struct_ref_seq.db_align_beg                  95 
_struct_ref_seq.pdbx_db_align_beg_ins_code    ? 
_struct_ref_seq.db_align_end                  260 
_struct_ref_seq.pdbx_db_align_end_ins_code    ? 
_struct_ref_seq.pdbx_auth_seq_align_beg       95 
_struct_ref_seq.pdbx_auth_seq_align_end       260 
# 
_struct_ref_seq_dif.align_id                     1 
_struct_ref_seq_dif.pdbx_pdb_id_code             5QOH 
_struct_ref_seq_dif.mon_id                       SER 
_struct_ref_seq_dif.pdbx_pdb_strand_id           A 
_struct_ref_seq_dif.seq_num                      1 
_struct_ref_seq_dif.pdbx_pdb_ins_code            ? 
_struct_ref_seq_dif.pdbx_seq_db_name             UNP 
_struct_ref_seq_dif.pdbx_seq_db_accession_code   Q8IU60 
_struct_ref_seq_dif.db_mon_id                    ? 
_struct_ref_seq_dif.pdbx_seq_db_seq_num          ? 
_struct_ref_seq_dif.details                      'expression tag' 
_struct_ref_seq_dif.pdbx_auth_seq_num            94 
_struct_ref_seq_dif.pdbx_ordinal                 1 
# 
_pdbx_struct_assembly.id                   1 
_pdbx_struct_assembly.details              author_and_software_defined_assembly 
_pdbx_struct_assembly.method_details       PISA 
_pdbx_struct_assembly.oligomeric_details   monomeric 
_pdbx_struct_assembly.oligomeric_count     1 
# 
loop_
_pdbx_struct_assembly_prop.biol_id 
_pdbx_struct_assembly_prop.type 
_pdbx_struct_assembly_prop.value 
_pdbx_struct_assembly_prop.details 
1 'ABSA (A^2)' 1200 ? 
1 MORE         9    ? 
1 'SSA (A^2)'  8830 ? 
# 
_pdbx_struct_assembly_gen.assembly_id       1 
_pdbx_struct_assembly_gen.oper_expression   1 
_pdbx_struct_assembly_gen.asym_id_list      A,B,C,D,E,F,G,H,I 
# 
_pdbx_struct_oper_list.id                   1 
_pdbx_struct_oper_list.type                 'identity operation' 
_pdbx_struct_oper_list.name                 1_555 
_pdbx_struct_oper_list.symmetry_operation   x,y,z 
_pdbx_struct_oper_list.matrix[1][1]         1.0000000000 
_pdbx_struct_oper_list.matrix[1][2]         0.0000000000 
_pdbx_struct_oper_list.matrix[1][3]         0.0000000000 
_pdbx_struct_oper_list.vector[1]            0.0000000000 
_pdbx_struct_oper_list.matrix[2][1]         0.0000000000 
_pdbx_struct_oper_list.matrix[2][2]         1.0000000000 
_pdbx_struct_oper_list.matrix[2][3]         0.0000000000 
_pdbx_struct_oper_list.vector[2]            0.0000000000 
_pdbx_struct_oper_list.matrix[3][1]         0.0000000000 
_pdbx_struct_oper_list.matrix[3][2]         0.0000000000 
_pdbx_struct_oper_list.matrix[3][3]         1.0000000000 
_pdbx_struct_oper_list.vector[3]            0.0000000000 
# 
loop_
_struct_conf.conf_type_id 
_struct_conf.id 
_struct_conf.pdbx_PDB_helix_id 
_struct_conf.beg_label_comp_id 
_struct_conf.beg_label_asym_id 
_struct_conf.beg_label_seq_id 
_struct_conf.pdbx_beg_PDB_ins_code 
_struct_conf.end_label_comp_id 
_struct_conf.end_label_asym_id 
_struct_conf.end_label_seq_id 
_struct_conf.pdbx_end_PDB_ins_code 
_struct_conf.beg_auth_comp_id 
_struct_conf.beg_auth_asym_id 
_struct_conf.beg_auth_seq_id 
_struct_conf.end_auth_comp_id 
_struct_conf.end_auth_asym_id 
_struct_conf.end_auth_seq_id 
_struct_conf.pdbx_PDB_helix_class 
_struct_conf.details 
_struct_conf.pdbx_PDB_helix_length 
HELX_P HELX_P1 AA1 TYR A 25  ? SER A 29  ? TYR A 118 SER A 122 5 ? 5  
HELX_P HELX_P2 AA2 ALA A 43  ? GLY A 57  ? ALA A 136 GLY A 150 1 ? 15 
HELX_P HELX_P3 AA3 GLU A 110 ? LEU A 112 ? GLU A 203 LEU A 205 5 ? 3  
HELX_P HELX_P4 AA4 MET A 119 ? SER A 123 ? MET A 212 SER A 216 5 ? 5  
HELX_P HELX_P5 AA5 ALA A 135 ? PRO A 137 ? ALA A 228 PRO A 230 5 ? 3  
HELX_P HELX_P6 AA6 PHE A 138 ? PHE A 150 ? PHE A 231 PHE A 243 1 ? 13 
# 
_struct_conf_type.id          HELX_P 
_struct_conf_type.criteria    ? 
_struct_conf_type.reference   ? 
# 
loop_
_struct_sheet.id 
_struct_sheet.type 
_struct_sheet.number_strands 
_struct_sheet.details 
AA1 ? 4 ? 
AA2 ? 3 ? 
# 
loop_
_struct_sheet_order.sheet_id 
_struct_sheet_order.range_id_1 
_struct_sheet_order.range_id_2 
_struct_sheet_order.offset 
_struct_sheet_order.sense 
AA1 1 2 ? anti-parallel 
AA1 2 3 ? parallel      
AA1 3 4 ? anti-parallel 
AA2 1 2 ? anti-parallel 
AA2 2 3 ? anti-parallel 
# 
loop_
_struct_sheet_range.sheet_id 
_struct_sheet_range.id 
_struct_sheet_range.beg_label_comp_id 
_struct_sheet_range.beg_label_asym_id 
_struct_sheet_range.beg_label_seq_id 
_struct_sheet_range.pdbx_beg_PDB_ins_code 
_struct_sheet_range.end_label_comp_id 
_struct_sheet_range.end_label_asym_id 
_struct_sheet_range.end_label_seq_id 
_struct_sheet_range.pdbx_end_PDB_ins_code 
_struct_sheet_range.beg_auth_comp_id 
_struct_sheet_range.beg_auth_asym_id 
_struct_sheet_range.beg_auth_seq_id 
_struct_sheet_range.end_auth_comp_id 
_struct_sheet_range.end_auth_asym_id 
_struct_sheet_range.end_auth_seq_id 
AA1 1 LYS A 35  ? LYS A 37  ? LYS A 128 LYS A 130 
AA1 2 THR A 6   ? ILE A 11  ? THR A 99  ILE A 104 
AA1 3 GLN A 77  ? ILE A 84  ? GLN A 170 ILE A 177 
AA1 4 TYR A 69  ? ILE A 74  ? TYR A 162 ILE A 167 
AA2 1 TRP A 31  ? GLY A 32  ? TRP A 124 GLY A 125 
AA2 2 ASN A 18  ? GLN A 23  ? ASN A 111 GLN A 116 
AA2 3 ASN A 103 ? SER A 108 ? ASN A 196 SER A 201 
# 
loop_
_pdbx_struct_sheet_hbond.sheet_id 
_pdbx_struct_sheet_hbond.range_id_1 
_pdbx_struct_sheet_hbond.range_id_2 
_pdbx_struct_sheet_hbond.range_1_label_atom_id 
_pdbx_struct_sheet_hbond.range_1_label_comp_id 
_pdbx_struct_sheet_hbond.range_1_label_asym_id 
_pdbx_struct_sheet_hbond.range_1_label_seq_id 
_pdbx_struct_sheet_hbond.range_1_PDB_ins_code 
_pdbx_struct_sheet_hbond.range_1_auth_atom_id 
_pdbx_struct_sheet_hbond.range_1_auth_comp_id 
_pdbx_struct_sheet_hbond.range_1_auth_asym_id 
_pdbx_struct_sheet_hbond.range_1_auth_seq_id 
_pdbx_struct_sheet_hbond.range_2_label_atom_id 
_pdbx_struct_sheet_hbond.range_2_label_comp_id 
_pdbx_struct_sheet_hbond.range_2_label_asym_id 
_pdbx_struct_sheet_hbond.range_2_label_seq_id 
_pdbx_struct_sheet_hbond.range_2_PDB_ins_code 
_pdbx_struct_sheet_hbond.range_2_auth_atom_id 
_pdbx_struct_sheet_hbond.range_2_auth_comp_id 
_pdbx_struct_sheet_hbond.range_2_auth_asym_id 
_pdbx_struct_sheet_hbond.range_2_auth_seq_id 
AA1 1 2 O GLY A 36 ? O GLY A 129 N TYR A 7   ? N TYR A 100 
AA1 2 3 N ILE A 10 ? N ILE A 103 O ILE A 84  ? O ILE A 177 
AA1 3 4 O GLN A 77 ? O GLN A 170 N ILE A 74  ? N ILE A 167 
AA2 1 2 O GLY A 32 ? O GLY A 125 N VAL A 22  ? N VAL A 115 
AA2 2 3 N GLN A 23 ? N GLN A 116 O ASN A 103 ? O ASN A 196 
# 
loop_
_struct_site.id 
_struct_site.pdbx_evidence_code 
_struct_site.pdbx_auth_asym_id 
_struct_site.pdbx_auth_comp_id 
_struct_site.pdbx_auth_seq_id 
_struct_site.pdbx_auth_ins_code 
_struct_site.pdbx_num_residues 
_struct_site.details 
AC1 Software A EDO 301 ? 4 'binding site for residue EDO A 301' 
AC2 Software A EDO 302 ? 6 'binding site for residue EDO A 302' 
AC3 Software A DMS 303 ? 2 'binding site for residue DMS A 303' 
AC4 Software A ACT 304 ? 3 'binding site for residue ACT A 304' 
AC5 Software A ACT 305 ? 5 'binding site for residue ACT A 305' 
AC6 Software A PEG 306 ? 8 'binding site for residue PEG A 306' 
AC7 Software A JGD 307 ? 3 'binding site for residue JGD A 307' 
# 
loop_
_struct_site_gen.id 
_struct_site_gen.site_id 
_struct_site_gen.pdbx_num_res 
_struct_site_gen.label_comp_id 
_struct_site_gen.label_asym_id 
_struct_site_gen.label_seq_id 
_struct_site_gen.pdbx_auth_ins_code 
_struct_site_gen.auth_comp_id 
_struct_site_gen.auth_asym_id 
_struct_site_gen.auth_seq_id 
_struct_site_gen.label_atom_id 
_struct_site_gen.label_alt_id 
_struct_site_gen.symmetry 
_struct_site_gen.details 
1  AC1 4 ALA A 49  ? ALA A 142 . ? 1_555 ? 
2  AC1 4 ASP A 59  ? ASP A 152 . ? 1_555 ? 
3  AC1 4 HOH I .   ? HOH A 440 . ? 1_555 ? 
4  AC1 4 HOH I .   ? HOH A 448 . ? 1_555 ? 
5  AC2 6 PRO A 129 ? PRO A 222 . ? 1_555 ? 
6  AC2 6 ASN A 130 ? ASN A 223 . ? 1_555 ? 
7  AC2 6 LYS A 131 ? LYS A 224 . ? 1_555 ? 
8  AC2 6 ACT F .   ? ACT A 305 . ? 1_555 ? 
9  AC2 6 HOH I .   ? HOH A 404 . ? 1_555 ? 
10 AC2 6 HOH I .   ? HOH A 449 . ? 3_357 ? 
11 AC3 2 ASN A 18  ? ASN A 111 . ? 1_555 ? 
12 AC3 2 TRP A 106 ? TRP A 199 . ? 1_555 ? 
13 AC4 3 SER A 29  ? SER A 122 . ? 1_555 ? 
14 AC4 3 TYR A 63  ? TYR A 156 . ? 3_357 ? 
15 AC4 3 HOH I .   ? HOH A 414 . ? 1_555 ? 
16 AC5 5 ARG A 116 ? ARG A 209 . ? 1_555 ? 
17 AC5 5 PRO A 129 ? PRO A 222 . ? 1_555 ? 
18 AC5 5 ASN A 130 ? ASN A 223 . ? 1_555 ? 
19 AC5 5 PHE A 133 ? PHE A 226 . ? 1_555 ? 
20 AC5 5 EDO C .   ? EDO A 302 . ? 1_555 ? 
21 AC6 8 VAL A 22  ? VAL A 115 . ? 1_555 ? 
22 AC6 8 GLY A 24  ? GLY A 117 . ? 1_555 ? 
23 AC6 8 LYS A 28  ? LYS A 121 . ? 1_555 ? 
24 AC6 8 GLY A 30  ? GLY A 123 . ? 1_555 ? 
25 AC6 8 GLY A 32  ? GLY A 125 . ? 1_555 ? 
26 AC6 8 LYS A 35  ? LYS A 128 . ? 1_555 ? 
27 AC6 8 GLU A 55  ? GLU A 148 . ? 1_555 ? 
28 AC6 8 MET A 134 ? MET A 227 . ? 1_555 ? 
29 AC7 3 PHE A 93  ? PHE A 186 . ? 1_555 ? 
30 AC7 3 ASN A 103 ? ASN A 196 . ? 1_555 ? 
31 AC7 3 ILE A 104 ? ILE A 197 . ? 1_555 ? 
# 
_pdbx_validate_rmsd_angle.id                         1 
_pdbx_validate_rmsd_angle.PDB_model_num              1 
_pdbx_validate_rmsd_angle.auth_atom_id_1             CB 
_pdbx_validate_rmsd_angle.auth_asym_id_1             A 
_pdbx_validate_rmsd_angle.auth_comp_id_1             ASP 
_pdbx_validate_rmsd_angle.auth_seq_id_1              106 
_pdbx_validate_rmsd_angle.PDB_ins_code_1             ? 
_pdbx_validate_rmsd_angle.label_alt_id_1             ? 
_pdbx_validate_rmsd_angle.auth_atom_id_2             CG 
_pdbx_validate_rmsd_angle.auth_asym_id_2             A 
_pdbx_validate_rmsd_angle.auth_comp_id_2             ASP 
_pdbx_validate_rmsd_angle.auth_seq_id_2              106 
_pdbx_validate_rmsd_angle.PDB_ins_code_2             ? 
_pdbx_validate_rmsd_angle.label_alt_id_2             ? 
_pdbx_validate_rmsd_angle.auth_atom_id_3             OD1 
_pdbx_validate_rmsd_angle.auth_asym_id_3             A 
_pdbx_validate_rmsd_angle.auth_comp_id_3             ASP 
_pdbx_validate_rmsd_angle.auth_seq_id_3              106 
_pdbx_validate_rmsd_angle.PDB_ins_code_3             ? 
_pdbx_validate_rmsd_angle.label_alt_id_3             ? 
_pdbx_validate_rmsd_angle.angle_value                124.20 
_pdbx_validate_rmsd_angle.angle_target_value         118.30 
_pdbx_validate_rmsd_angle.angle_deviation            5.90 
_pdbx_validate_rmsd_angle.angle_standard_deviation   0.90 
_pdbx_validate_rmsd_angle.linker_flag                N 
# 
loop_
_pdbx_validate_torsion.id 
_pdbx_validate_torsion.PDB_model_num 
_pdbx_validate_torsion.auth_comp_id 
_pdbx_validate_torsion.auth_asym_id 
_pdbx_validate_torsion.auth_seq_id 
_pdbx_validate_torsion.PDB_ins_code 
_pdbx_validate_torsion.label_alt_id 
_pdbx_validate_torsion.phi 
_pdbx_validate_torsion.psi 
1 1 LEU A 119 ? ? 59.83   -115.75 
2 1 PHE A 243 ? ? -126.53 -55.86  
# 
_phasing.method   MR 
# 
loop_
_pdbx_unobs_or_zero_occ_residues.id 
_pdbx_unobs_or_zero_occ_residues.PDB_model_num 
_pdbx_unobs_or_zero_occ_residues.polymer_flag 
_pdbx_unobs_or_zero_occ_residues.occupancy_flag 
_pdbx_unobs_or_zero_occ_residues.auth_asym_id 
_pdbx_unobs_or_zero_occ_residues.auth_comp_id 
_pdbx_unobs_or_zero_occ_residues.auth_seq_id 
_pdbx_unobs_or_zero_occ_residues.PDB_ins_code 
_pdbx_unobs_or_zero_occ_residues.label_asym_id 
_pdbx_unobs_or_zero_occ_residues.label_comp_id 
_pdbx_unobs_or_zero_occ_residues.label_seq_id 
1  1 Y 1 A SER 94  ? A SER 1   
2  1 Y 1 A MET 95  ? A MET 2   
3  1 Y 1 A ASP 245 ? A ASP 152 
4  1 Y 1 A SER 246 ? A SER 153 
5  1 Y 1 A SER 247 ? A SER 154 
6  1 Y 1 A ASP 248 ? A ASP 155 
7  1 Y 1 A SER 249 ? A SER 156 
8  1 Y 1 A ASP 250 ? A ASP 157 
9  1 Y 1 A ASN 251 ? A ASN 158 
10 1 Y 1 A GLY 252 ? A GLY 159 
11 1 Y 1 A PHE 253 ? A PHE 160 
12 1 Y 1 A SER 254 ? A SER 161 
13 1 Y 1 A SER 255 ? A SER 162 
14 1 Y 1 A THR 256 ? A THR 163 
15 1 Y 1 A GLY 257 ? A GLY 164 
16 1 Y 1 A SER 258 ? A SER 165 
17 1 Y 1 A THR 259 ? A THR 166 
18 1 Y 1 A PRO 260 ? A PRO 167 
# 
loop_
_chem_comp_atom.comp_id 
_chem_comp_atom.atom_id 
_chem_comp_atom.type_symbol 
_chem_comp_atom.pdbx_aromatic_flag 
_chem_comp_atom.pdbx_stereo_config 
_chem_comp_atom.pdbx_ordinal 
ACT C    C N N 1   
ACT O    O N N 2   
ACT OXT  O N N 3   
ACT CH3  C N N 4   
ACT H1   H N N 5   
ACT H2   H N N 6   
ACT H3   H N N 7   
ALA N    N N N 8   
ALA CA   C N S 9   
ALA C    C N N 10  
ALA O    O N N 11  
ALA CB   C N N 12  
ALA OXT  O N N 13  
ALA H    H N N 14  
ALA H2   H N N 15  
ALA HA   H N N 16  
ALA HB1  H N N 17  
ALA HB2  H N N 18  
ALA HB3  H N N 19  
ALA HXT  H N N 20  
ARG N    N N N 21  
ARG CA   C N S 22  
ARG C    C N N 23  
ARG O    O N N 24  
ARG CB   C N N 25  
ARG CG   C N N 26  
ARG CD   C N N 27  
ARG NE   N N N 28  
ARG CZ   C N N 29  
ARG NH1  N N N 30  
ARG NH2  N N N 31  
ARG OXT  O N N 32  
ARG H    H N N 33  
ARG H2   H N N 34  
ARG HA   H N N 35  
ARG HB2  H N N 36  
ARG HB3  H N N 37  
ARG HG2  H N N 38  
ARG HG3  H N N 39  
ARG HD2  H N N 40  
ARG HD3  H N N 41  
ARG HE   H N N 42  
ARG HH11 H N N 43  
ARG HH12 H N N 44  
ARG HH21 H N N 45  
ARG HH22 H N N 46  
ARG HXT  H N N 47  
ASN N    N N N 48  
ASN CA   C N S 49  
ASN C    C N N 50  
ASN O    O N N 51  
ASN CB   C N N 52  
ASN CG   C N N 53  
ASN OD1  O N N 54  
ASN ND2  N N N 55  
ASN OXT  O N N 56  
ASN H    H N N 57  
ASN H2   H N N 58  
ASN HA   H N N 59  
ASN HB2  H N N 60  
ASN HB3  H N N 61  
ASN HD21 H N N 62  
ASN HD22 H N N 63  
ASN HXT  H N N 64  
ASP N    N N N 65  
ASP CA   C N S 66  
ASP C    C N N 67  
ASP O    O N N 68  
ASP CB   C N N 69  
ASP CG   C N N 70  
ASP OD1  O N N 71  
ASP OD2  O N N 72  
ASP OXT  O N N 73  
ASP H    H N N 74  
ASP H2   H N N 75  
ASP HA   H N N 76  
ASP HB2  H N N 77  
ASP HB3  H N N 78  
ASP HD2  H N N 79  
ASP HXT  H N N 80  
CYS N    N N N 81  
CYS CA   C N R 82  
CYS C    C N N 83  
CYS O    O N N 84  
CYS CB   C N N 85  
CYS SG   S N N 86  
CYS OXT  O N N 87  
CYS H    H N N 88  
CYS H2   H N N 89  
CYS HA   H N N 90  
CYS HB2  H N N 91  
CYS HB3  H N N 92  
CYS HG   H N N 93  
CYS HXT  H N N 94  
DMS S    S N N 95  
DMS O    O N N 96  
DMS C1   C N N 97  
DMS C2   C N N 98  
DMS H11  H N N 99  
DMS H12  H N N 100 
DMS H13  H N N 101 
DMS H21  H N N 102 
DMS H22  H N N 103 
DMS H23  H N N 104 
EDO C1   C N N 105 
EDO O1   O N N 106 
EDO C2   C N N 107 
EDO O2   O N N 108 
EDO H11  H N N 109 
EDO H12  H N N 110 
EDO HO1  H N N 111 
EDO H21  H N N 112 
EDO H22  H N N 113 
EDO HO2  H N N 114 
GLN N    N N N 115 
GLN CA   C N S 116 
GLN C    C N N 117 
GLN O    O N N 118 
GLN CB   C N N 119 
GLN CG   C N N 120 
GLN CD   C N N 121 
GLN OE1  O N N 122 
GLN NE2  N N N 123 
GLN OXT  O N N 124 
GLN H    H N N 125 
GLN H2   H N N 126 
GLN HA   H N N 127 
GLN HB2  H N N 128 
GLN HB3  H N N 129 
GLN HG2  H N N 130 
GLN HG3  H N N 131 
GLN HE21 H N N 132 
GLN HE22 H N N 133 
GLN HXT  H N N 134 
GLU N    N N N 135 
GLU CA   C N S 136 
GLU C    C N N 137 
GLU O    O N N 138 
GLU CB   C N N 139 
GLU CG   C N N 140 
GLU CD   C N N 141 
GLU OE1  O N N 142 
GLU OE2  O N N 143 
GLU OXT  O N N 144 
GLU H    H N N 145 
GLU H2   H N N 146 
GLU HA   H N N 147 
GLU HB2  H N N 148 
GLU HB3  H N N 149 
GLU HG2  H N N 150 
GLU HG3  H N N 151 
GLU HE2  H N N 152 
GLU HXT  H N N 153 
GLY N    N N N 154 
GLY CA   C N N 155 
GLY C    C N N 156 
GLY O    O N N 157 
GLY OXT  O N N 158 
GLY H    H N N 159 
GLY H2   H N N 160 
GLY HA2  H N N 161 
GLY HA3  H N N 162 
GLY HXT  H N N 163 
HIS N    N N N 164 
HIS CA   C N S 165 
HIS C    C N N 166 
HIS O    O N N 167 
HIS CB   C N N 168 
HIS CG   C Y N 169 
HIS ND1  N Y N 170 
HIS CD2  C Y N 171 
HIS CE1  C Y N 172 
HIS NE2  N Y N 173 
HIS OXT  O N N 174 
HIS H    H N N 175 
HIS H2   H N N 176 
HIS HA   H N N 177 
HIS HB2  H N N 178 
HIS HB3  H N N 179 
HIS HD1  H N N 180 
HIS HD2  H N N 181 
HIS HE1  H N N 182 
HIS HE2  H N N 183 
HIS HXT  H N N 184 
HOH O    O N N 185 
HOH H1   H N N 186 
HOH H2   H N N 187 
ILE N    N N N 188 
ILE CA   C N S 189 
ILE C    C N N 190 
ILE O    O N N 191 
ILE CB   C N S 192 
ILE CG1  C N N 193 
ILE CG2  C N N 194 
ILE CD1  C N N 195 
ILE OXT  O N N 196 
ILE H    H N N 197 
ILE H2   H N N 198 
ILE HA   H N N 199 
ILE HB   H N N 200 
ILE HG12 H N N 201 
ILE HG13 H N N 202 
ILE HG21 H N N 203 
ILE HG22 H N N 204 
ILE HG23 H N N 205 
ILE HD11 H N N 206 
ILE HD12 H N N 207 
ILE HD13 H N N 208 
ILE HXT  H N N 209 
JGD C01  C N N 210 
JGD N02  N N N 211 
JGD C03  C N N 212 
JGD C04  C Y N 213 
JGD C05  C Y N 214 
JGD C06  C Y N 215 
JGD N07  N Y N 216 
JGD C08  C Y N 217 
JGD C09  C Y N 218 
JGD H011 H N N 219 
JGD H012 H N N 220 
JGD H013 H N N 221 
JGD H032 H N N 222 
JGD H033 H N N 223 
JGD H031 H N N 224 
JGD H051 H N N 225 
JGD H061 H N N 226 
JGD H081 H N N 227 
JGD H091 H N N 228 
LEU N    N N N 229 
LEU CA   C N S 230 
LEU C    C N N 231 
LEU O    O N N 232 
LEU CB   C N N 233 
LEU CG   C N N 234 
LEU CD1  C N N 235 
LEU CD2  C N N 236 
LEU OXT  O N N 237 
LEU H    H N N 238 
LEU H2   H N N 239 
LEU HA   H N N 240 
LEU HB2  H N N 241 
LEU HB3  H N N 242 
LEU HG   H N N 243 
LEU HD11 H N N 244 
LEU HD12 H N N 245 
LEU HD13 H N N 246 
LEU HD21 H N N 247 
LEU HD22 H N N 248 
LEU HD23 H N N 249 
LEU HXT  H N N 250 
LYS N    N N N 251 
LYS CA   C N S 252 
LYS C    C N N 253 
LYS O    O N N 254 
LYS CB   C N N 255 
LYS CG   C N N 256 
LYS CD   C N N 257 
LYS CE   C N N 258 
LYS NZ   N N N 259 
LYS OXT  O N N 260 
LYS H    H N N 261 
LYS H2   H N N 262 
LYS HA   H N N 263 
LYS HB2  H N N 264 
LYS HB3  H N N 265 
LYS HG2  H N N 266 
LYS HG3  H N N 267 
LYS HD2  H N N 268 
LYS HD3  H N N 269 
LYS HE2  H N N 270 
LYS HE3  H N N 271 
LYS HZ1  H N N 272 
LYS HZ2  H N N 273 
LYS HZ3  H N N 274 
LYS HXT  H N N 275 
MET N    N N N 276 
MET CA   C N S 277 
MET C    C N N 278 
MET O    O N N 279 
MET CB   C N N 280 
MET CG   C N N 281 
MET SD   S N N 282 
MET CE   C N N 283 
MET OXT  O N N 284 
MET H    H N N 285 
MET H2   H N N 286 
MET HA   H N N 287 
MET HB2  H N N 288 
MET HB3  H N N 289 
MET HG2  H N N 290 
MET HG3  H N N 291 
MET HE1  H N N 292 
MET HE2  H N N 293 
MET HE3  H N N 294 
MET HXT  H N N 295 
PEG C1   C N N 296 
PEG O1   O N N 297 
PEG C2   C N N 298 
PEG O2   O N N 299 
PEG C3   C N N 300 
PEG C4   C N N 301 
PEG O4   O N N 302 
PEG H11  H N N 303 
PEG H12  H N N 304 
PEG HO1  H N N 305 
PEG H21  H N N 306 
PEG H22  H N N 307 
PEG H31  H N N 308 
PEG H32  H N N 309 
PEG H41  H N N 310 
PEG H42  H N N 311 
PEG HO4  H N N 312 
PHE N    N N N 313 
PHE CA   C N S 314 
PHE C    C N N 315 
PHE O    O N N 316 
PHE CB   C N N 317 
PHE CG   C Y N 318 
PHE CD1  C Y N 319 
PHE CD2  C Y N 320 
PHE CE1  C Y N 321 
PHE CE2  C Y N 322 
PHE CZ   C Y N 323 
PHE OXT  O N N 324 
PHE H    H N N 325 
PHE H2   H N N 326 
PHE HA   H N N 327 
PHE HB2  H N N 328 
PHE HB3  H N N 329 
PHE HD1  H N N 330 
PHE HD2  H N N 331 
PHE HE1  H N N 332 
PHE HE2  H N N 333 
PHE HZ   H N N 334 
PHE HXT  H N N 335 
PRO N    N N N 336 
PRO CA   C N S 337 
PRO C    C N N 338 
PRO O    O N N 339 
PRO CB   C N N 340 
PRO CG   C N N 341 
PRO CD   C N N 342 
PRO OXT  O N N 343 
PRO H    H N N 344 
PRO HA   H N N 345 
PRO HB2  H N N 346 
PRO HB3  H N N 347 
PRO HG2  H N N 348 
PRO HG3  H N N 349 
PRO HD2  H N N 350 
PRO HD3  H N N 351 
PRO HXT  H N N 352 
SER N    N N N 353 
SER CA   C N S 354 
SER C    C N N 355 
SER O    O N N 356 
SER CB   C N N 357 
SER OG   O N N 358 
SER OXT  O N N 359 
SER H    H N N 360 
SER H2   H N N 361 
SER HA   H N N 362 
SER HB2  H N N 363 
SER HB3  H N N 364 
SER HG   H N N 365 
SER HXT  H N N 366 
THR N    N N N 367 
THR CA   C N S 368 
THR C    C N N 369 
THR O    O N N 370 
THR CB   C N R 371 
THR OG1  O N N 372 
THR CG2  C N N 373 
THR OXT  O N N 374 
THR H    H N N 375 
THR H2   H N N 376 
THR HA   H N N 377 
THR HB   H N N 378 
THR HG1  H N N 379 
THR HG21 H N N 380 
THR HG22 H N N 381 
THR HG23 H N N 382 
THR HXT  H N N 383 
TRP N    N N N 384 
TRP CA   C N S 385 
TRP C    C N N 386 
TRP O    O N N 387 
TRP CB   C N N 388 
TRP CG   C Y N 389 
TRP CD1  C Y N 390 
TRP CD2  C Y N 391 
TRP NE1  N Y N 392 
TRP CE2  C Y N 393 
TRP CE3  C Y N 394 
TRP CZ2  C Y N 395 
TRP CZ3  C Y N 396 
TRP CH2  C Y N 397 
TRP OXT  O N N 398 
TRP H    H N N 399 
TRP H2   H N N 400 
TRP HA   H N N 401 
TRP HB2  H N N 402 
TRP HB3  H N N 403 
TRP HD1  H N N 404 
TRP HE1  H N N 405 
TRP HE3  H N N 406 
TRP HZ2  H N N 407 
TRP HZ3  H N N 408 
TRP HH2  H N N 409 
TRP HXT  H N N 410 
TYR N    N N N 411 
TYR CA   C N S 412 
TYR C    C N N 413 
TYR O    O N N 414 
TYR CB   C N N 415 
TYR CG   C Y N 416 
TYR CD1  C Y N 417 
TYR CD2  C Y N 418 
TYR CE1  C Y N 419 
TYR CE2  C Y N 420 
TYR CZ   C Y N 421 
TYR OH   O N N 422 
TYR OXT  O N N 423 
TYR H    H N N 424 
TYR H2   H N N 425 
TYR HA   H N N 426 
TYR HB2  H N N 427 
TYR HB3  H N N 428 
TYR HD1  H N N 429 
TYR HD2  H N N 430 
TYR HE1  H N N 431 
TYR HE2  H N N 432 
TYR HH   H N N 433 
TYR HXT  H N N 434 
VAL N    N N N 435 
VAL CA   C N S 436 
VAL C    C N N 437 
VAL O    O N N 438 
VAL CB   C N N 439 
VAL CG1  C N N 440 
VAL CG2  C N N 441 
VAL OXT  O N N 442 
VAL H    H N N 443 
VAL H2   H N N 444 
VAL HA   H N N 445 
VAL HB   H N N 446 
VAL HG11 H N N 447 
VAL HG12 H N N 448 
VAL HG13 H N N 449 
VAL HG21 H N N 450 
VAL HG22 H N N 451 
VAL HG23 H N N 452 
VAL HXT  H N N 453 
# 
loop_
_chem_comp_bond.comp_id 
_chem_comp_bond.atom_id_1 
_chem_comp_bond.atom_id_2 
_chem_comp_bond.value_order 
_chem_comp_bond.pdbx_aromatic_flag 
_chem_comp_bond.pdbx_stereo_config 
_chem_comp_bond.pdbx_ordinal 
ACT C   O    doub N N 1   
ACT C   OXT  sing N N 2   
ACT C   CH3  sing N N 3   
ACT CH3 H1   sing N N 4   
ACT CH3 H2   sing N N 5   
ACT CH3 H3   sing N N 6   
ALA N   CA   sing N N 7   
ALA N   H    sing N N 8   
ALA N   H2   sing N N 9   
ALA CA  C    sing N N 10  
ALA CA  CB   sing N N 11  
ALA CA  HA   sing N N 12  
ALA C   O    doub N N 13  
ALA C   OXT  sing N N 14  
ALA CB  HB1  sing N N 15  
ALA CB  HB2  sing N N 16  
ALA CB  HB3  sing N N 17  
ALA OXT HXT  sing N N 18  
ARG N   CA   sing N N 19  
ARG N   H    sing N N 20  
ARG N   H2   sing N N 21  
ARG CA  C    sing N N 22  
ARG CA  CB   sing N N 23  
ARG CA  HA   sing N N 24  
ARG C   O    doub N N 25  
ARG C   OXT  sing N N 26  
ARG CB  CG   sing N N 27  
ARG CB  HB2  sing N N 28  
ARG CB  HB3  sing N N 29  
ARG CG  CD   sing N N 30  
ARG CG  HG2  sing N N 31  
ARG CG  HG3  sing N N 32  
ARG CD  NE   sing N N 33  
ARG CD  HD2  sing N N 34  
ARG CD  HD3  sing N N 35  
ARG NE  CZ   sing N N 36  
ARG NE  HE   sing N N 37  
ARG CZ  NH1  sing N N 38  
ARG CZ  NH2  doub N N 39  
ARG NH1 HH11 sing N N 40  
ARG NH1 HH12 sing N N 41  
ARG NH2 HH21 sing N N 42  
ARG NH2 HH22 sing N N 43  
ARG OXT HXT  sing N N 44  
ASN N   CA   sing N N 45  
ASN N   H    sing N N 46  
ASN N   H2   sing N N 47  
ASN CA  C    sing N N 48  
ASN CA  CB   sing N N 49  
ASN CA  HA   sing N N 50  
ASN C   O    doub N N 51  
ASN C   OXT  sing N N 52  
ASN CB  CG   sing N N 53  
ASN CB  HB2  sing N N 54  
ASN CB  HB3  sing N N 55  
ASN CG  OD1  doub N N 56  
ASN CG  ND2  sing N N 57  
ASN ND2 HD21 sing N N 58  
ASN ND2 HD22 sing N N 59  
ASN OXT HXT  sing N N 60  
ASP N   CA   sing N N 61  
ASP N   H    sing N N 62  
ASP N   H2   sing N N 63  
ASP CA  C    sing N N 64  
ASP CA  CB   sing N N 65  
ASP CA  HA   sing N N 66  
ASP C   O    doub N N 67  
ASP C   OXT  sing N N 68  
ASP CB  CG   sing N N 69  
ASP CB  HB2  sing N N 70  
ASP CB  HB3  sing N N 71  
ASP CG  OD1  doub N N 72  
ASP CG  OD2  sing N N 73  
ASP OD2 HD2  sing N N 74  
ASP OXT HXT  sing N N 75  
CYS N   CA   sing N N 76  
CYS N   H    sing N N 77  
CYS N   H2   sing N N 78  
CYS CA  C    sing N N 79  
CYS CA  CB   sing N N 80  
CYS CA  HA   sing N N 81  
CYS C   O    doub N N 82  
CYS C   OXT  sing N N 83  
CYS CB  SG   sing N N 84  
CYS CB  HB2  sing N N 85  
CYS CB  HB3  sing N N 86  
CYS SG  HG   sing N N 87  
CYS OXT HXT  sing N N 88  
DMS S   O    doub N N 89  
DMS S   C1   sing N N 90  
DMS S   C2   sing N N 91  
DMS C1  H11  sing N N 92  
DMS C1  H12  sing N N 93  
DMS C1  H13  sing N N 94  
DMS C2  H21  sing N N 95  
DMS C2  H22  sing N N 96  
DMS C2  H23  sing N N 97  
EDO C1  O1   sing N N 98  
EDO C1  C2   sing N N 99  
EDO C1  H11  sing N N 100 
EDO C1  H12  sing N N 101 
EDO O1  HO1  sing N N 102 
EDO C2  O2   sing N N 103 
EDO C2  H21  sing N N 104 
EDO C2  H22  sing N N 105 
EDO O2  HO2  sing N N 106 
GLN N   CA   sing N N 107 
GLN N   H    sing N N 108 
GLN N   H2   sing N N 109 
GLN CA  C    sing N N 110 
GLN CA  CB   sing N N 111 
GLN CA  HA   sing N N 112 
GLN C   O    doub N N 113 
GLN C   OXT  sing N N 114 
GLN CB  CG   sing N N 115 
GLN CB  HB2  sing N N 116 
GLN CB  HB3  sing N N 117 
GLN CG  CD   sing N N 118 
GLN CG  HG2  sing N N 119 
GLN CG  HG3  sing N N 120 
GLN CD  OE1  doub N N 121 
GLN CD  NE2  sing N N 122 
GLN NE2 HE21 sing N N 123 
GLN NE2 HE22 sing N N 124 
GLN OXT HXT  sing N N 125 
GLU N   CA   sing N N 126 
GLU N   H    sing N N 127 
GLU N   H2   sing N N 128 
GLU CA  C    sing N N 129 
GLU CA  CB   sing N N 130 
GLU CA  HA   sing N N 131 
GLU C   O    doub N N 132 
GLU C   OXT  sing N N 133 
GLU CB  CG   sing N N 134 
GLU CB  HB2  sing N N 135 
GLU CB  HB3  sing N N 136 
GLU CG  CD   sing N N 137 
GLU CG  HG2  sing N N 138 
GLU CG  HG3  sing N N 139 
GLU CD  OE1  doub N N 140 
GLU CD  OE2  sing N N 141 
GLU OE2 HE2  sing N N 142 
GLU OXT HXT  sing N N 143 
GLY N   CA   sing N N 144 
GLY N   H    sing N N 145 
GLY N   H2   sing N N 146 
GLY CA  C    sing N N 147 
GLY CA  HA2  sing N N 148 
GLY CA  HA3  sing N N 149 
GLY C   O    doub N N 150 
GLY C   OXT  sing N N 151 
GLY OXT HXT  sing N N 152 
HIS N   CA   sing N N 153 
HIS N   H    sing N N 154 
HIS N   H2   sing N N 155 
HIS CA  C    sing N N 156 
HIS CA  CB   sing N N 157 
HIS CA  HA   sing N N 158 
HIS C   O    doub N N 159 
HIS C   OXT  sing N N 160 
HIS CB  CG   sing N N 161 
HIS CB  HB2  sing N N 162 
HIS CB  HB3  sing N N 163 
HIS CG  ND1  sing Y N 164 
HIS CG  CD2  doub Y N 165 
HIS ND1 CE1  doub Y N 166 
HIS ND1 HD1  sing N N 167 
HIS CD2 NE2  sing Y N 168 
HIS CD2 HD2  sing N N 169 
HIS CE1 NE2  sing Y N 170 
HIS CE1 HE1  sing N N 171 
HIS NE2 HE2  sing N N 172 
HIS OXT HXT  sing N N 173 
HOH O   H1   sing N N 174 
HOH O   H2   sing N N 175 
ILE N   CA   sing N N 176 
ILE N   H    sing N N 177 
ILE N   H2   sing N N 178 
ILE CA  C    sing N N 179 
ILE CA  CB   sing N N 180 
ILE CA  HA   sing N N 181 
ILE C   O    doub N N 182 
ILE C   OXT  sing N N 183 
ILE CB  CG1  sing N N 184 
ILE CB  CG2  sing N N 185 
ILE CB  HB   sing N N 186 
ILE CG1 CD1  sing N N 187 
ILE CG1 HG12 sing N N 188 
ILE CG1 HG13 sing N N 189 
ILE CG2 HG21 sing N N 190 
ILE CG2 HG22 sing N N 191 
ILE CG2 HG23 sing N N 192 
ILE CD1 HD11 sing N N 193 
ILE CD1 HD12 sing N N 194 
ILE CD1 HD13 sing N N 195 
ILE OXT HXT  sing N N 196 
JGD C03 N02  sing N N 197 
JGD C09 C08  doub Y N 198 
JGD C09 C04  sing Y N 199 
JGD C08 N07  sing Y N 200 
JGD N02 C04  sing N N 201 
JGD N02 C01  sing N N 202 
JGD C04 C05  doub Y N 203 
JGD N07 C06  doub Y N 204 
JGD C05 C06  sing Y N 205 
JGD C01 H011 sing N N 206 
JGD C01 H012 sing N N 207 
JGD C01 H013 sing N N 208 
JGD C03 H032 sing N N 209 
JGD C03 H033 sing N N 210 
JGD C03 H031 sing N N 211 
JGD C05 H051 sing N N 212 
JGD C06 H061 sing N N 213 
JGD C08 H081 sing N N 214 
JGD C09 H091 sing N N 215 
LEU N   CA   sing N N 216 
LEU N   H    sing N N 217 
LEU N   H2   sing N N 218 
LEU CA  C    sing N N 219 
LEU CA  CB   sing N N 220 
LEU CA  HA   sing N N 221 
LEU C   O    doub N N 222 
LEU C   OXT  sing N N 223 
LEU CB  CG   sing N N 224 
LEU CB  HB2  sing N N 225 
LEU CB  HB3  sing N N 226 
LEU CG  CD1  sing N N 227 
LEU CG  CD2  sing N N 228 
LEU CG  HG   sing N N 229 
LEU CD1 HD11 sing N N 230 
LEU CD1 HD12 sing N N 231 
LEU CD1 HD13 sing N N 232 
LEU CD2 HD21 sing N N 233 
LEU CD2 HD22 sing N N 234 
LEU CD2 HD23 sing N N 235 
LEU OXT HXT  sing N N 236 
LYS N   CA   sing N N 237 
LYS N   H    sing N N 238 
LYS N   H2   sing N N 239 
LYS CA  C    sing N N 240 
LYS CA  CB   sing N N 241 
LYS CA  HA   sing N N 242 
LYS C   O    doub N N 243 
LYS C   OXT  sing N N 244 
LYS CB  CG   sing N N 245 
LYS CB  HB2  sing N N 246 
LYS CB  HB3  sing N N 247 
LYS CG  CD   sing N N 248 
LYS CG  HG2  sing N N 249 
LYS CG  HG3  sing N N 250 
LYS CD  CE   sing N N 251 
LYS CD  HD2  sing N N 252 
LYS CD  HD3  sing N N 253 
LYS CE  NZ   sing N N 254 
LYS CE  HE2  sing N N 255 
LYS CE  HE3  sing N N 256 
LYS NZ  HZ1  sing N N 257 
LYS NZ  HZ2  sing N N 258 
LYS NZ  HZ3  sing N N 259 
LYS OXT HXT  sing N N 260 
MET N   CA   sing N N 261 
MET N   H    sing N N 262 
MET N   H2   sing N N 263 
MET CA  C    sing N N 264 
MET CA  CB   sing N N 265 
MET CA  HA   sing N N 266 
MET C   O    doub N N 267 
MET C   OXT  sing N N 268 
MET CB  CG   sing N N 269 
MET CB  HB2  sing N N 270 
MET CB  HB3  sing N N 271 
MET CG  SD   sing N N 272 
MET CG  HG2  sing N N 273 
MET CG  HG3  sing N N 274 
MET SD  CE   sing N N 275 
MET CE  HE1  sing N N 276 
MET CE  HE2  sing N N 277 
MET CE  HE3  sing N N 278 
MET OXT HXT  sing N N 279 
PEG C1  O1   sing N N 280 
PEG C1  C2   sing N N 281 
PEG C1  H11  sing N N 282 
PEG C1  H12  sing N N 283 
PEG O1  HO1  sing N N 284 
PEG C2  O2   sing N N 285 
PEG C2  H21  sing N N 286 
PEG C2  H22  sing N N 287 
PEG O2  C3   sing N N 288 
PEG C3  C4   sing N N 289 
PEG C3  H31  sing N N 290 
PEG C3  H32  sing N N 291 
PEG C4  O4   sing N N 292 
PEG C4  H41  sing N N 293 
PEG C4  H42  sing N N 294 
PEG O4  HO4  sing N N 295 
PHE N   CA   sing N N 296 
PHE N   H    sing N N 297 
PHE N   H2   sing N N 298 
PHE CA  C    sing N N 299 
PHE CA  CB   sing N N 300 
PHE CA  HA   sing N N 301 
PHE C   O    doub N N 302 
PHE C   OXT  sing N N 303 
PHE CB  CG   sing N N 304 
PHE CB  HB2  sing N N 305 
PHE CB  HB3  sing N N 306 
PHE CG  CD1  doub Y N 307 
PHE CG  CD2  sing Y N 308 
PHE CD1 CE1  sing Y N 309 
PHE CD1 HD1  sing N N 310 
PHE CD2 CE2  doub Y N 311 
PHE CD2 HD2  sing N N 312 
PHE CE1 CZ   doub Y N 313 
PHE CE1 HE1  sing N N 314 
PHE CE2 CZ   sing Y N 315 
PHE CE2 HE2  sing N N 316 
PHE CZ  HZ   sing N N 317 
PHE OXT HXT  sing N N 318 
PRO N   CA   sing N N 319 
PRO N   CD   sing N N 320 
PRO N   H    sing N N 321 
PRO CA  C    sing N N 322 
PRO CA  CB   sing N N 323 
PRO CA  HA   sing N N 324 
PRO C   O    doub N N 325 
PRO C   OXT  sing N N 326 
PRO CB  CG   sing N N 327 
PRO CB  HB2  sing N N 328 
PRO CB  HB3  sing N N 329 
PRO CG  CD   sing N N 330 
PRO CG  HG2  sing N N 331 
PRO CG  HG3  sing N N 332 
PRO CD  HD2  sing N N 333 
PRO CD  HD3  sing N N 334 
PRO OXT HXT  sing N N 335 
SER N   CA   sing N N 336 
SER N   H    sing N N 337 
SER N   H2   sing N N 338 
SER CA  C    sing N N 339 
SER CA  CB   sing N N 340 
SER CA  HA   sing N N 341 
SER C   O    doub N N 342 
SER C   OXT  sing N N 343 
SER CB  OG   sing N N 344 
SER CB  HB2  sing N N 345 
SER CB  HB3  sing N N 346 
SER OG  HG   sing N N 347 
SER OXT HXT  sing N N 348 
THR N   CA   sing N N 349 
THR N   H    sing N N 350 
THR N   H2   sing N N 351 
THR CA  C    sing N N 352 
THR CA  CB   sing N N 353 
THR CA  HA   sing N N 354 
THR C   O    doub N N 355 
THR C   OXT  sing N N 356 
THR CB  OG1  sing N N 357 
THR CB  CG2  sing N N 358 
THR CB  HB   sing N N 359 
THR OG1 HG1  sing N N 360 
THR CG2 HG21 sing N N 361 
THR CG2 HG22 sing N N 362 
THR CG2 HG23 sing N N 363 
THR OXT HXT  sing N N 364 
TRP N   CA   sing N N 365 
TRP N   H    sing N N 366 
TRP N   H2   sing N N 367 
TRP CA  C    sing N N 368 
TRP CA  CB   sing N N 369 
TRP CA  HA   sing N N 370 
TRP C   O    doub N N 371 
TRP C   OXT  sing N N 372 
TRP CB  CG   sing N N 373 
TRP CB  HB2  sing N N 374 
TRP CB  HB3  sing N N 375 
TRP CG  CD1  doub Y N 376 
TRP CG  CD2  sing Y N 377 
TRP CD1 NE1  sing Y N 378 
TRP CD1 HD1  sing N N 379 
TRP CD2 CE2  doub Y N 380 
TRP CD2 CE3  sing Y N 381 
TRP NE1 CE2  sing Y N 382 
TRP NE1 HE1  sing N N 383 
TRP CE2 CZ2  sing Y N 384 
TRP CE3 CZ3  doub Y N 385 
TRP CE3 HE3  sing N N 386 
TRP CZ2 CH2  doub Y N 387 
TRP CZ2 HZ2  sing N N 388 
TRP CZ3 CH2  sing Y N 389 
TRP CZ3 HZ3  sing N N 390 
TRP CH2 HH2  sing N N 391 
TRP OXT HXT  sing N N 392 
TYR N   CA   sing N N 393 
TYR N   H    sing N N 394 
TYR N   H2   sing N N 395 
TYR CA  C    sing N N 396 
TYR CA  CB   sing N N 397 
TYR CA  HA   sing N N 398 
TYR C   O    doub N N 399 
TYR C   OXT  sing N N 400 
TYR CB  CG   sing N N 401 
TYR CB  HB2  sing N N 402 
TYR CB  HB3  sing N N 403 
TYR CG  CD1  doub Y N 404 
TYR CG  CD2  sing Y N 405 
TYR CD1 CE1  sing Y N 406 
TYR CD1 HD1  sing N N 407 
TYR CD2 CE2  doub Y N 408 
TYR CD2 HD2  sing N N 409 
TYR CE1 CZ   doub Y N 410 
TYR CE1 HE1  sing N N 411 
TYR CE2 CZ   sing Y N 412 
TYR CE2 HE2  sing N N 413 
TYR CZ  OH   sing N N 414 
TYR OH  HH   sing N N 415 
TYR OXT HXT  sing N N 416 
VAL N   CA   sing N N 417 
VAL N   H    sing N N 418 
VAL N   H2   sing N N 419 
VAL CA  C    sing N N 420 
VAL CA  CB   sing N N 421 
VAL CA  HA   sing N N 422 
VAL C   O    doub N N 423 
VAL C   OXT  sing N N 424 
VAL CB  CG1  sing N N 425 
VAL CB  CG2  sing N N 426 
VAL CB  HB   sing N N 427 
VAL CG1 HG11 sing N N 428 
VAL CG1 HG12 sing N N 429 
VAL CG1 HG13 sing N N 430 
VAL CG2 HG21 sing N N 431 
VAL CG2 HG22 sing N N 432 
VAL CG2 HG23 sing N N 433 
VAL OXT HXT  sing N N 434 
# 
_pdbx_deposit_group.group_id            G_1002061 
_pdbx_deposit_group.group_description   
;XDomainX of XOrganismX DCP2 (NUDT20) screened against the XXX Fragment Library by X-ray Crystallography at the XChem facility of Diamond Light Source beamline I04-1
;
_pdbx_deposit_group.group_title         'PanDDA analysis group deposition' 
_pdbx_deposit_group.group_type          'changed state' 
# 
_pdbx_related_exp_data_set.ordinal              1 
_pdbx_related_exp_data_set.data_reference       10.5281/zenodo.1437589 
_pdbx_related_exp_data_set.metadata_reference   10.5281/zenodo.1437589 
_pdbx_related_exp_data_set.data_set_type        'other data' 
_pdbx_related_exp_data_set.details              'Complete PanDDA analysis' 
# 
_atom_sites.entry_id                    5QOH 
_atom_sites.fract_transf_matrix[1][1]   0.00846471 
_atom_sites.fract_transf_matrix[1][2]   0.01048953 
_atom_sites.fract_transf_matrix[1][3]   0.01545760 
_atom_sites.fract_transf_matrix[2][1]   0.00716807 
_atom_sites.fract_transf_matrix[2][2]   0.00998302 
_atom_sites.fract_transf_matrix[2][3]   -0.01069977 
_atom_sites.fract_transf_matrix[3][1]   -0.01201167 
_atom_sites.fract_transf_matrix[3][2]   0.00907454 
_atom_sites.fract_transf_matrix[3][3]   0.00041970 
_atom_sites.fract_transf_vector[1]      -0.882471 
_atom_sites.fract_transf_vector[2]      0.225386 
_atom_sites.fract_transf_vector[3]      1.164496 
# 
loop_
_atom_type.symbol 
C 
N 
O 
S 
# 
loop_
_atom_site.group_PDB 
_atom_site.id 
_atom_site.type_symbol 
_atom_site.label_atom_id 
_atom_site.label_alt_id 
_atom_site.label_comp_id 
_atom_site.label_asym_id 
_atom_site.label_entity_id 
_atom_site.label_seq_id 
_atom_site.pdbx_PDB_ins_code 
_atom_site.Cartn_x 
_atom_site.Cartn_y 
_atom_site.Cartn_z 
_atom_site.occupancy 
_atom_site.B_iso_or_equiv 
_atom_site.pdbx_formal_charge 
_atom_site.auth_seq_id 
_atom_site.auth_comp_id 
_atom_site.auth_asym_id 
_atom_site.auth_atom_id 
_atom_site.pdbx_PDB_model_num 
ATOM   1    N N   . GLY A 1 3   ? 7.642   11.604  13.753  1.00 67.70 ? 96  GLY A N   1 
ATOM   2    C CA  . GLY A 1 3   ? 6.601   11.842  12.695  1.00 66.45 ? 96  GLY A CA  1 
ATOM   3    C C   . GLY A 1 3   ? 5.233   11.310  13.124  1.00 59.85 ? 96  GLY A C   1 
ATOM   4    O O   . GLY A 1 3   ? 5.121   10.407  13.966  1.00 64.53 ? 96  GLY A O   1 
ATOM   5    N N   . VAL A 1 4   ? 4.177   11.881  12.561  1.00 56.71 ? 97  VAL A N   1 
ATOM   6    C CA  . VAL A 1 4   ? 2.784   11.450  12.857  1.00 57.31 ? 97  VAL A CA  1 
ATOM   7    C C   . VAL A 1 4   ? 2.504   10.060  12.201  1.00 47.41 ? 97  VAL A C   1 
ATOM   8    O O   . VAL A 1 4   ? 2.791   9.939   11.030  1.00 38.05 ? 97  VAL A O   1 
ATOM   9    C CB  . VAL A 1 4   ? 1.801   12.479  12.241  1.00 60.45 ? 97  VAL A CB  1 
ATOM   10   C CG1 . VAL A 1 4   ? 0.360   11.996  12.305  1.00 61.11 ? 97  VAL A CG1 1 
ATOM   11   C CG2 . VAL A 1 4   ? 1.948   13.826  12.928  1.00 66.51 ? 97  VAL A CG2 1 
ATOM   12   N N   . PRO A 1 5   ? 1.922   9.069   12.924  1.00 44.61 ? 98  PRO A N   1 
ATOM   13   C CA  . PRO A 1 5   ? 1.686   7.748   12.282  1.00 42.41 ? 98  PRO A CA  1 
ATOM   14   C C   . PRO A 1 5   ? 0.779   7.814   11.030  1.00 38.03 ? 98  PRO A C   1 
ATOM   15   O O   . PRO A 1 5   ? -0.039  8.758   10.913  1.00 35.12 ? 98  PRO A O   1 
ATOM   16   C CB  . PRO A 1 5   ? 1.040   6.912   13.390  1.00 44.76 ? 98  PRO A CB  1 
ATOM   17   C CG  . PRO A 1 5   ? 1.263   7.664   14.682  1.00 43.92 ? 98  PRO A CG  1 
ATOM   18   C CD  . PRO A 1 5   ? 1.605   9.068   14.366  1.00 41.30 ? 98  PRO A CD  1 
ATOM   19   N N   . THR A 1 6   ? 0.954   6.863   10.095  1.00 35.99 ? 99  THR A N   1 
ATOM   20   C CA  . THR A 1 6   ? 0.068   6.732   8.907   1.00 34.45 ? 99  THR A CA  1 
ATOM   21   C C   . THR A 1 6   ? -0.699  5.391   8.915   1.00 31.34 ? 99  THR A C   1 
ATOM   22   O O   . THR A 1 6   ? -0.246  4.392   9.496   1.00 30.64 ? 99  THR A O   1 
ATOM   23   C CB  . THR A 1 6   ? 0.849   6.916   7.598   1.00 37.13 ? 99  THR A CB  1 
ATOM   24   O OG1 . THR A 1 6   ? 1.911   5.957   7.568   1.00 32.20 ? 99  THR A OG1 1 
ATOM   25   C CG2 . THR A 1 6   ? 1.453   8.315   7.503   1.00 36.34 ? 99  THR A CG2 1 
ATOM   26   N N   . TYR A 1 7   ? -1.893  5.391   8.290   1.00 28.13 ? 100 TYR A N   1 
ATOM   27   C CA  . TYR A 1 7   ? -2.771  4.229   8.266   1.00 25.98 ? 100 TYR A CA  1 
ATOM   28   C C   . TYR A 1 7   ? -3.365  4.109   6.890   1.00 23.96 ? 100 TYR A C   1 
ATOM   29   O O   . TYR A 1 7   ? -3.643  5.097   6.262   1.00 23.38 ? 100 TYR A O   1 
ATOM   30   C CB  . TYR A 1 7   ? -3.929  4.330   9.343   1.00 31.87 ? 100 TYR A CB  1 
ATOM   31   C CG  . TYR A 1 7   ? -3.401  4.361   10.756  1.00 29.85 ? 100 TYR A CG  1 
ATOM   32   C CD1 . TYR A 1 7   ? -2.963  3.213   11.371  1.00 34.50 ? 100 TYR A CD1 1 
ATOM   33   C CD2 . TYR A 1 7   ? -3.224  5.569   11.410  1.00 34.99 ? 100 TYR A CD2 1 
ATOM   34   C CE1 . TYR A 1 7   ? -2.381  3.257   12.656  1.00 35.34 ? 100 TYR A CE1 1 
ATOM   35   C CE2 . TYR A 1 7   ? -2.660  5.653   12.688  1.00 34.10 ? 100 TYR A CE2 1 
ATOM   36   C CZ  . TYR A 1 7   ? -2.277  4.510   13.327  1.00 38.98 ? 100 TYR A CZ  1 
ATOM   37   O OH  . TYR A 1 7   ? -1.693  4.611   14.583  1.00 37.75 ? 100 TYR A OH  1 
ATOM   38   N N   . GLY A 1 8   ? -3.582  2.888   6.428   1.00 21.72 ? 101 GLY A N   1 
ATOM   39   C CA  . GLY A 1 8   ? -4.230  2.681   5.129   1.00 23.10 ? 101 GLY A CA  1 
ATOM   40   C C   . GLY A 1 8   ? -4.469  1.178   4.911   1.00 19.68 ? 101 GLY A C   1 
ATOM   41   O O   . GLY A 1 8   ? -4.729  0.417   5.887   1.00 24.08 ? 101 GLY A O   1 
ATOM   42   N N   . ALA A 1 9   ? -4.475  0.747   3.656   1.00 21.52 ? 102 ALA A N   1 
ATOM   43   C CA  . ALA A 1 9   ? -4.842  -0.641  3.359   1.00 20.84 ? 102 ALA A CA  1 
ATOM   44   C C   . ALA A 1 9   ? -4.071  -1.250  2.193   1.00 19.66 ? 102 ALA A C   1 
ATOM   45   O O   . ALA A 1 9   ? -3.675  -0.543  1.267   1.00 18.52 ? 102 ALA A O   1 
ATOM   46   C CB  . ALA A 1 9   ? -6.334  -0.806  3.088   1.00 24.08 ? 102 ALA A CB  1 
ATOM   47   N N   . ILE A 1 10  ? -3.904  -2.577  2.315   1.00 18.92 ? 103 ILE A N   1 
ATOM   48   C CA  . ILE A 1 10  ? -3.458  -3.486  1.248   1.00 19.73 ? 103 ILE A CA  1 
ATOM   49   C C   . ILE A 1 10  ? -4.716  -4.214  0.868   1.00 19.92 ? 103 ILE A C   1 
ATOM   50   O O   . ILE A 1 10  ? -5.169  -5.156  1.597   1.00 24.60 ? 103 ILE A O   1 
ATOM   51   C CB  . ILE A 1 10  ? -2.406  -4.500  1.745   1.00 20.30 ? 103 ILE A CB  1 
ATOM   52   C CG1 . ILE A 1 10  ? -1.148  -3.749  2.135   1.00 24.66 ? 103 ILE A CG1 1 
ATOM   53   C CG2 . ILE A 1 10  ? -2.131  -5.574  0.682   1.00 23.69 ? 103 ILE A CG2 1 
ATOM   54   C CD1 . ILE A 1 10  ? -0.115  -4.589  2.935   1.00 27.58 ? 103 ILE A CD1 1 
ATOM   55   N N   . ILE A 1 11  ? -5.238  -3.876  -0.295  1.00 21.31 ? 104 ILE A N   1 
ATOM   56   C CA  . ILE A 1 11  ? -6.417  -4.506  -0.877  1.00 20.82 ? 104 ILE A CA  1 
ATOM   57   C C   . ILE A 1 11  ? -6.005  -5.567  -1.905  1.00 21.11 ? 104 ILE A C   1 
ATOM   58   O O   . ILE A 1 11  ? -5.242  -5.237  -2.768  1.00 21.82 ? 104 ILE A O   1 
ATOM   59   C CB  . ILE A 1 11  ? -7.301  -3.432  -1.508  1.00 23.01 ? 104 ILE A CB  1 
ATOM   60   C CG1 . ILE A 1 11  ? -7.813  -2.509  -0.418  1.00 22.12 ? 104 ILE A CG1 1 
ATOM   61   C CG2 . ILE A 1 11  ? -8.424  -3.994  -2.343  1.00 24.35 ? 104 ILE A CG2 1 
ATOM   62   C CD1 . ILE A 1 11  ? -8.404  -1.210  -0.971  1.00 25.31 ? 104 ILE A CD1 1 
ATOM   63   N N   . LEU A 1 12  ? -6.527  -6.792  -1.791  1.00 20.02 ? 105 LEU A N   1 
ATOM   64   C CA  . LEU A 1 12  ? -6.283  -7.910  -2.750  1.00 21.31 ? 105 LEU A CA  1 
ATOM   65   C C   . LEU A 1 12  ? -7.608  -8.314  -3.396  1.00 22.77 ? 105 LEU A C   1 
ATOM   66   O O   . LEU A 1 12  ? -8.706  -8.170  -2.824  1.00 20.69 ? 105 LEU A O   1 
ATOM   67   C CB  . LEU A 1 12  ? -5.729  -9.117  -2.026  1.00 24.97 ? 105 LEU A CB  1 
ATOM   68   C CG  . LEU A 1 12  ? -4.388  -8.840  -1.288  1.00 27.51 ? 105 LEU A CG  1 
ATOM   69   C CD1 . LEU A 1 12  ? -4.600  -8.601  0.164   1.00 34.09 ? 105 LEU A CD1 1 
ATOM   70   C CD2 . LEU A 1 12  ? -3.398  -9.966  -1.472  1.00 33.05 ? 105 LEU A CD2 1 
ATOM   71   N N   . ASP A 1 13  ? -7.492  -8.933  -4.561  1.00 23.28 ? 106 ASP A N   1 
ATOM   72   C CA  . ASP A 1 13  ? -8.652  -9.443  -5.243  1.00 25.76 ? 106 ASP A CA  1 
ATOM   73   C C   . ASP A 1 13  ? -9.011  -10.829 -4.739  1.00 24.58 ? 106 ASP A C   1 
ATOM   74   O O   . ASP A 1 13  ? -8.526  -11.300 -3.722  1.00 24.25 ? 106 ASP A O   1 
ATOM   75   C CB  . ASP A 1 13  ? -8.392  -9.439  -6.762  1.00 27.48 ? 106 ASP A CB  1 
ATOM   76   C CG  . ASP A 1 13  ? -7.289  -10.393 -7.214  1.00 31.30 ? 106 ASP A CG  1 
ATOM   77   O OD1 . ASP A 1 13  ? -6.425  -10.893 -6.444  1.00 28.56 ? 106 ASP A OD1 1 
ATOM   78   O OD2 . ASP A 1 13  ? -7.192  -10.492 -8.428  1.00 36.24 ? 106 ASP A OD2 1 
ATOM   79   N N   . GLU A 1 14  ? -9.859  -11.501 -5.495  1.00 25.31 ? 107 GLU A N   1 
ATOM   80   C CA  . GLU A 1 14  ? -10.446 -12.731 -5.037  1.00 32.70 ? 107 GLU A CA  1 
ATOM   81   C C   . GLU A 1 14  ? -9.480  -13.892 -5.224  1.00 30.58 ? 107 GLU A C   1 
ATOM   82   O O   . GLU A 1 14  ? -9.565  -14.844 -4.467  1.00 27.61 ? 107 GLU A O   1 
ATOM   83   C CB  . GLU A 1 14  ? -11.796 -13.034 -5.739  1.00 40.22 ? 107 GLU A CB  1 
ATOM   84   C CG  . GLU A 1 14  ? -11.789 -13.064 -7.271  1.00 43.96 ? 107 GLU A CG  1 
ATOM   85   C CD  . GLU A 1 14  ? -12.292 -11.737 -7.918  1.00 54.90 ? 107 GLU A CD  1 
ATOM   86   O OE1 . GLU A 1 14  ? -11.476 -10.840 -8.227  1.00 52.01 ? 107 GLU A OE1 1 
ATOM   87   O OE2 . GLU A 1 14  ? -13.528 -11.575 -8.116  1.00 67.51 ? 107 GLU A OE2 1 
ATOM   88   N N   . THR A 1 15  ? -8.533  -13.782 -6.174  1.00 27.18 ? 108 THR A N   1 
ATOM   89   C CA  . THR A 1 15  ? -7.541  -14.849 -6.401  1.00 27.59 ? 108 THR A CA  1 
ATOM   90   C C   . THR A 1 15  ? -6.358  -14.744 -5.458  1.00 27.39 ? 108 THR A C   1 
ATOM   91   O O   . THR A 1 15  ? -5.549  -15.677 -5.293  1.00 25.95 ? 108 THR A O   1 
ATOM   92   C CB  . THR A 1 15  ? -6.974  -14.763 -7.827  1.00 35.43 ? 108 THR A CB  1 
ATOM   93   O OG1 . THR A 1 15  ? -6.121  -13.619 -7.917  1.00 33.35 ? 108 THR A OG1 1 
ATOM   94   C CG2 . THR A 1 15  ? -8.087  -14.664 -8.863  1.00 37.15 ? 108 THR A CG2 1 
ATOM   95   N N   . LEU A 1 16  ? -6.269  -13.623 -4.767  1.00 26.09 ? 109 LEU A N   1 
ATOM   96   C CA  . LEU A 1 16  ? -5.102  -13.343 -3.893  1.00 27.21 ? 109 LEU A CA  1 
ATOM   97   C C   . LEU A 1 16  ? -3.734  -13.115 -4.654  1.00 29.93 ? 109 LEU A C   1 
ATOM   98   O O   . LEU A 1 16  ? -2.675  -13.084 -4.002  1.00 34.37 ? 109 LEU A O   1 
ATOM   99   C CB  . LEU A 1 16  ? -4.884  -14.353 -2.755  1.00 30.11 ? 109 LEU A CB  1 
ATOM   100  C CG  . LEU A 1 16  ? -6.103  -14.780 -1.964  1.00 31.78 ? 109 LEU A CG  1 
ATOM   101  C CD1 . LEU A 1 16  ? -5.817  -15.982 -1.084  1.00 33.81 ? 109 LEU A CD1 1 
ATOM   102  C CD2 . LEU A 1 16  ? -6.594  -13.542 -1.187  1.00 31.79 ? 109 LEU A CD2 1 
ATOM   103  N N   A GLU A 1 17  ? -3.828  -12.950 -5.981  0.25 28.96 ? 110 GLU A N   1 
ATOM   104  N N   B GLU A 1 17  ? -3.749  -12.925 -5.959  0.25 29.84 ? 110 GLU A N   1 
ATOM   105  C CA  A GLU A 1 17  ? -2.701  -12.736 -6.899  0.25 29.64 ? 110 GLU A CA  1 
ATOM   106  C CA  B GLU A 1 17  ? -2.497  -12.713 -6.677  0.25 30.94 ? 110 GLU A CA  1 
ATOM   107  C C   A GLU A 1 17  ? -2.274  -11.272 -6.967  0.25 28.96 ? 110 GLU A C   1 
ATOM   108  C C   B GLU A 1 17  ? -2.309  -11.274 -7.176  0.25 29.71 ? 110 GLU A C   1 
ATOM   109  O O   A GLU A 1 17  ? -1.066  -10.972 -7.089  0.25 26.30 ? 110 GLU A O   1 
ATOM   110  O O   B GLU A 1 17  ? -1.270  -10.979 -7.805  0.25 27.24 ? 110 GLU A O   1 
ATOM   111  C CB  A GLU A 1 17  ? -3.097  -13.102 -8.348  0.25 29.79 ? 110 GLU A CB  1 
ATOM   112  C CB  B GLU A 1 17  ? -2.396  -13.725 -7.810  0.25 33.32 ? 110 GLU A CB  1 
ATOM   113  C CG  A GLU A 1 17  ? -3.260  -14.581 -8.671  0.25 32.03 ? 110 GLU A CG  1 
ATOM   114  C CG  B GLU A 1 17  ? -2.646  -15.130 -7.297  0.25 35.59 ? 110 GLU A CG  1 
ATOM   115  C CD  A GLU A 1 17  ? -3.824  -14.829 -10.074 0.25 33.35 ? 110 GLU A CD  1 
ATOM   116  C CD  B GLU A 1 17  ? -1.680  -16.130 -7.854  0.25 39.17 ? 110 GLU A CD  1 
ATOM   117  O OE1 A GLU A 1 17  ? -5.013  -14.512 -10.331 0.25 32.99 ? 110 GLU A OE1 1 
ATOM   118  O OE1 B GLU A 1 17  ? -1.510  -16.162 -9.093  0.25 44.49 ? 110 GLU A OE1 1 
ATOM   119  O OE2 A GLU A 1 17  ? -3.079  -15.358 -10.925 0.25 34.20 ? 110 GLU A OE2 1 
ATOM   120  O OE2 B GLU A 1 17  ? -1.098  -16.877 -7.045  0.25 43.39 ? 110 GLU A OE2 1 
ATOM   121  N N   . ASN A 1 18  ? -3.276  -10.384 -6.895  1.00 27.23 ? 111 ASN A N   1 
ATOM   122  C CA  . ASN A 1 18  ? -3.148  -8.959  -7.249  1.00 26.08 ? 111 ASN A CA  1 
ATOM   123  C C   . ASN A 1 18  ? -3.439  -8.037  -6.068  1.00 25.00 ? 111 ASN A C   1 
ATOM   124  O O   . ASN A 1 18  ? -4.285  -8.342  -5.240  1.00 22.62 ? 111 ASN A O   1 
ATOM   125  C CB  . ASN A 1 18  ? -4.081  -8.616  -8.390  1.00 26.72 ? 111 ASN A CB  1 
ATOM   126  C CG  . ASN A 1 18  ? -3.825  -9.494  -9.631  1.00 37.38 ? 111 ASN A CG  1 
ATOM   127  O OD1 . ASN A 1 18  ? -2.765  -9.424  -10.246 1.00 38.09 ? 111 ASN A OD1 1 
ATOM   128  N ND2 . ASN A 1 18  ? -4.773  -10.338 -9.967  1.00 35.04 ? 111 ASN A ND2 1 
ATOM   129  N N   . VAL A 1 19  ? -2.743  -6.899  -6.042  1.00 22.19 ? 112 VAL A N   1 
ATOM   130  C CA  . VAL A 1 19  ? -2.907  -5.840  -5.027  1.00 20.99 ? 112 VAL A CA  1 
ATOM   131  C C   . VAL A 1 19  ? -3.220  -4.509  -5.671  1.00 20.97 ? 112 VAL A C   1 
ATOM   132  O O   . VAL A 1 19  ? -2.755  -4.244  -6.816  1.00 22.62 ? 112 VAL A O   1 
ATOM   133  C CB  . VAL A 1 19  ? -1.628  -5.657  -4.177  1.00 24.35 ? 112 VAL A CB  1 
ATOM   134  C CG1 . VAL A 1 19  ? -1.448  -6.832  -3.268  1.00 29.03 ? 112 VAL A CG1 1 
ATOM   135  C CG2 . VAL A 1 19  ? -0.372  -5.363  -5.028  1.00 24.49 ? 112 VAL A CG2 1 
ATOM   136  N N   . LEU A 1 20  ? -3.920  -3.624  -4.946  1.00 20.89 ? 113 LEU A N   1 
ATOM   137  C CA  . LEU A 1 20  ? -4.348  -2.324  -5.539  1.00 22.40 ? 113 LEU A CA  1 
ATOM   138  C C   . LEU A 1 20  ? -3.343  -1.197  -5.124  1.00 22.65 ? 113 LEU A C   1 
ATOM   139  O O   . LEU A 1 20  ? -3.116  -0.980  -3.951  1.00 22.10 ? 113 LEU A O   1 
ATOM   140  C CB  . LEU A 1 20  ? -5.808  -2.004  -5.074  1.00 22.17 ? 113 LEU A CB  1 
ATOM   141  C CG  . LEU A 1 20  ? -6.455  -0.812  -5.783  1.00 24.74 ? 113 LEU A CG  1 
ATOM   142  C CD1 . LEU A 1 20  ? -6.917  -1.260  -7.182  1.00 24.28 ? 113 LEU A CD1 1 
ATOM   143  C CD2 . LEU A 1 20  ? -7.601  -0.172  -4.972  1.00 24.38 ? 113 LEU A CD2 1 
ATOM   144  N N   . LEU A 1 21  ? -2.656  -0.575  -6.094  1.00 22.90 ? 114 LEU A N   1 
ATOM   145  C CA  . LEU A 1 21  ? -1.770  0.559   -5.829  1.00 23.65 ? 114 LEU A CA  1 
ATOM   146  C C   . LEU A 1 21  ? -2.362  1.843   -6.444  1.00 21.35 ? 114 LEU A C   1 
ATOM   147  O O   . LEU A 1 21  ? -3.185  1.804   -7.379  1.00 22.39 ? 114 LEU A O   1 
ATOM   148  C CB  . LEU A 1 21  ? -0.367  0.282   -6.367  1.00 23.72 ? 114 LEU A CB  1 
ATOM   149  C CG  . LEU A 1 21  ? 0.369   -1.000  -5.914  1.00 23.51 ? 114 LEU A CG  1 
ATOM   150  C CD1 . LEU A 1 21  ? 1.804   -1.032  -6.441  1.00 25.12 ? 114 LEU A CD1 1 
ATOM   151  C CD2 . LEU A 1 21  ? 0.433   -1.127  -4.415  1.00 26.78 ? 114 LEU A CD2 1 
ATOM   152  N N   . VAL A 1 22  ? -1.960  2.976   -5.876  1.00 20.26 ? 115 VAL A N   1 
ATOM   153  C CA  . VAL A 1 22  ? -2.311  4.272   -6.355  1.00 20.90 ? 115 VAL A CA  1 
ATOM   154  C C   . VAL A 1 22  ? -1.013  5.070   -6.667  1.00 24.87 ? 115 VAL A C   1 
ATOM   155  O O   . VAL A 1 22  ? 0.050   4.911   -6.020  1.00 21.36 ? 115 VAL A O   1 
ATOM   156  C CB  . VAL A 1 22  ? -3.161  5.065   -5.344  1.00 24.78 ? 115 VAL A CB  1 
ATOM   157  C CG1 . VAL A 1 22  ? -4.415  4.280   -5.028  1.00 27.12 ? 115 VAL A CG1 1 
ATOM   158  C CG2 . VAL A 1 22  ? -2.417  5.306   -4.036  1.00 24.70 ? 115 VAL A CG2 1 
ATOM   159  N N   . GLN A 1 23  ? -1.173  6.000   -7.596  1.00 23.54 ? 116 GLN A N   1 
ATOM   160  C CA  . GLN A 1 23  ? -0.076  6.827   -8.128  1.00 23.06 ? 116 GLN A CA  1 
ATOM   161  C C   . GLN A 1 23  ? -0.410  8.274   -7.839  1.00 24.04 ? 116 GLN A C   1 
ATOM   162  O O   . GLN A 1 23  ? -1.474  8.769   -8.221  1.00 22.29 ? 116 GLN A O   1 
ATOM   163  C CB  . GLN A 1 23  ? 0.132   6.573   -9.630  1.00 22.22 ? 116 GLN A CB  1 
ATOM   164  C CG  . GLN A 1 23  ? 1.291   7.335   -10.249 1.00 22.96 ? 116 GLN A CG  1 
ATOM   165  C CD  . GLN A 1 23  ? 1.424   7.106   -11.726 1.00 25.63 ? 116 GLN A CD  1 
ATOM   166  O OE1 . GLN A 1 23  ? 0.412   6.976   -12.435 1.00 27.88 ? 116 GLN A OE1 1 
ATOM   167  N NE2 . GLN A 1 23  ? 2.673   7.016   -12.197 1.00 26.59 ? 116 GLN A NE2 1 
ATOM   168  N N   . GLY A 1 24  ? 0.484   8.939   -7.123  1.00 24.31 ? 117 GLY A N   1 
ATOM   169  C CA  . GLY A 1 24  ? 0.265   10.391  -6.818  1.00 28.78 ? 117 GLY A CA  1 
ATOM   170  C C   . GLY A 1 24  ? 1.040   11.302  -7.773  1.00 28.70 ? 117 GLY A C   1 
ATOM   171  O O   . GLY A 1 24  ? 1.381   10.925  -8.878  1.00 23.31 ? 117 GLY A O   1 
ATOM   172  N N   . TYR A 1 25  ? 1.318   12.507  -7.319  1.00 27.99 ? 118 TYR A N   1 
ATOM   173  C CA  . TYR A 1 25  ? 2.109   13.494  -8.055  1.00 27.58 ? 118 TYR A CA  1 
ATOM   174  C C   . TYR A 1 25  ? 3.338   13.991  -7.284  1.00 33.84 ? 118 TYR A C   1 
ATOM   175  O O   . TYR A 1 25  ? 3.430   13.884  -6.048  1.00 30.50 ? 118 TYR A O   1 
ATOM   176  C CB  . TYR A 1 25  ? 1.256   14.716  -8.321  1.00 29.19 ? 118 TYR A CB  1 
ATOM   177  C CG  . TYR A 1 25  ? 0.043   14.477  -9.222  1.00 27.26 ? 118 TYR A CG  1 
ATOM   178  C CD1 . TYR A 1 25  ? 0.170   14.289  -10.605 1.00 27.30 ? 118 TYR A CD1 1 
ATOM   179  C CD2 . TYR A 1 25  ? -1.194  14.402  -8.698  1.00 25.14 ? 118 TYR A CD2 1 
ATOM   180  C CE1 . TYR A 1 25  ? -0.955  14.033  -11.390 1.00 27.60 ? 118 TYR A CE1 1 
ATOM   181  C CE2 . TYR A 1 25  ? -2.317  14.139  -9.476  1.00 26.23 ? 118 TYR A CE2 1 
ATOM   182  C CZ  . TYR A 1 25  ? -2.197  13.954  -10.811 1.00 25.96 ? 118 TYR A CZ  1 
ATOM   183  O OH  . TYR A 1 25  ? -3.304  13.753  -11.586 1.00 29.79 ? 118 TYR A OH  1 
ATOM   184  N N   . LEU A 1 26  ? 4.273   14.557  -8.033  1.00 36.22 ? 119 LEU A N   1 
ATOM   185  C CA  . LEU A 1 26  ? 5.409   15.298  -7.462  1.00 39.05 ? 119 LEU A CA  1 
ATOM   186  C C   . LEU A 1 26  ? 6.259   14.414  -6.548  1.00 37.20 ? 119 LEU A C   1 
ATOM   187  O O   . LEU A 1 26  ? 6.885   13.482  -7.035  1.00 33.76 ? 119 LEU A O   1 
ATOM   188  C CB  . LEU A 1 26  ? 4.945   16.605  -6.780  1.00 43.18 ? 119 LEU A CB  1 
ATOM   189  C CG  . LEU A 1 26  ? 4.166   17.638  -7.651  1.00 47.72 ? 119 LEU A CG  1 
ATOM   190  C CD1 . LEU A 1 26  ? 3.586   18.739  -6.782  1.00 46.12 ? 119 LEU A CD1 1 
ATOM   191  C CD2 . LEU A 1 26  ? 5.035   18.193  -8.791  1.00 52.27 ? 119 LEU A CD2 1 
ATOM   192  N N   . ALA A 1 27  ? 6.339   14.700  -5.257  1.00 34.91 ? 120 ALA A N   1 
ATOM   193  C CA  . ALA A 1 27  ? 7.163   13.859  -4.366  1.00 38.46 ? 120 ALA A CA  1 
ATOM   194  C C   . ALA A 1 27  ? 6.562   12.436  -4.214  1.00 41.88 ? 120 ALA A C   1 
ATOM   195  O O   . ALA A 1 27  ? 7.292   11.494  -3.961  1.00 40.48 ? 120 ALA A O   1 
ATOM   196  C CB  . ALA A 1 27  ? 7.313   14.510  -2.992  1.00 40.77 ? 120 ALA A CB  1 
ATOM   197  N N   . LYS A 1 28  ? 5.244   12.306  -4.428  1.00 38.89 ? 121 LYS A N   1 
ATOM   198  C CA  . LYS A 1 28  ? 4.511   11.061  -4.406  1.00 37.09 ? 121 LYS A CA  1 
ATOM   199  C C   . LYS A 1 28  ? 4.182   10.558  -5.812  1.00 33.67 ? 121 LYS A C   1 
ATOM   200  O O   . LYS A 1 28  ? 3.143   9.952   -6.049  1.00 30.44 ? 121 LYS A O   1 
ATOM   201  C CB  . LYS A 1 28  ? 3.217   11.293  -3.662  1.00 39.90 ? 121 LYS A CB  1 
ATOM   202  C CG  . LYS A 1 28  ? 3.427   11.650  -2.217  1.00 44.75 ? 121 LYS A CG  1 
ATOM   203  C CD  . LYS A 1 28  ? 2.077   11.688  -1.503  1.00 49.70 ? 121 LYS A CD  1 
ATOM   204  C CE  . LYS A 1 28  ? 2.210   11.259  -0.048  1.00 59.82 ? 121 LYS A CE  1 
ATOM   205  N NZ  . LYS A 1 28  ? 1.296   12.050  0.842   1.00 64.42 ? 121 LYS A NZ  1 
ATOM   206  N N   . SER A 1 29  ? 5.099   10.779  -6.723  1.00 30.57 ? 122 SER A N   1 
ATOM   207  C CA  . SER A 1 29  ? 4.907   10.495  -8.105  1.00 38.21 ? 122 SER A CA  1 
ATOM   208  C C   . SER A 1 29  ? 4.900   9.006   -8.558  1.00 39.52 ? 122 SER A C   1 
ATOM   209  O O   . SER A 1 29  ? 4.474   8.681   -9.721  1.00 46.18 ? 122 SER A O   1 
ATOM   210  C CB  . SER A 1 29  ? 6.002   11.193  -8.912  1.00 39.72 ? 122 SER A CB  1 
ATOM   211  O OG  . SER A 1 29  ? 5.689   10.868  -10.219 1.00 49.68 ? 122 SER A OG  1 
ATOM   212  N N   . GLY A 1 30  ? 5.414   8.142   -7.710  1.00 30.98 ? 123 GLY A N   1 
ATOM   213  C CA  . GLY A 1 30  ? 5.375   6.680   -7.972  1.00 32.13 ? 123 GLY A CA  1 
ATOM   214  C C   . GLY A 1 30  ? 4.076   5.998   -7.485  1.00 29.37 ? 123 GLY A C   1 
ATOM   215  O O   . GLY A 1 30  ? 3.069   6.658   -7.160  1.00 28.91 ? 123 GLY A O   1 
ATOM   216  N N   . TRP A 1 31  ? 4.145   4.669   -7.422  1.00 26.00 ? 124 TRP A N   1 
ATOM   217  C CA  . TRP A 1 31  ? 3.067   3.826   -7.022  1.00 24.57 ? 124 TRP A CA  1 
ATOM   218  C C   . TRP A 1 31  ? 3.200   3.417   -5.561  1.00 25.07 ? 124 TRP A C   1 
ATOM   219  O O   . TRP A 1 31  ? 4.272   2.959   -5.185  1.00 27.86 ? 124 TRP A O   1 
ATOM   220  C CB  . TRP A 1 31  ? 3.092   2.544   -7.868  1.00 23.23 ? 124 TRP A CB  1 
ATOM   221  C CG  . TRP A 1 31  ? 2.659   2.814   -9.323  1.00 21.74 ? 124 TRP A CG  1 
ATOM   222  C CD1 . TRP A 1 31  ? 3.458   3.004   -10.400 1.00 23.63 ? 124 TRP A CD1 1 
ATOM   223  C CD2 . TRP A 1 31  ? 1.309   2.978   -9.789  1.00 22.26 ? 124 TRP A CD2 1 
ATOM   224  N NE1 . TRP A 1 31  ? 2.683   3.258   -11.538 1.00 23.35 ? 124 TRP A NE1 1 
ATOM   225  C CE2 . TRP A 1 31  ? 1.367   3.230   -11.188 1.00 22.65 ? 124 TRP A CE2 1 
ATOM   226  C CE3 . TRP A 1 31  ? 0.057   2.887   -9.172  1.00 22.06 ? 124 TRP A CE3 1 
ATOM   227  C CZ2 . TRP A 1 31  ? 0.223   3.432   -11.957 1.00 24.71 ? 124 TRP A CZ2 1 
ATOM   228  C CZ3 . TRP A 1 31  ? -1.097  3.101   -9.951  1.00 22.55 ? 124 TRP A CZ3 1 
ATOM   229  C CH2 . TRP A 1 31  ? -1.007  3.356   -11.302 1.00 22.58 ? 124 TRP A CH2 1 
ATOM   230  N N   . GLY A 1 32  ? 2.099   3.456   -4.773  1.00 23.70 ? 125 GLY A N   1 
ATOM   231  C CA  . GLY A 1 32  ? 2.148   3.066   -3.365  1.00 22.71 ? 125 GLY A CA  1 
ATOM   232  C C   . GLY A 1 32  ? 0.803   2.517   -2.871  1.00 23.40 ? 125 GLY A C   1 
ATOM   233  O O   . GLY A 1 32  ? -0.169  2.649   -3.580  1.00 21.44 ? 125 GLY A O   1 
ATOM   234  N N   . PHE A 1 33  ? 0.743   1.971   -1.628  1.00 21.73 ? 126 PHE A N   1 
ATOM   235  C CA  . PHE A 1 33  ? -0.513  1.600   -1.000  1.00 22.55 ? 126 PHE A CA  1 
ATOM   236  C C   . PHE A 1 33  ? -1.216  2.885   -0.565  1.00 23.88 ? 126 PHE A C   1 
ATOM   237  O O   . PHE A 1 33  ? -0.569  3.855   -0.151  1.00 21.70 ? 126 PHE A O   1 
ATOM   238  C CB  . PHE A 1 33  ? -0.321  0.635   0.171   1.00 22.02 ? 126 PHE A CB  1 
ATOM   239  C CG  . PHE A 1 33  ? 0.263   -0.656  -0.244  1.00 21.54 ? 126 PHE A CG  1 
ATOM   240  C CD1 . PHE A 1 33  ? -0.499  -1.561  -0.935  1.00 23.91 ? 126 PHE A CD1 1 
ATOM   241  C CD2 . PHE A 1 33  ? 1.607   -0.909  -0.065  1.00 24.36 ? 126 PHE A CD2 1 
ATOM   242  C CE1 . PHE A 1 33  ? 0.016   -2.735  -1.359  1.00 25.23 ? 126 PHE A CE1 1 
ATOM   243  C CE2 . PHE A 1 33  ? 2.158   -2.079  -0.536  1.00 24.95 ? 126 PHE A CE2 1 
ATOM   244  C CZ  . PHE A 1 33  ? 1.372   -2.999  -1.162  1.00 24.37 ? 126 PHE A CZ  1 
ATOM   245  N N   . PRO A 1 34  ? -2.546  2.921   -0.672  1.00 22.42 ? 127 PRO A N   1 
ATOM   246  C CA  . PRO A 1 34  ? -3.268  4.078   -0.157  1.00 22.14 ? 127 PRO A CA  1 
ATOM   247  C C   . PRO A 1 34  ? -3.235  4.199   1.336   1.00 24.15 ? 127 PRO A C   1 
ATOM   248  O O   . PRO A 1 34  ? -3.556  3.238   2.073   1.00 24.81 ? 127 PRO A O   1 
ATOM   249  C CB  . PRO A 1 34  ? -4.699  3.854   -0.644  1.00 21.93 ? 127 PRO A CB  1 
ATOM   250  C CG  . PRO A 1 34  ? -4.773  2.374   -0.861  1.00 22.31 ? 127 PRO A CG  1 
ATOM   251  C CD  . PRO A 1 34  ? -3.432  1.895   -1.213  1.00 21.45 ? 127 PRO A CD  1 
ATOM   252  N N   . LYS A 1 35  ? -2.832  5.391   1.794   1.00 23.90 ? 128 LYS A N   1 
ATOM   253  C CA  . LYS A 1 35  ? -2.612  5.640   3.210   1.00 24.78 ? 128 LYS A CA  1 
ATOM   254  C C   . LYS A 1 35  ? -2.411  7.117   3.469   1.00 26.93 ? 128 LYS A C   1 
ATOM   255  O O   . LYS A 1 35  ? -2.117  7.856   2.564   1.00 27.39 ? 128 LYS A O   1 
ATOM   256  C CB  . LYS A 1 35  ? -1.392  4.903   3.784   1.00 26.16 ? 128 LYS A CB  1 
ATOM   257  C CG  . LYS A 1 35  ? -0.039  5.337   3.224   1.00 29.60 ? 128 LYS A CG  1 
ATOM   258  C CD  . LYS A 1 35  ? 1.048   4.443   3.771   1.00 35.74 ? 128 LYS A CD  1 
ATOM   259  C CE  . LYS A 1 35  ? 2.440   4.855   3.319   1.00 43.74 ? 128 LYS A CE  1 
ATOM   260  N NZ  . LYS A 1 35  ? 2.797   6.165   3.935   1.00 52.47 ? 128 LYS A NZ  1 
ATOM   261  N N   . GLY A 1 36  ? -2.527  7.526   4.726   1.00 29.70 ? 129 GLY A N   1 
ATOM   262  C CA  . GLY A 1 36  ? -2.203  8.909   5.068   1.00 29.25 ? 129 GLY A CA  1 
ATOM   263  C C   . GLY A 1 36  ? -2.128  9.170   6.583   1.00 32.75 ? 129 GLY A C   1 
ATOM   264  O O   . GLY A 1 36  ? -2.286  8.255   7.396   1.00 30.92 ? 129 GLY A O   1 
ATOM   265  N N   . LYS A 1 37  ? -1.908  10.448  6.948   1.00 34.43 ? 130 LYS A N   1 
ATOM   266  C CA  . LYS A 1 37  ? -1.568  10.850  8.332   1.00 38.92 ? 130 LYS A CA  1 
ATOM   267  C C   . LYS A 1 37  ? -2.813  10.840  9.237   1.00 32.17 ? 130 LYS A C   1 
ATOM   268  O O   . LYS A 1 37  ? -3.848  11.282  8.825   1.00 33.35 ? 130 LYS A O   1 
ATOM   269  C CB  . LYS A 1 37  ? -0.911  12.266  8.293   1.00 42.80 ? 130 LYS A CB  1 
ATOM   270  C CG  . LYS A 1 37  ? 0.630   12.274  8.207   1.00 48.08 ? 130 LYS A CG  1 
ATOM   271  C CD  . LYS A 1 37  ? 1.190   13.696  8.166   1.00 49.46 ? 130 LYS A CD  1 
ATOM   272  N N   . VAL A 1 38  ? -2.687  10.353  10.458  1.00 35.20 ? 131 VAL A N   1 
ATOM   273  C CA  . VAL A 1 38  ? -3.793  10.293  11.427  1.00 42.45 ? 131 VAL A CA  1 
ATOM   274  C C   . VAL A 1 38  ? -4.156  11.722  11.931  1.00 44.07 ? 131 VAL A C   1 
ATOM   275  O O   . VAL A 1 38  ? -3.240  12.533  12.122  1.00 41.29 ? 131 VAL A O   1 
ATOM   276  C CB  . VAL A 1 38  ? -3.427  9.337   12.590  1.00 43.00 ? 131 VAL A CB  1 
ATOM   277  C CG1 . VAL A 1 38  ? -2.294  9.881   13.472  1.00 44.04 ? 131 VAL A CG1 1 
ATOM   278  C CG2 . VAL A 1 38  ? -4.658  8.987   13.434  1.00 45.41 ? 131 VAL A CG2 1 
ATOM   279  N N   . ASN A 1 39  ? -5.452  12.046  12.079  1.00 42.89 ? 132 ASN A N   1 
ATOM   280  C CA  . ASN A 1 39  ? -5.878  13.361  12.717  1.00 44.10 ? 132 ASN A CA  1 
ATOM   281  C C   . ASN A 1 39  ? -5.879  13.279  14.278  1.00 46.28 ? 132 ASN A C   1 
ATOM   282  O O   . ASN A 1 39  ? -5.927  12.187  14.844  1.00 44.21 ? 132 ASN A O   1 
ATOM   283  C CB  . ASN A 1 39  ? -7.278  13.804  12.275  1.00 41.92 ? 132 ASN A CB  1 
ATOM   284  C CG  . ASN A 1 39  ? -7.404  14.069  10.797  1.00 44.84 ? 132 ASN A CG  1 
ATOM   285  O OD1 . ASN A 1 39  ? -6.520  14.623  10.149  1.00 52.15 ? 132 ASN A OD1 1 
ATOM   286  N ND2 . ASN A 1 39  ? -8.529  13.716  10.259  1.00 40.74 ? 132 ASN A ND2 1 
ATOM   287  N N   . LYS A 1 40  ? -5.855  14.434  14.975  1.00 52.21 ? 133 LYS A N   1 
ATOM   288  C CA  . LYS A 1 40  ? -6.027  14.505  16.481  1.00 51.35 ? 133 LYS A CA  1 
ATOM   289  C C   . LYS A 1 40  ? -7.233  13.732  17.019  1.00 49.88 ? 133 LYS A C   1 
ATOM   290  O O   . LYS A 1 40  ? -8.332  13.934  16.545  1.00 51.83 ? 133 LYS A O   1 
ATOM   291  C CB  . LYS A 1 40  ? -6.198  15.977  16.945  1.00 54.19 ? 133 LYS A CB  1 
ATOM   292  N N   . GLU A 1 41  ? -7.014  12.861  18.008  1.00 54.28 ? 134 GLU A N   1 
ATOM   293  C CA  . GLU A 1 41  ? -8.054  12.026  18.626  1.00 56.99 ? 134 GLU A CA  1 
ATOM   294  C C   . GLU A 1 41  ? -8.728  10.939  17.714  1.00 64.67 ? 134 GLU A C   1 
ATOM   295  O O   . GLU A 1 41  ? -9.657  10.277  18.191  1.00 65.77 ? 134 GLU A O   1 
ATOM   296  C CB  . GLU A 1 41  ? -9.127  12.911  19.309  1.00 62.88 ? 134 GLU A CB  1 
ATOM   297  N N   . GLU A 1 42  ? -8.225  10.704  16.475  1.00 52.27 ? 135 GLU A N   1 
ATOM   298  C CA  . GLU A 1 42  ? -8.843  9.776   15.489  1.00 43.93 ? 135 GLU A CA  1 
ATOM   299  C C   . GLU A 1 42  ? -8.281  8.389   15.735  1.00 43.59 ? 135 GLU A C   1 
ATOM   300  O O   . GLU A 1 42  ? -7.107  8.214   16.006  1.00 44.47 ? 135 GLU A O   1 
ATOM   301  C CB  . GLU A 1 42  ? -8.596  10.246  14.047  1.00 41.49 ? 135 GLU A CB  1 
ATOM   302  C CG  . GLU A 1 42  ? -9.128  9.337   12.910  1.00 42.68 ? 135 GLU A CG  1 
ATOM   303  C CD  . GLU A 1 42  ? -8.765  9.843   11.527  1.00 40.01 ? 135 GLU A CD  1 
ATOM   304  O OE1 . GLU A 1 42  ? -7.620  10.320  11.348  1.00 43.01 ? 135 GLU A OE1 1 
ATOM   305  O OE2 . GLU A 1 42  ? -9.621  9.759   10.598  1.00 42.08 ? 135 GLU A OE2 1 
ATOM   306  N N   . ALA A 1 43  ? -9.147  7.393   15.679  1.00 42.55 ? 136 ALA A N   1 
ATOM   307  C CA  . ALA A 1 43  ? -8.737  6.005   15.898  1.00 41.42 ? 136 ALA A CA  1 
ATOM   308  C C   . ALA A 1 43  ? -8.047  5.438   14.612  1.00 38.38 ? 136 ALA A C   1 
ATOM   309  O O   . ALA A 1 43  ? -8.392  5.833   13.501  1.00 38.08 ? 136 ALA A O   1 
ATOM   310  C CB  . ALA A 1 43  ? -9.929  5.145   16.269  1.00 40.35 ? 136 ALA A CB  1 
ATOM   311  N N   . PRO A 1 44  ? -7.146  4.480   14.792  1.00 41.35 ? 137 PRO A N   1 
ATOM   312  C CA  . PRO A 1 44  ? -6.400  3.935   13.624  1.00 40.94 ? 137 PRO A CA  1 
ATOM   313  C C   . PRO A 1 44  ? -7.318  3.342   12.518  1.00 36.27 ? 137 PRO A C   1 
ATOM   314  O O   . PRO A 1 44  ? -7.125  3.651   11.338  1.00 31.42 ? 137 PRO A O   1 
ATOM   315  C CB  . PRO A 1 44  ? -5.503  2.855   14.247  1.00 41.81 ? 137 PRO A CB  1 
ATOM   316  C CG  . PRO A 1 44  ? -5.355  3.249   15.709  1.00 40.76 ? 137 PRO A CG  1 
ATOM   317  C CD  . PRO A 1 44  ? -6.640  3.975   16.084  1.00 40.66 ? 137 PRO A CD  1 
ATOM   318  N N   . HIS A 1 45  ? -8.290  2.513   12.900  1.00 37.21 ? 138 HIS A N   1 
ATOM   319  C CA  . HIS A 1 45  ? -9.211  1.907   11.909  1.00 40.91 ? 138 HIS A CA  1 
ATOM   320  C C   . HIS A 1 45  ? -10.045 2.950   11.154  1.00 36.53 ? 138 HIS A C   1 
ATOM   321  O O   . HIS A 1 45  ? -10.372 2.758   9.955   1.00 31.84 ? 138 HIS A O   1 
ATOM   322  C CB  . HIS A 1 45  ? -10.057 0.767   12.532  1.00 44.59 ? 138 HIS A CB  1 
ATOM   323  C CG  . HIS A 1 45  ? -11.189 1.249   13.374  1.00 60.23 ? 138 HIS A CG  1 
ATOM   324  N ND1 . HIS A 1 45  ? -11.060 1.480   14.732  1.00 63.37 ? 138 HIS A ND1 1 
ATOM   325  C CD2 . HIS A 1 45  ? -12.467 1.578   13.054  1.00 60.45 ? 138 HIS A CD2 1 
ATOM   326  C CE1 . HIS A 1 45  ? -12.223 1.896   15.215  1.00 58.60 ? 138 HIS A CE1 1 
ATOM   327  N NE2 . HIS A 1 45  ? -13.090 1.968   14.218  1.00 65.95 ? 138 HIS A NE2 1 
ATOM   328  N N   . ASP A 1 46  ? -10.354 4.065   11.826  1.00 34.29 ? 139 ASP A N   1 
ATOM   329  C CA  . ASP A 1 46  ? -11.096 5.125   11.188  1.00 35.72 ? 139 ASP A CA  1 
ATOM   330  C C   . ASP A 1 46  ? -10.206 5.969   10.219  1.00 29.75 ? 139 ASP A C   1 
ATOM   331  O O   . ASP A 1 46  ? -10.676 6.402   9.183   1.00 30.58 ? 139 ASP A O   1 
ATOM   332  C CB  . ASP A 1 46  ? -11.741 6.081   12.222  1.00 37.03 ? 139 ASP A CB  1 
ATOM   333  C CG  . ASP A 1 46  ? -12.965 5.486   12.935  1.00 41.69 ? 139 ASP A CG  1 
ATOM   334  O OD1 . ASP A 1 46  ? -13.725 4.671   12.382  1.00 40.52 ? 139 ASP A OD1 1 
ATOM   335  O OD2 . ASP A 1 46  ? -13.184 5.879   14.090  1.00 46.93 ? 139 ASP A OD2 1 
ATOM   336  N N   . CYS A 1 47  ? -8.972  6.285   10.599  1.00 30.51 ? 140 CYS A N   1 
ATOM   337  C CA  . CYS A 1 47  ? -8.030  6.927   9.686   1.00 28.53 ? 140 CYS A CA  1 
ATOM   338  C C   . CYS A 1 47  ? -7.829  6.034   8.411   1.00 27.08 ? 140 CYS A C   1 
ATOM   339  O O   . CYS A 1 47  ? -7.878  6.523   7.259   1.00 24.91 ? 140 CYS A O   1 
ATOM   340  C CB  . CYS A 1 47  ? -6.690  7.108   10.387  1.00 31.58 ? 140 CYS A CB  1 
ATOM   341  S SG  . CYS A 1 47  ? -5.353  7.838   9.393   1.00 33.79 ? 140 CYS A SG  1 
ATOM   342  N N   . ALA A 1 48  ? -7.677  4.732   8.617   1.00 28.26 ? 141 ALA A N   1 
ATOM   343  C CA  . ALA A 1 48  ? -7.368  3.841   7.453   1.00 25.61 ? 141 ALA A CA  1 
ATOM   344  C C   . ALA A 1 48  ? -8.540  3.895   6.447   1.00 27.09 ? 141 ALA A C   1 
ATOM   345  O O   . ALA A 1 48  ? -8.350  4.077   5.247   1.00 23.53 ? 141 ALA A O   1 
ATOM   346  C CB  . ALA A 1 48  ? -7.167  2.432   7.946   1.00 24.17 ? 141 ALA A CB  1 
ATOM   347  N N   . ALA A 1 49  ? -9.770  3.779   6.950   1.00 27.79 ? 142 ALA A N   1 
ATOM   348  C CA  . ALA A 1 49  ? -10.977 3.878   6.073   1.00 26.21 ? 142 ALA A CA  1 
ATOM   349  C C   . ALA A 1 49  ? -11.147 5.246   5.372   1.00 26.05 ? 142 ALA A C   1 
ATOM   350  O O   . ALA A 1 49  ? -11.513 5.319   4.202   1.00 25.56 ? 142 ALA A O   1 
ATOM   351  C CB  . ALA A 1 49  ? -12.234 3.573   6.875   1.00 27.82 ? 142 ALA A CB  1 
ATOM   352  N N   . ARG A 1 50  ? -10.858 6.328   6.095   1.00 24.82 ? 143 ARG A N   1 
ATOM   353  C CA  . ARG A 1 50  ? -10.961 7.665   5.570   1.00 28.84 ? 143 ARG A CA  1 
ATOM   354  C C   . ARG A 1 50  ? -9.953  7.902   4.450   1.00 27.47 ? 143 ARG A C   1 
ATOM   355  O O   . ARG A 1 50  ? -10.306 8.394   3.375   1.00 26.66 ? 143 ARG A O   1 
ATOM   356  C CB  . ARG A 1 50  ? -10.723 8.709   6.698   1.00 29.79 ? 143 ARG A CB  1 
ATOM   357  C CG  . ARG A 1 50  ? -10.820 10.156  6.197   1.00 32.86 ? 143 ARG A CG  1 
ATOM   358  C CD  . ARG A 1 50  ? -10.549 11.211  7.289   1.00 32.08 ? 143 ARG A CD  1 
ATOM   359  N NE  . ARG A 1 50  ? -9.341  10.998  8.136   1.00 36.75 ? 143 ARG A NE  1 
ATOM   360  C CZ  . ARG A 1 50  ? -8.083  11.361  7.822   1.00 33.17 ? 143 ARG A CZ  1 
ATOM   361  N NH1 . ARG A 1 50  ? -7.822  11.935  6.681   1.00 34.00 ? 143 ARG A NH1 1 
ATOM   362  N NH2 . ARG A 1 50  ? -7.085  11.159  8.669   1.00 33.96 ? 143 ARG A NH2 1 
ATOM   363  N N   . GLU A 1 51  ? -8.682  7.565   4.699   1.00 27.97 ? 144 GLU A N   1 
ATOM   364  C CA  . GLU A 1 51  ? -7.637  7.771   3.648   1.00 26.02 ? 144 GLU A CA  1 
ATOM   365  C C   . GLU A 1 51  ? -7.898  6.892   2.443   1.00 25.78 ? 144 GLU A C   1 
ATOM   366  O O   . GLU A 1 51  ? -7.775  7.323   1.271   1.00 24.36 ? 144 GLU A O   1 
ATOM   367  C CB  . GLU A 1 51  ? -6.291  7.498   4.220   1.00 29.94 ? 144 GLU A CB  1 
ATOM   368  C CG  . GLU A 1 51  ? -5.881  8.466   5.314   1.00 31.20 ? 144 GLU A CG  1 
ATOM   369  C CD  . GLU A 1 51  ? -5.448  9.832   4.805   1.00 39.57 ? 144 GLU A CD  1 
ATOM   370  O OE1 . GLU A 1 51  ? -5.433  10.042  3.574   1.00 39.22 ? 144 GLU A OE1 1 
ATOM   371  O OE2 . GLU A 1 51  ? -5.045  10.693  5.648   1.00 46.30 ? 144 GLU A OE2 1 
ATOM   372  N N   . VAL A 1 52  ? -8.310  5.663   2.690   1.00 24.33 ? 145 VAL A N   1 
ATOM   373  C CA  . VAL A 1 52  ? -8.595  4.779   1.553   1.00 23.41 ? 145 VAL A CA  1 
ATOM   374  C C   . VAL A 1 52  ? -9.810  5.256   0.727   1.00 25.39 ? 145 VAL A C   1 
ATOM   375  O O   . VAL A 1 52  ? -9.787  5.177   -0.545  1.00 24.89 ? 145 VAL A O   1 
ATOM   376  C CB  . VAL A 1 52  ? -8.733  3.315   1.987   1.00 25.05 ? 145 VAL A CB  1 
ATOM   377  C CG1 . VAL A 1 52  ? -9.137  2.457   0.807   1.00 26.04 ? 145 VAL A CG1 1 
ATOM   378  C CG2 . VAL A 1 52  ? -7.406  2.772   2.498   1.00 27.14 ? 145 VAL A CG2 1 
ATOM   379  N N   . PHE A 1 53  ? -10.864 5.716   1.418   1.00 25.22 ? 146 PHE A N   1 
ATOM   380  C CA  . PHE A 1 53  ? -12.020 6.276   0.700   1.00 25.35 ? 146 PHE A CA  1 
ATOM   381  C C   . PHE A 1 53  ? -11.635 7.580   -0.069  1.00 25.65 ? 146 PHE A C   1 
ATOM   382  O O   . PHE A 1 53  ? -12.015 7.730   -1.197  1.00 26.41 ? 146 PHE A O   1 
ATOM   383  C CB  . PHE A 1 53  ? -13.213 6.506   1.627   1.00 27.98 ? 146 PHE A CB  1 
ATOM   384  C CG  . PHE A 1 53  ? -14.489 6.858   0.899   1.00 30.32 ? 146 PHE A CG  1 
ATOM   385  C CD1 . PHE A 1 53  ? -15.228 5.882   0.251   1.00 35.84 ? 146 PHE A CD1 1 
ATOM   386  C CD2 . PHE A 1 53  ? -14.909 8.175   0.814   1.00 40.24 ? 146 PHE A CD2 1 
ATOM   387  C CE1 . PHE A 1 53  ? -16.363 6.199   -0.466  1.00 39.46 ? 146 PHE A CE1 1 
ATOM   388  C CE2 . PHE A 1 53  ? -16.056 8.511   0.111   1.00 39.16 ? 146 PHE A CE2 1 
ATOM   389  C CZ  . PHE A 1 53  ? -16.789 7.512   -0.528  1.00 40.98 ? 146 PHE A CZ  1 
ATOM   390  N N   . GLU A 1 54  ? -10.847 8.453   0.510   1.00 25.15 ? 147 GLU A N   1 
ATOM   391  C CA  . GLU A 1 54  ? -10.372 9.680   -0.215  1.00 32.78 ? 147 GLU A CA  1 
ATOM   392  C C   . GLU A 1 54  ? -9.544  9.374   -1.448  1.00 31.62 ? 147 GLU A C   1 
ATOM   393  O O   . GLU A 1 54  ? -9.677  10.056  -2.454  1.00 28.99 ? 147 GLU A O   1 
ATOM   394  C CB  . GLU A 1 54  ? -9.456  10.546  0.667   1.00 39.36 ? 147 GLU A CB  1 
ATOM   395  C CG  . GLU A 1 54  ? -10.103 11.455  1.689   1.00 53.94 ? 147 GLU A CG  1 
ATOM   396  C CD  . GLU A 1 54  ? -9.076  12.140  2.662   1.00 65.35 ? 147 GLU A CD  1 
ATOM   397  O OE1 . GLU A 1 54  ? -7.829  12.150  2.387   1.00 67.30 ? 147 GLU A OE1 1 
ATOM   398  O OE2 . GLU A 1 54  ? -9.524  12.681  3.731   1.00 64.88 ? 147 GLU A OE2 1 
ATOM   399  N N   . GLU A 1 55  ? -8.674  8.348   -1.369  1.00 26.28 ? 148 GLU A N   1 
ATOM   400  C CA  . GLU A 1 55  ? -7.792  8.007   -2.523  1.00 28.01 ? 148 GLU A CA  1 
ATOM   401  C C   . GLU A 1 55  ? -8.347  7.052   -3.577  1.00 26.98 ? 148 GLU A C   1 
ATOM   402  O O   . GLU A 1 55  ? -7.772  6.953   -4.669  1.00 29.81 ? 148 GLU A O   1 
ATOM   403  C CB  . GLU A 1 55  ? -6.433  7.482   -1.981  1.00 30.29 ? 148 GLU A CB  1 
ATOM   404  C CG  . GLU A 1 55  ? -5.697  8.539   -1.188  1.00 32.16 ? 148 GLU A CG  1 
ATOM   405  C CD  . GLU A 1 55  ? -4.375  8.070   -0.615  1.00 35.46 ? 148 GLU A CD  1 
ATOM   406  O OE1 . GLU A 1 55  ? -3.826  7.046   -1.031  1.00 30.04 ? 148 GLU A OE1 1 
ATOM   407  O OE2 . GLU A 1 55  ? -3.918  8.718   0.313   1.00 43.84 ? 148 GLU A OE2 1 
ATOM   408  N N   . THR A 1 56  ? -9.360  6.251   -3.215  1.00 26.71 ? 149 THR A N   1 
ATOM   409  C CA  . THR A 1 56  ? -9.893  5.199   -4.115  1.00 27.97 ? 149 THR A CA  1 
ATOM   410  C C   . THR A 1 56  ? -11.380 5.230   -4.292  1.00 27.19 ? 149 THR A C   1 
ATOM   411  O O   . THR A 1 56  ? -11.904 4.525   -5.149  1.00 28.08 ? 149 THR A O   1 
ATOM   412  C CB  . THR A 1 56  ? -9.542  3.760   -3.605  1.00 29.93 ? 149 THR A CB  1 
ATOM   413  O OG1 . THR A 1 56  ? -10.339 3.429   -2.452  1.00 24.79 ? 149 THR A OG1 1 
ATOM   414  C CG2 . THR A 1 56  ? -8.072  3.660   -3.193  1.00 28.35 ? 149 THR A CG2 1 
ATOM   415  N N   . GLY A 1 57  ? -12.094 5.922   -3.419  1.00 28.28 ? 150 GLY A N   1 
ATOM   416  C CA  . GLY A 1 57  ? -13.570 5.836   -3.433  1.00 31.70 ? 150 GLY A CA  1 
ATOM   417  C C   . GLY A 1 57  ? -14.186 4.520   -2.962  1.00 32.37 ? 150 GLY A C   1 
ATOM   418  O O   . GLY A 1 57  ? -15.371 4.291   -3.207  1.00 31.23 ? 150 GLY A O   1 
ATOM   419  N N   . PHE A 1 58  ? -13.407 3.640   -2.323  1.00 27.51 ? 151 PHE A N   1 
ATOM   420  C CA  . PHE A 1 58  ? -13.910 2.350   -1.902  1.00 28.06 ? 151 PHE A CA  1 
ATOM   421  C C   . PHE A 1 58  ? -13.926 2.362   -0.384  1.00 27.38 ? 151 PHE A C   1 
ATOM   422  O O   . PHE A 1 58  ? -12.925 2.781   0.287   1.00 27.71 ? 151 PHE A O   1 
ATOM   423  C CB  . PHE A 1 58  ? -13.121 1.182   -2.531  1.00 28.88 ? 151 PHE A CB  1 
ATOM   424  C CG  . PHE A 1 58  ? -13.641 -0.180  -2.121  1.00 28.18 ? 151 PHE A CG  1 
ATOM   425  C CD1 . PHE A 1 58  ? -14.743 -0.729  -2.773  1.00 28.96 ? 151 PHE A CD1 1 
ATOM   426  C CD2 . PHE A 1 58  ? -13.095 -0.863  -1.046  1.00 30.16 ? 151 PHE A CD2 1 
ATOM   427  C CE1 . PHE A 1 58  ? -15.261 -1.960  -2.398  1.00 31.18 ? 151 PHE A CE1 1 
ATOM   428  C CE2 . PHE A 1 58  ? -13.570 -2.141  -0.689  1.00 31.97 ? 151 PHE A CE2 1 
ATOM   429  C CZ  . PHE A 1 58  ? -14.694 -2.664  -1.350  1.00 32.14 ? 151 PHE A CZ  1 
ATOM   430  N N   . ASP A 1 59  ? -15.069 1.923   0.199   1.00 25.80 ? 152 ASP A N   1 
ATOM   431  C CA  . ASP A 1 59  ? -15.250 2.004   1.672   1.00 29.07 ? 152 ASP A CA  1 
ATOM   432  C C   . ASP A 1 59  ? -14.931 0.669   2.280   1.00 31.30 ? 152 ASP A C   1 
ATOM   433  O O   . ASP A 1 59  ? -15.636 -0.347  2.037   1.00 29.00 ? 152 ASP A O   1 
ATOM   434  C CB  . ASP A 1 59  ? -16.674 2.476   2.028   1.00 32.53 ? 152 ASP A CB  1 
ATOM   435  C CG  . ASP A 1 59  ? -16.916 2.620   3.542   1.00 34.60 ? 152 ASP A CG  1 
ATOM   436  O OD1 . ASP A 1 59  ? -16.035 2.405   4.399   1.00 33.27 ? 152 ASP A OD1 1 
ATOM   437  O OD2 . ASP A 1 59  ? -18.048 2.952   3.885   1.00 42.66 ? 152 ASP A OD2 1 
ATOM   438  N N   . ILE A 1 60  ? -13.868 0.654   3.088   1.00 26.27 ? 153 ILE A N   1 
ATOM   439  C CA  . ILE A 1 60  ? -13.431 -0.617  3.693   1.00 28.89 ? 153 ILE A CA  1 
ATOM   440  C C   . ILE A 1 60  ? -14.012 -0.905  5.075   1.00 28.37 ? 153 ILE A C   1 
ATOM   441  O O   . ILE A 1 60  ? -13.660 -1.887  5.719   1.00 26.36 ? 153 ILE A O   1 
ATOM   442  C CB  . ILE A 1 60  ? -11.884 -0.705  3.800   1.00 27.25 ? 153 ILE A CB  1 
ATOM   443  C CG1 . ILE A 1 60  ? -11.260 0.336   4.732   1.00 29.17 ? 153 ILE A CG1 1 
ATOM   444  C CG2 . ILE A 1 60  ? -11.196 -0.719  2.453   1.00 28.65 ? 153 ILE A CG2 1 
ATOM   445  C CD1 . ILE A 1 60  ? -9.769  0.053   4.900   1.00 28.46 ? 153 ILE A CD1 1 
ATOM   446  N N   . LYS A 1 61  ? -14.853 -0.014  5.579   1.00 28.63 ? 154 LYS A N   1 
ATOM   447  C CA  . LYS A 1 61  ? -15.162 -0.024  6.994   1.00 34.10 ? 154 LYS A CA  1 
ATOM   448  C C   . LYS A 1 61  ? -15.803 -1.388  7.404   1.00 31.82 ? 154 LYS A C   1 
ATOM   449  O O   . LYS A 1 61  ? -15.431 -1.950  8.435   1.00 30.40 ? 154 LYS A O   1 
ATOM   450  C CB  . LYS A 1 61  ? -16.061 1.202   7.318   1.00 36.79 ? 154 LYS A CB  1 
ATOM   451  C CG  . LYS A 1 61  ? -17.122 1.029   8.370   1.00 49.85 ? 154 LYS A CG  1 
ATOM   452  C CD  . LYS A 1 61  ? -17.858 2.356   8.669   1.00 56.87 ? 154 LYS A CD  1 
ATOM   453  C CE  . LYS A 1 61  ? -18.730 2.845   7.508   1.00 65.73 ? 154 LYS A CE  1 
ATOM   454  N NZ  . LYS A 1 61  ? -19.778 1.861   7.061   1.00 72.31 ? 154 LYS A NZ  1 
ATOM   455  N N   . ASP A 1 62  ? -16.660 -1.955  6.548   1.00 31.17 ? 155 ASP A N   1 
ATOM   456  C CA  . ASP A 1 62  ? -17.318 -3.216  6.887   1.00 32.27 ? 155 ASP A CA  1 
ATOM   457  C C   . ASP A 1 62  ? -16.376 -4.427  6.737   1.00 35.93 ? 155 ASP A C   1 
ATOM   458  O O   . ASP A 1 62  ? -16.784 -5.531  7.143   1.00 37.57 ? 155 ASP A O   1 
ATOM   459  C CB  . ASP A 1 62  ? -18.540 -3.470  5.990   1.00 39.18 ? 155 ASP A CB  1 
ATOM   460  C CG  . ASP A 1 62  ? -19.777 -2.571  6.317   1.00 45.24 ? 155 ASP A CG  1 
ATOM   461  O OD1 . ASP A 1 62  ? -19.913 -1.987  7.410   1.00 49.83 ? 155 ASP A OD1 1 
ATOM   462  O OD2 . ASP A 1 62  ? -20.653 -2.505  5.438   1.00 45.22 ? 155 ASP A OD2 1 
ATOM   463  N N   . TYR A 1 63  ? -15.138 -4.251  6.200   1.00 30.12 ? 156 TYR A N   1 
ATOM   464  C CA  . TYR A 1 63  ? -14.192 -5.386  5.949   1.00 27.62 ? 156 TYR A CA  1 
ATOM   465  C C   . TYR A 1 63  ? -12.960 -5.428  6.827   1.00 28.87 ? 156 TYR A C   1 
ATOM   466  O O   . TYR A 1 63  ? -12.292 -6.492  6.977   1.00 28.53 ? 156 TYR A O   1 
ATOM   467  C CB  . TYR A 1 63  ? -13.779 -5.412  4.501   1.00 31.66 ? 156 TYR A CB  1 
ATOM   468  C CG  . TYR A 1 63  ? -14.938 -5.364  3.630   1.00 29.56 ? 156 TYR A CG  1 
ATOM   469  C CD1 . TYR A 1 63  ? -15.965 -6.287  3.807   1.00 33.73 ? 156 TYR A CD1 1 
ATOM   470  C CD2 . TYR A 1 63  ? -15.105 -4.362  2.727   1.00 33.15 ? 156 TYR A CD2 1 
ATOM   471  C CE1 . TYR A 1 63  ? -17.106 -6.237  3.053   1.00 35.89 ? 156 TYR A CE1 1 
ATOM   472  C CE2 . TYR A 1 63  ? -16.258 -4.262  1.967   1.00 30.99 ? 156 TYR A CE2 1 
ATOM   473  C CZ  . TYR A 1 63  ? -17.223 -5.244  2.115   1.00 40.38 ? 156 TYR A CZ  1 
ATOM   474  O OH  . TYR A 1 63  ? -18.364 -5.211  1.389   1.00 43.91 ? 156 TYR A OH  1 
ATOM   475  N N   . ILE A 1 64  ? -12.649 -4.319  7.484   1.00 29.67 ? 157 ILE A N   1 
ATOM   476  C CA  . ILE A 1 64  ? -11.450 -4.307  8.298   1.00 30.92 ? 157 ILE A CA  1 
ATOM   477  C C   . ILE A 1 64  ? -11.527 -5.312  9.397   1.00 35.46 ? 157 ILE A C   1 
ATOM   478  O O   . ILE A 1 64  ? -12.584 -5.399  10.072  1.00 34.35 ? 157 ILE A O   1 
ATOM   479  C CB  . ILE A 1 64  ? -11.217 -2.949  9.012   1.00 34.12 ? 157 ILE A CB  1 
ATOM   480  C CG1 . ILE A 1 64  ? -10.750 -1.899  8.012   1.00 41.00 ? 157 ILE A CG1 1 
ATOM   481  C CG2 . ILE A 1 64  ? -10.095 -3.088  10.035  1.00 36.06 ? 157 ILE A CG2 1 
ATOM   482  C CD1 . ILE A 1 64  ? -10.798 -0.457  8.508   1.00 45.19 ? 157 ILE A CD1 1 
ATOM   483  N N   A CYS A 1 65  ? -10.445 -6.068  9.585   0.25 30.45 ? 158 CYS A N   1 
ATOM   484  N N   B CYS A 1 65  ? -10.436 -6.050  9.613   0.25 37.16 ? 158 CYS A N   1 
ATOM   485  C CA  A CYS A 1 65  ? -10.277 -6.958  10.722  0.25 29.16 ? 158 CYS A CA  1 
ATOM   486  C CA  B CYS A 1 65  ? -10.301 -6.994  10.719  0.25 40.12 ? 158 CYS A CA  1 
ATOM   487  C C   A CYS A 1 65  ? -9.162  -6.403  11.589  0.25 33.18 ? 158 CYS A C   1 
ATOM   488  C C   B CYS A 1 65  ? -9.142  -6.547  11.612  0.25 39.77 ? 158 CYS A C   1 
ATOM   489  O O   A CYS A 1 65  ? -8.055  -6.109  11.102  0.25 33.72 ? 158 CYS A O   1 
ATOM   490  O O   B CYS A 1 65  ? -7.983  -6.503  11.169  0.25 40.70 ? 158 CYS A O   1 
ATOM   491  C CB  A CYS A 1 65  ? -9.946  -8.371  10.268  0.25 26.74 ? 158 CYS A CB  1 
ATOM   492  C CB  B CYS A 1 65  ? -10.082 -8.412  10.186  0.25 44.86 ? 158 CYS A CB  1 
ATOM   493  S SG  A CYS A 1 65  ? -11.242 -9.197  9.329   0.25 21.71 ? 158 CYS A SG  1 
ATOM   494  S SG  B CYS A 1 65  ? -9.526  -9.616  11.424  0.25 58.41 ? 158 CYS A SG  1 
ATOM   495  N N   . LYS A 1 66  ? -9.463  -6.245  12.874  1.00 36.49 ? 159 LYS A N   1 
ATOM   496  C CA  . LYS A 1 66  ? -8.550  -5.591  13.830  1.00 36.63 ? 159 LYS A CA  1 
ATOM   497  C C   . LYS A 1 66  ? -7.149  -6.081  13.977  1.00 36.49 ? 159 LYS A C   1 
ATOM   498  O O   . LYS A 1 66  ? -6.219  -5.264  14.195  1.00 37.11 ? 159 LYS A O   1 
ATOM   499  C CB  . LYS A 1 66  ? -9.200  -5.577  15.228  1.00 38.76 ? 159 LYS A CB  1 
ATOM   500  C CG  . LYS A 1 66  ? -9.265  -6.932  15.907  1.00 42.73 ? 159 LYS A CG  1 
ATOM   501  N N   . ASP A 1 67  ? -6.974  -7.385  13.874  1.00 35.57 ? 160 ASP A N   1 
ATOM   502  C CA  . ASP A 1 67  ? -5.629  -7.979  14.063  1.00 41.63 ? 160 ASP A CA  1 
ATOM   503  C C   . ASP A 1 67  ? -4.915  -8.314  12.755  1.00 42.27 ? 160 ASP A C   1 
ATOM   504  O O   . ASP A 1 67  ? -3.800  -8.836  12.818  1.00 38.18 ? 160 ASP A O   1 
ATOM   505  C CB  . ASP A 1 67  ? -5.752  -9.241  14.923  1.00 49.96 ? 160 ASP A CB  1 
ATOM   506  C CG  . ASP A 1 67  ? -6.346  -8.920  16.297  1.00 61.98 ? 160 ASP A CG  1 
ATOM   507  O OD1 . ASP A 1 67  ? -5.694  -8.151  17.047  1.00 64.00 ? 160 ASP A OD1 1 
ATOM   508  O OD2 . ASP A 1 67  ? -7.489  -9.345  16.573  1.00 71.02 ? 160 ASP A OD2 1 
ATOM   509  N N   . ASP A 1 68  ? -5.542  -8.011  11.594  1.00 35.14 ? 161 ASP A N   1 
ATOM   510  C CA  . ASP A 1 68  ? -4.982  -8.355  10.266  1.00 32.70 ? 161 ASP A CA  1 
ATOM   511  C C   . ASP A 1 68  ? -4.389  -7.130  9.573   1.00 28.61 ? 161 ASP A C   1 
ATOM   512  O O   . ASP A 1 68  ? -5.085  -6.423  8.809   1.00 24.66 ? 161 ASP A O   1 
ATOM   513  C CB  . ASP A 1 68  ? -6.075  -8.920  9.345   1.00 33.35 ? 161 ASP A CB  1 
ATOM   514  C CG  . ASP A 1 68  ? -6.603  -10.256 9.786   1.00 35.67 ? 161 ASP A CG  1 
ATOM   515  O OD1 . ASP A 1 68  ? -6.133  -10.813 10.767  1.00 36.71 ? 161 ASP A OD1 1 
ATOM   516  O OD2 . ASP A 1 68  ? -7.485  -10.786 9.105   1.00 33.71 ? 161 ASP A OD2 1 
ATOM   517  N N   . TYR A 1 69  ? -3.120  -6.877  9.843   1.00 27.62 ? 162 TYR A N   1 
ATOM   518  C CA  . TYR A 1 69  ? -2.381  -5.706  9.304   1.00 27.98 ? 162 TYR A CA  1 
ATOM   519  C C   . TYR A 1 69  ? -0.876  -5.992  9.246   1.00 28.88 ? 162 TYR A C   1 
ATOM   520  O O   . TYR A 1 69  ? -0.409  -6.947  9.872   1.00 33.02 ? 162 TYR A O   1 
ATOM   521  C CB  . TYR A 1 69  ? -2.670  -4.413  10.103  1.00 27.85 ? 162 TYR A CB  1 
ATOM   522  C CG  . TYR A 1 69  ? -2.250  -4.468  11.575  1.00 36.01 ? 162 TYR A CG  1 
ATOM   523  C CD1 . TYR A 1 69  ? -0.895  -4.318  11.967  1.00 35.85 ? 162 TYR A CD1 1 
ATOM   524  C CD2 . TYR A 1 69  ? -3.201  -4.727  12.565  1.00 36.90 ? 162 TYR A CD2 1 
ATOM   525  C CE1 . TYR A 1 69  ? -0.545  -4.378  13.279  1.00 37.56 ? 162 TYR A CE1 1 
ATOM   526  C CE2 . TYR A 1 69  ? -2.844  -4.796  13.897  1.00 41.31 ? 162 TYR A CE2 1 
ATOM   527  C CZ  . TYR A 1 69  ? -1.532  -4.623  14.233  1.00 44.67 ? 162 TYR A CZ  1 
ATOM   528  O OH  . TYR A 1 69  ? -1.231  -4.704  15.547  1.00 55.61 ? 162 TYR A OH  1 
ATOM   529  N N   . ILE A 1 70  ? -0.123  -5.166  8.529   1.00 28.71 ? 163 ILE A N   1 
ATOM   530  C CA  . ILE A 1 70  ? 1.348   -5.151  8.544   1.00 30.32 ? 163 ILE A CA  1 
ATOM   531  C C   . ILE A 1 70  ? 1.788   -3.769  8.923   1.00 29.26 ? 163 ILE A C   1 
ATOM   532  O O   . ILE A 1 70  ? 1.278   -2.778  8.406   1.00 26.46 ? 163 ILE A O   1 
ATOM   533  C CB  . ILE A 1 70  ? 1.857   -5.554  7.141   1.00 37.23 ? 163 ILE A CB  1 
ATOM   534  C CG1 . ILE A 1 70  ? 1.743   -7.065  7.030   1.00 38.59 ? 163 ILE A CG1 1 
ATOM   535  C CG2 . ILE A 1 70  ? 3.325   -5.175  6.950   1.00 44.09 ? 163 ILE A CG2 1 
ATOM   536  C CD1 . ILE A 1 70  ? 1.783   -7.518  5.591   1.00 43.82 ? 163 ILE A CD1 1 
ATOM   537  N N   . GLU A 1 71  ? 2.700   -3.690  9.896   1.00 30.59 ? 164 GLU A N   1 
ATOM   538  C CA  . GLU A 1 71  ? 3.154   -2.441  10.474  1.00 30.63 ? 164 GLU A CA  1 
ATOM   539  C C   . GLU A 1 71  ? 4.691   -2.319  10.334  1.00 33.49 ? 164 GLU A C   1 
ATOM   540  O O   . GLU A 1 71  ? 5.411   -3.293  10.585  1.00 35.77 ? 164 GLU A O   1 
ATOM   541  C CB  . GLU A 1 71  ? 2.790   -2.461  11.930  1.00 36.17 ? 164 GLU A CB  1 
ATOM   542  C CG  . GLU A 1 71  ? 3.105   -1.204  12.693  1.00 45.09 ? 164 GLU A CG  1 
ATOM   543  C CD  . GLU A 1 71  ? 2.431   -1.225  14.080  1.00 52.52 ? 164 GLU A CD  1 
ATOM   544  O OE1 . GLU A 1 71  ? 2.979   -1.844  15.027  1.00 57.22 ? 164 GLU A OE1 1 
ATOM   545  O OE2 . GLU A 1 71  ? 1.327   -0.669  14.199  1.00 47.37 ? 164 GLU A OE2 1 
ATOM   546  N N   . LEU A 1 72  ? 5.170   -1.186  9.851   1.00 30.61 ? 165 LEU A N   1 
ATOM   547  C CA  . LEU A 1 72  ? 6.601   -0.949  9.692   1.00 32.80 ? 165 LEU A CA  1 
ATOM   548  C C   . LEU A 1 72  ? 6.975   0.411   10.240  1.00 34.44 ? 165 LEU A C   1 
ATOM   549  O O   . LEU A 1 72  ? 6.234   1.364   10.139  1.00 35.05 ? 165 LEU A O   1 
ATOM   550  C CB  . LEU A 1 72  ? 7.025   -0.976  8.227   1.00 33.86 ? 165 LEU A CB  1 
ATOM   551  C CG  . LEU A 1 72  ? 6.883   -2.262  7.464   1.00 36.95 ? 165 LEU A CG  1 
ATOM   552  C CD1 . LEU A 1 72  ? 7.272   -2.052  5.999   1.00 36.44 ? 165 LEU A CD1 1 
ATOM   553  C CD2 . LEU A 1 72  ? 7.710   -3.380  8.128   1.00 42.43 ? 165 LEU A CD2 1 
ATOM   554  N N   . ARG A 1 73  ? 8.183   0.506   10.775  1.00 37.78 ? 166 ARG A N   1 
ATOM   555  C CA  . ARG A 1 73  ? 8.708   1.776   11.243  1.00 40.10 ? 166 ARG A CA  1 
ATOM   556  C C   . ARG A 1 73  ? 9.830   2.106   10.274  1.00 39.91 ? 166 ARG A C   1 
ATOM   557  O O   . ARG A 1 73  ? 10.793  1.349   10.126  1.00 39.48 ? 166 ARG A O   1 
ATOM   558  C CB  . ARG A 1 73  ? 9.240   1.671   12.677  1.00 45.92 ? 166 ARG A CB  1 
ATOM   559  C CG  . ARG A 1 73  ? 9.655   3.024   13.234  1.00 52.26 ? 166 ARG A CG  1 
ATOM   560  C CD  . ARG A 1 73  ? 10.363  2.943   14.605  1.00 62.77 ? 166 ARG A CD  1 
ATOM   561  N NE  . ARG A 1 73  ? 11.623  2.150   14.614  1.00 54.87 ? 166 ARG A NE  1 
ATOM   562  C CZ  . ARG A 1 73  ? 11.973  1.283   15.577  1.00 62.54 ? 166 ARG A CZ  1 
ATOM   563  N NH1 . ARG A 1 73  ? 11.201  1.055   16.646  1.00 60.77 ? 166 ARG A NH1 1 
ATOM   564  N NH2 . ARG A 1 73  ? 13.122  0.624   15.488  1.00 63.26 ? 166 ARG A NH2 1 
ATOM   565  N N   . ILE A 1 74  ? 9.701   3.241   9.634   1.00 31.94 ? 167 ILE A N   1 
ATOM   566  C CA  . ILE A 1 74  ? 10.652  3.716   8.699   1.00 40.60 ? 167 ILE A CA  1 
ATOM   567  C C   . ILE A 1 74  ? 11.122  5.105   9.099   1.00 42.61 ? 167 ILE A C   1 
ATOM   568  O O   . ILE A 1 74  ? 10.314  6.041   9.177   1.00 37.00 ? 167 ILE A O   1 
ATOM   569  C CB  . ILE A 1 74  ? 9.982   3.753   7.329   1.00 47.08 ? 167 ILE A CB  1 
ATOM   570  C CG1 . ILE A 1 74  ? 9.619   2.280   6.969   1.00 48.96 ? 167 ILE A CG1 1 
ATOM   571  C CG2 . ILE A 1 74  ? 10.869  4.503   6.316   1.00 46.23 ? 167 ILE A CG2 1 
ATOM   572  C CD1 . ILE A 1 74  ? 9.232   2.026   5.539   1.00 50.10 ? 167 ILE A CD1 1 
ATOM   573  N N   . ASN A 1 75  ? 12.419  5.239   9.382   1.00 40.84 ? 168 ASN A N   1 
ATOM   574  C CA  . ASN A 1 75  ? 12.958  6.510   9.875   1.00 40.52 ? 168 ASN A CA  1 
ATOM   575  C C   . ASN A 1 75  ? 12.148  7.123   10.954  1.00 39.32 ? 168 ASN A C   1 
ATOM   576  O O   . ASN A 1 75  ? 11.778  8.297   10.901  1.00 44.29 ? 168 ASN A O   1 
ATOM   577  C CB  . ASN A 1 75  ? 13.130  7.513   8.721   1.00 40.30 ? 168 ASN A CB  1 
ATOM   578  C CG  . ASN A 1 75  ? 14.082  6.988   7.687   1.00 41.12 ? 168 ASN A CG  1 
ATOM   579  O OD1 . ASN A 1 75  ? 15.126  6.406   8.032   1.00 45.48 ? 168 ASN A OD1 1 
ATOM   580  N ND2 . ASN A 1 75  ? 13.700  7.080   6.428   1.00 41.22 ? 168 ASN A ND2 1 
ATOM   581  N N   . ASP A 1 76  ? 11.840  6.315   11.929  1.00 39.50 ? 169 ASP A N   1 
ATOM   582  C CA  . ASP A 1 76  ? 11.111  6.782   13.085  1.00 52.78 ? 169 ASP A CA  1 
ATOM   583  C C   . ASP A 1 76  ? 9.649   7.227   12.850  1.00 53.34 ? 169 ASP A C   1 
ATOM   584  O O   . ASP A 1 76  ? 9.081   7.874   13.701  1.00 56.76 ? 169 ASP A O   1 
ATOM   585  C CB  . ASP A 1 76  ? 11.925  7.863   13.811  1.00 57.04 ? 169 ASP A CB  1 
ATOM   586  C CG  . ASP A 1 76  ? 12.322  7.424   15.164  1.00 66.98 ? 169 ASP A CG  1 
ATOM   587  O OD1 . ASP A 1 76  ? 13.203  6.485   15.306  1.00 71.27 ? 169 ASP A OD1 1 
ATOM   588  O OD2 . ASP A 1 76  ? 11.689  8.009   16.074  1.00 72.70 ? 169 ASP A OD2 1 
ATOM   589  N N   . GLN A 1 77  ? 9.049   6.861   11.720  1.00 50.42 ? 170 GLN A N   1 
ATOM   590  C CA  . GLN A 1 77  ? 7.605   7.000   11.519  1.00 49.54 ? 170 GLN A CA  1 
ATOM   591  C C   . GLN A 1 77  ? 6.943   5.616   11.331  1.00 49.39 ? 170 GLN A C   1 
ATOM   592  O O   . GLN A 1 77  ? 7.460   4.746   10.616  1.00 42.09 ? 170 GLN A O   1 
ATOM   593  C CB  . GLN A 1 77  ? 7.359   7.890   10.342  1.00 55.15 ? 170 GLN A CB  1 
ATOM   594  C CG  . GLN A 1 77  ? 5.895   7.913   9.882   1.00 70.52 ? 170 GLN A CG  1 
ATOM   595  C CD  . GLN A 1 77  ? 5.403   9.263   9.429   1.00 76.36 ? 170 GLN A CD  1 
ATOM   596  O OE1 . GLN A 1 77  ? 6.071   10.293  9.583   1.00 84.22 ? 170 GLN A OE1 1 
ATOM   597  N NE2 . GLN A 1 77  ? 4.196   9.271   8.892   1.00 93.00 ? 170 GLN A NE2 1 
ATOM   598  N N   . LEU A 1 78  ? 5.800   5.438   11.980  1.00 37.28 ? 171 LEU A N   1 
ATOM   599  C CA  . LEU A 1 78  ? 5.081   4.193   11.983  1.00 42.36 ? 171 LEU A CA  1 
ATOM   600  C C   . LEU A 1 78  ? 4.052   4.189   10.844  1.00 36.61 ? 171 LEU A C   1 
ATOM   601  O O   . LEU A 1 78  ? 3.366   5.179   10.699  1.00 36.06 ? 171 LEU A O   1 
ATOM   602  C CB  . LEU A 1 78  ? 4.348   4.050   13.295  1.00 46.57 ? 171 LEU A CB  1 
ATOM   603  C CG  . LEU A 1 78  ? 3.918   2.625   13.559  1.00 55.74 ? 171 LEU A CG  1 
ATOM   604  C CD1 . LEU A 1 78  ? 4.938   1.987   14.500  1.00 65.83 ? 171 LEU A CD1 1 
ATOM   605  C CD2 . LEU A 1 78  ? 2.492   2.628   14.118  1.00 63.86 ? 171 LEU A CD2 1 
ATOM   606  N N   . ALA A 1 79  ? 3.999   3.105   10.032  1.00 31.30 ? 172 ALA A N   1 
ATOM   607  C CA  . ALA A 1 79  ? 2.963   2.923   8.959   1.00 30.46 ? 172 ALA A CA  1 
ATOM   608  C C   . ALA A 1 79  ? 2.309   1.553   9.117   1.00 33.38 ? 172 ALA A C   1 
ATOM   609  O O   . ALA A 1 79  ? 2.973   0.484   9.136   1.00 33.98 ? 172 ALA A O   1 
ATOM   610  C CB  . ALA A 1 79  ? 3.544   3.126   7.541   1.00 32.34 ? 172 ALA A CB  1 
ATOM   611  N N   . ARG A 1 80  ? 0.980   1.579   9.296   1.00 30.80 ? 173 ARG A N   1 
ATOM   612  C CA  . ARG A 1 80  ? 0.226   0.384   9.445   1.00 27.28 ? 173 ARG A CA  1 
ATOM   613  C C   . ARG A 1 80  ? -0.838  0.266   8.330   1.00 24.02 ? 173 ARG A C   1 
ATOM   614  O O   . ARG A 1 80  ? -1.671  1.178   8.134   1.00 25.26 ? 173 ARG A O   1 
ATOM   615  C CB  . ARG A 1 80  ? -0.460  0.342   10.835  1.00 31.68 ? 173 ARG A CB  1 
ATOM   616  C CG  . ARG A 1 80  ? -1.349  -0.902  10.971  1.00 33.46 ? 173 ARG A CG  1 
ATOM   617  C CD  . ARG A 1 80  ? -2.291  -0.731  12.132  1.00 37.65 ? 173 ARG A CD  1 
ATOM   618  N NE  . ARG A 1 80  ? -1.501  -0.772  13.376  1.00 38.49 ? 173 ARG A NE  1 
ATOM   619  C CZ  . ARG A 1 80  ? -2.033  -0.696  14.599  1.00 47.06 ? 173 ARG A CZ  1 
ATOM   620  N NH1 . ARG A 1 80  ? -3.358  -0.561  14.773  1.00 43.65 ? 173 ARG A NH1 1 
ATOM   621  N NH2 . ARG A 1 80  ? -1.228  -0.742  15.640  1.00 47.25 ? 173 ARG A NH2 1 
ATOM   622  N N   . LEU A 1 81  ? -0.829  -0.888  7.650   1.00 25.64 ? 174 LEU A N   1 
ATOM   623  C CA  . LEU A 1 81  ? -1.761  -1.183  6.523   1.00 23.58 ? 174 LEU A CA  1 
ATOM   624  C C   . LEU A 1 81  ? -2.547  -2.409  6.912   1.00 24.43 ? 174 LEU A C   1 
ATOM   625  O O   . LEU A 1 81  ? -1.987  -3.460  7.091   1.00 23.05 ? 174 LEU A O   1 
ATOM   626  C CB  . LEU A 1 81  ? -0.986  -1.436  5.205   1.00 23.53 ? 174 LEU A CB  1 
ATOM   627  C CG  . LEU A 1 81  ? -0.074  -0.300  4.692   1.00 23.83 ? 174 LEU A CG  1 
ATOM   628  C CD1 . LEU A 1 81  ? 0.639   -0.724  3.405   1.00 25.44 ? 174 LEU A CD1 1 
ATOM   629  C CD2 . LEU A 1 81  ? -0.841  1.047   4.500   1.00 23.70 ? 174 LEU A CD2 1 
ATOM   630  N N   . TYR A 1 82  ? -3.849  -2.249  7.039   1.00 22.80 ? 175 TYR A N   1 
ATOM   631  C CA  . TYR A 1 82  ? -4.789  -3.290  7.254   1.00 21.94 ? 175 TYR A CA  1 
ATOM   632  C C   . TYR A 1 82  ? -4.940  -4.098  5.967   1.00 24.93 ? 175 TYR A C   1 
ATOM   633  O O   . TYR A 1 82  ? -5.009  -3.526  4.855   1.00 24.83 ? 175 TYR A O   1 
ATOM   634  C CB  . TYR A 1 82  ? -6.151  -2.642  7.654   1.00 23.71 ? 175 TYR A CB  1 
ATOM   635  C CG  . TYR A 1 82  ? -6.082  -2.096  9.054   1.00 24.94 ? 175 TYR A CG  1 
ATOM   636  C CD1 . TYR A 1 82  ? -6.306  -2.932  10.152  1.00 28.02 ? 175 TYR A CD1 1 
ATOM   637  C CD2 . TYR A 1 82  ? -5.764  -0.795  9.295   1.00 29.22 ? 175 TYR A CD2 1 
ATOM   638  C CE1 . TYR A 1 82  ? -6.229  -2.439  11.463  1.00 29.81 ? 175 TYR A CE1 1 
ATOM   639  C CE2 . TYR A 1 82  ? -5.619  -0.320  10.586  1.00 33.62 ? 175 TYR A CE2 1 
ATOM   640  C CZ  . TYR A 1 82  ? -5.872  -1.139  11.668  1.00 31.12 ? 175 TYR A CZ  1 
ATOM   641  O OH  . TYR A 1 82  ? -5.697  -0.581  12.934  1.00 34.38 ? 175 TYR A OH  1 
ATOM   642  N N   . ILE A 1 83  ? -5.006  -5.426  6.107   1.00 21.82 ? 176 ILE A N   1 
ATOM   643  C CA  . ILE A 1 83  ? -5.113  -6.324  4.973   1.00 23.84 ? 176 ILE A CA  1 
ATOM   644  C C   . ILE A 1 83  ? -6.595  -6.646  4.657   1.00 23.03 ? 176 ILE A C   1 
ATOM   645  O O   . ILE A 1 83  ? -7.295  -7.114  5.485   1.00 26.20 ? 176 ILE A O   1 
ATOM   646  C CB  . ILE A 1 83  ? -4.261  -7.558  5.237   1.00 24.98 ? 176 ILE A CB  1 
ATOM   647  C CG1 . ILE A 1 83  ? -2.782  -7.114  5.364   1.00 27.62 ? 176 ILE A CG1 1 
ATOM   648  C CG2 . ILE A 1 83  ? -4.308  -8.533  4.086   1.00 24.51 ? 176 ILE A CG2 1 
ATOM   649  C CD1 . ILE A 1 83  ? -1.944  -8.183  6.000   1.00 35.81 ? 176 ILE A CD1 1 
ATOM   650  N N   . ILE A 1 84  ? -7.026  -6.395  3.421   1.00 23.57 ? 177 ILE A N   1 
ATOM   651  C CA  . ILE A 1 84  ? -8.405  -6.489  2.985   1.00 24.76 ? 177 ILE A CA  1 
ATOM   652  C C   . ILE A 1 84  ? -8.498  -7.377  1.734   1.00 20.28 ? 177 ILE A C   1 
ATOM   653  O O   . ILE A 1 84  ? -8.468  -6.879  0.630   1.00 21.00 ? 177 ILE A O   1 
ATOM   654  C CB  . ILE A 1 84  ? -8.935  -5.093  2.660   1.00 26.54 ? 177 ILE A CB  1 
ATOM   655  C CG1 . ILE A 1 84  ? -8.693  -4.099  3.832   1.00 26.15 ? 177 ILE A CG1 1 
ATOM   656  C CG2 . ILE A 1 84  ? -10.423 -5.191  2.347   1.00 27.56 ? 177 ILE A CG2 1 
ATOM   657  C CD1 . ILE A 1 84  ? -9.545  -4.328  5.038   1.00 29.95 ? 177 ILE A CD1 1 
ATOM   658  N N   . PRO A 1 85  ? -8.603  -8.708  1.886   1.00 25.06 ? 178 PRO A N   1 
ATOM   659  C CA  . PRO A 1 85  ? -8.702  -9.635  0.722   1.00 23.01 ? 178 PRO A CA  1 
ATOM   660  C C   . PRO A 1 85  ? -10.062 -9.754  0.108   1.00 22.77 ? 178 PRO A C   1 
ATOM   661  O O   . PRO A 1 85  ? -11.064 -9.356  0.700   1.00 24.71 ? 178 PRO A O   1 
ATOM   662  C CB  . PRO A 1 85  ? -8.385  -11.016 1.301   1.00 25.64 ? 178 PRO A CB  1 
ATOM   663  C CG  . PRO A 1 85  ? -8.033  -10.770 2.713   1.00 29.09 ? 178 PRO A CG  1 
ATOM   664  C CD  . PRO A 1 85  ? -8.473  -9.423  3.163   1.00 25.73 ? 178 PRO A CD  1 
ATOM   665  N N   . GLY A 1 86  ? -10.098 -10.364 -1.054  1.00 23.56 ? 179 GLY A N   1 
ATOM   666  C CA  . GLY A 1 86  ? -11.374 -10.718 -1.732  1.00 26.67 ? 179 GLY A CA  1 
ATOM   667  C C   . GLY A 1 86  ? -12.202 -9.604  -2.342  1.00 28.34 ? 179 GLY A C   1 
ATOM   668  O O   . GLY A 1 86  ? -13.426 -9.735  -2.467  1.00 28.03 ? 179 GLY A O   1 
ATOM   669  N N   . ILE A 1 87  ? -11.573 -8.494  -2.740  1.00 25.98 ? 180 ILE A N   1 
ATOM   670  C CA  . ILE A 1 87  ? -12.313 -7.420  -3.387  1.00 28.59 ? 180 ILE A CA  1 
ATOM   671  C C   . ILE A 1 87  ? -12.358 -7.644  -4.912  1.00 28.05 ? 180 ILE A C   1 
ATOM   672  O O   . ILE A 1 87  ? -11.324 -7.704  -5.543  1.00 27.71 ? 180 ILE A O   1 
ATOM   673  C CB  . ILE A 1 87  ? -11.720 -6.031  -3.033  1.00 25.92 ? 180 ILE A CB  1 
ATOM   674  C CG1 . ILE A 1 87  ? -11.727 -5.831  -1.513  1.00 26.76 ? 180 ILE A CG1 1 
ATOM   675  C CG2 . ILE A 1 87  ? -12.429 -4.931  -3.780  1.00 27.78 ? 180 ILE A CG2 1 
ATOM   676  C CD1 . ILE A 1 87  ? -13.015 -6.205  -0.765  1.00 27.98 ? 180 ILE A CD1 1 
ATOM   677  N N   . PRO A 1 88  ? -13.564 -7.714  -5.511  1.00 31.33 ? 181 PRO A N   1 
ATOM   678  C CA  . PRO A 1 88  ? -13.578 -8.118  -6.958  1.00 32.13 ? 181 PRO A CA  1 
ATOM   679  C C   . PRO A 1 88  ? -12.774 -7.180  -7.854  1.00 30.51 ? 181 PRO A C   1 
ATOM   680  O O   . PRO A 1 88  ? -12.774 -5.902  -7.658  1.00 29.15 ? 181 PRO A O   1 
ATOM   681  C CB  . PRO A 1 88  ? -15.101 -8.105  -7.346  1.00 35.00 ? 181 PRO A CB  1 
ATOM   682  C CG  . PRO A 1 88  ? -15.833 -8.150  -6.019  1.00 37.32 ? 181 PRO A CG  1 
ATOM   683  C CD  . PRO A 1 88  ? -14.933 -7.541  -4.961  1.00 35.20 ? 181 PRO A CD  1 
ATOM   684  N N   . LYS A 1 89  ? -12.106 -7.791  -8.833  1.00 33.18 ? 182 LYS A N   1 
ATOM   685  C CA  . LYS A 1 89  ? -11.282 -7.076  -9.767  1.00 35.77 ? 182 LYS A CA  1 
ATOM   686  C C   . LYS A 1 89  ? -12.025 -6.068  -10.601 1.00 37.59 ? 182 LYS A C   1 
ATOM   687  O O   . LYS A 1 89  ? -11.414 -5.111  -11.046 1.00 40.92 ? 182 LYS A O   1 
ATOM   688  C CB  . LYS A 1 89  ? -10.437 -8.015  -10.650 1.00 47.84 ? 182 LYS A CB  1 
ATOM   689  C CG  . LYS A 1 89  ? -8.945  -7.947  -10.330 1.00 58.36 ? 182 LYS A CG  1 
ATOM   690  C CD  . LYS A 1 89  ? -8.031  -8.242  -11.519 1.00 68.72 ? 182 LYS A CD  1 
ATOM   691  C CE  . LYS A 1 89  ? -8.246  -9.626  -12.082 1.00 72.31 ? 182 LYS A CE  1 
ATOM   692  N NZ  . LYS A 1 89  ? -8.138  -10.681 -11.024 1.00 77.96 ? 182 LYS A NZ  1 
ATOM   693  N N   . ASP A 1 90  ? -13.327 -6.238  -10.795 1.00 38.34 ? 183 ASP A N   1 
ATOM   694  C CA  . ASP A 1 90  ? -14.128 -5.282  -11.572 1.00 40.98 ? 183 ASP A CA  1 
ATOM   695  C C   . ASP A 1 90  ? -14.773 -4.150  -10.736 1.00 37.77 ? 183 ASP A C   1 
ATOM   696  O O   . ASP A 1 90  ? -15.556 -3.367  -11.258 1.00 36.83 ? 183 ASP A O   1 
ATOM   697  C CB  . ASP A 1 90  ? -15.168 -6.056  -12.399 1.00 44.90 ? 183 ASP A CB  1 
ATOM   698  C CG  . ASP A 1 90  ? -16.207 -6.806  -11.525 1.00 54.56 ? 183 ASP A CG  1 
ATOM   699  O OD1 . ASP A 1 90  ? -16.249 -6.708  -10.276 1.00 56.83 ? 183 ASP A OD1 1 
ATOM   700  O OD2 . ASP A 1 90  ? -17.026 -7.500  -12.104 1.00 58.37 ? 183 ASP A OD2 1 
ATOM   701  N N   . THR A 1 91  ? -14.419 -4.012  -9.456  1.00 34.03 ? 184 THR A N   1 
ATOM   702  C CA  . THR A 1 91  ? -14.814 -2.805  -8.677  1.00 30.66 ? 184 THR A CA  1 
ATOM   703  C C   . THR A 1 91  ? -14.359 -1.537  -9.368  1.00 33.82 ? 184 THR A C   1 
ATOM   704  O O   . THR A 1 91  ? -13.235 -1.470  -9.908  1.00 37.12 ? 184 THR A O   1 
ATOM   705  C CB  . THR A 1 91  ? -14.209 -2.868  -7.273  1.00 30.25 ? 184 THR A CB  1 
ATOM   706  O OG1 . THR A 1 91  ? -14.484 -4.179  -6.650  1.00 28.90 ? 184 THR A OG1 1 
ATOM   707  C CG2 . THR A 1 91  ? -14.672 -1.721  -6.434  1.00 30.22 ? 184 THR A CG2 1 
ATOM   708  N N   . LYS A 1 92  ? -15.222 -0.530  -9.388  1.00 38.38 ? 185 LYS A N   1 
ATOM   709  C CA  . LYS A 1 92  ? -14.906 0.811   -9.917  1.00 38.28 ? 185 LYS A CA  1 
ATOM   710  C C   . LYS A 1 92  ? -14.406 1.728   -8.807  1.00 37.58 ? 185 LYS A C   1 
ATOM   711  O O   . LYS A 1 92  ? -15.121 2.031   -7.902  1.00 36.07 ? 185 LYS A O   1 
ATOM   712  C CB  . LYS A 1 92  ? -16.184 1.478   -10.548 1.00 47.75 ? 185 LYS A CB  1 
ATOM   713  C CG  . LYS A 1 92  ? -16.756 0.787   -11.807 1.00 46.53 ? 185 LYS A CG  1 
ATOM   714  C CD  . LYS A 1 92  ? -15.700 0.003   -12.621 1.00 53.81 ? 185 LYS A CD  1 
ATOM   715  N N   . PHE A 1 93  ? -13.188 2.220   -8.957  1.00 34.45 ? 186 PHE A N   1 
ATOM   716  C CA  . PHE A 1 93  ? -12.474 2.997   -7.969  1.00 33.69 ? 186 PHE A CA  1 
ATOM   717  C C   . PHE A 1 93  ? -12.454 4.396   -8.592  1.00 35.90 ? 186 PHE A C   1 
ATOM   718  O O   . PHE A 1 93  ? -12.395 4.508   -9.795  1.00 40.93 ? 186 PHE A O   1 
ATOM   719  C CB  . PHE A 1 93  ? -11.054 2.429   -7.759  1.00 31.69 ? 186 PHE A CB  1 
ATOM   720  C CG  . PHE A 1 93  ? -11.025 1.019   -7.191  1.00 28.31 ? 186 PHE A CG  1 
ATOM   721  C CD1 . PHE A 1 93  ? -11.317 0.805   -5.838  1.00 29.51 ? 186 PHE A CD1 1 
ATOM   722  C CD2 . PHE A 1 93  ? -10.734 -0.082  -7.987  1.00 26.26 ? 186 PHE A CD2 1 
ATOM   723  C CE1 . PHE A 1 93  ? -11.304 -0.472  -5.291  1.00 30.34 ? 186 PHE A CE1 1 
ATOM   724  C CE2 . PHE A 1 93  ? -10.723 -1.366  -7.462  1.00 26.58 ? 186 PHE A CE2 1 
ATOM   725  C CZ  . PHE A 1 93  ? -10.962 -1.572  -6.111  1.00 27.86 ? 186 PHE A CZ  1 
ATOM   726  N N   . ASN A 1 94  ? -12.560 5.436   -7.791  1.00 37.98 ? 187 ASN A N   1 
ATOM   727  C CA  . ASN A 1 94  ? -12.444 6.843   -8.229  1.00 40.83 ? 187 ASN A CA  1 
ATOM   728  C C   . ASN A 1 94  ? -12.022 7.714   -7.071  1.00 35.59 ? 187 ASN A C   1 
ATOM   729  O O   . ASN A 1 94  ? -12.740 7.764   -6.098  1.00 34.57 ? 187 ASN A O   1 
ATOM   730  C CB  . ASN A 1 94  ? -13.830 7.329   -8.620  1.00 48.46 ? 187 ASN A CB  1 
ATOM   731  C CG  . ASN A 1 94  ? -14.218 6.861   -9.991  1.00 57.54 ? 187 ASN A CG  1 
ATOM   732  O OD1 . ASN A 1 94  ? -15.142 6.036   -10.150 1.00 59.24 ? 187 ASN A OD1 1 
ATOM   733  N ND2 . ASN A 1 94  ? -13.466 7.335   -11.001 1.00 53.14 ? 187 ASN A ND2 1 
ATOM   734  N N   . PRO A 1 95  ? -10.906 8.443   -7.188  1.00 35.90 ? 188 PRO A N   1 
ATOM   735  C CA  . PRO A 1 95  ? -10.535 9.282   -6.052  1.00 33.20 ? 188 PRO A CA  1 
ATOM   736  C C   . PRO A 1 95  ? -11.498 10.459  -5.904  1.00 38.92 ? 188 PRO A C   1 
ATOM   737  O O   . PRO A 1 95  ? -12.250 10.817  -6.838  1.00 38.49 ? 188 PRO A O   1 
ATOM   738  C CB  . PRO A 1 95  ? -9.148  9.766   -6.413  1.00 31.27 ? 188 PRO A CB  1 
ATOM   739  C CG  . PRO A 1 95  ? -9.162  9.801   -7.881  1.00 35.88 ? 188 PRO A CG  1 
ATOM   740  C CD  . PRO A 1 95  ? -9.950  8.593   -8.311  1.00 36.81 ? 188 PRO A CD  1 
ATOM   741  N N   . LYS A 1 96  ? -11.459 11.037  -4.720  1.00 39.35 ? 189 LYS A N   1 
ATOM   742  C CA  . LYS A 1 96  ? -12.157 12.264  -4.435  1.00 45.72 ? 189 LYS A CA  1 
ATOM   743  C C   . LYS A 1 96  ? -11.651 13.422  -5.308  1.00 48.48 ? 189 LYS A C   1 
ATOM   744  O O   . LYS A 1 96  ? -12.477 14.145  -5.859  1.00 49.04 ? 189 LYS A O   1 
ATOM   745  C CB  . LYS A 1 96  ? -12.043 12.661  -2.970  1.00 52.63 ? 189 LYS A CB  1 
ATOM   746  C CG  . LYS A 1 96  ? -12.926 11.847  -1.976  1.00 67.78 ? 189 LYS A CG  1 
ATOM   747  C CD  . LYS A 1 96  ? -14.236 11.181  -2.485  1.00 71.23 ? 189 LYS A CD  1 
ATOM   748  C CE  . LYS A 1 96  ? -14.040 9.740   -3.023  1.00 65.81 ? 189 LYS A CE  1 
ATOM   749  N NZ  . LYS A 1 96  ? -15.102 9.261   -3.982  1.00 63.42 ? 189 LYS A NZ  1 
ATOM   750  N N   . THR A 1 97  ? -10.343 13.688  -5.315  0.50 44.85 ? 190 THR A N   1 
ATOM   751  C CA  . THR A 1 97  ? -9.786  14.679  -6.253  0.50 42.83 ? 190 THR A CA  1 
ATOM   752  C C   . THR A 1 97  ? -8.557  14.169  -6.931  0.50 44.60 ? 190 THR A C   1 
ATOM   753  O O   . THR A 1 97  ? -7.562  13.719  -6.317  0.50 42.28 ? 190 THR A O   1 
ATOM   754  C CB  . THR A 1 97  ? -9.445  16.059  -5.652  0.50 41.50 ? 190 THR A CB  1 
ATOM   755  O OG1 . THR A 1 97  ? -9.172  16.971  -6.722  0.50 39.38 ? 190 THR A OG1 1 
ATOM   756  C CG2 . THR A 1 97  ? -8.224  15.997  -4.747  0.50 41.00 ? 190 THR A CG2 1 
ATOM   757  N N   . ARG A 1 98  ? -8.660  14.286  -8.238  0.50 44.24 ? 191 ARG A N   1 
ATOM   758  C CA  . ARG A 1 98  ? -7.587  13.960  -9.141  0.50 44.64 ? 191 ARG A CA  1 
ATOM   759  C C   . ARG A 1 98  ? -6.467  15.002  -9.147  0.50 40.83 ? 191 ARG A C   1 
ATOM   760  O O   . ARG A 1 98  ? -5.466  14.829  -9.852  0.50 42.09 ? 191 ARG A O   1 
ATOM   761  C CB  . ARG A 1 98  ? -8.167  13.661  -10.525 0.50 46.50 ? 191 ARG A CB  1 
ATOM   762  C CG  . ARG A 1 98  ? -8.909  12.333  -10.478 0.50 47.54 ? 191 ARG A CG  1 
ATOM   763  C CD  . ARG A 1 98  ? -8.827  11.542  -11.763 0.50 46.11 ? 191 ARG A CD  1 
ATOM   764  N NE  . ARG A 1 98  ? -7.464  11.324  -12.234 0.50 43.25 ? 191 ARG A NE  1 
ATOM   765  C CZ  . ARG A 1 98  ? -7.163  11.292  -13.527 0.50 44.01 ? 191 ARG A CZ  1 
ATOM   766  N NH1 . ARG A 1 98  ? -8.124  11.492  -14.420 0.50 43.57 ? 191 ARG A NH1 1 
ATOM   767  N NH2 . ARG A 1 98  ? -5.922  11.092  -13.933 0.50 42.57 ? 191 ARG A NH2 1 
ATOM   768  N N   . ARG A 1 99  ? -6.612  16.050  -8.328  1.00 37.02 ? 192 ARG A N   1 
ATOM   769  C CA  . ARG A 1 99  ? -5.494  16.905  -7.940  1.00 36.08 ? 192 ARG A CA  1 
ATOM   770  C C   . ARG A 1 99  ? -4.515  16.229  -7.056  1.00 35.45 ? 192 ARG A C   1 
ATOM   771  O O   . ARG A 1 99  ? -3.402  16.734  -6.932  1.00 27.86 ? 192 ARG A O   1 
ATOM   772  C CB  . ARG A 1 99  ? -5.979  18.173  -7.211  1.00 45.10 ? 192 ARG A CB  1 
ATOM   773  C CG  . ARG A 1 99  ? -6.656  19.186  -8.122  1.00 46.99 ? 192 ARG A CG  1 
ATOM   774  C CD  . ARG A 1 99  ? -7.286  20.284  -7.244  1.00 59.51 ? 192 ARG A CD  1 
ATOM   775  N NE  . ARG A 1 99  ? -6.990  21.606  -7.747  1.00 65.81 ? 192 ARG A NE  1 
ATOM   776  C CZ  . ARG A 1 99  ? -7.641  22.216  -8.730  1.00 70.40 ? 192 ARG A CZ  1 
ATOM   777  N NH1 . ARG A 1 99  ? -8.684  21.657  -9.329  1.00 80.41 ? 192 ARG A NH1 1 
ATOM   778  N NH2 . ARG A 1 99  ? -7.253  23.417  -9.107  1.00 65.55 ? 192 ARG A NH2 1 
ATOM   779  N N   . GLU A 1 100 ? -4.883  15.065  -6.451  1.00 33.55 ? 193 GLU A N   1 
ATOM   780  C CA  . GLU A 1 100 ? -3.945  14.294  -5.627  1.00 32.76 ? 193 GLU A CA  1 
ATOM   781  C C   . GLU A 1 100 ? -3.514  12.940  -6.205  1.00 27.64 ? 193 GLU A C   1 
ATOM   782  O O   . GLU A 1 100 ? -2.397  12.524  -5.952  1.00 28.62 ? 193 GLU A O   1 
ATOM   783  C CB  . GLU A 1 100 ? -4.602  14.059  -4.271  1.00 43.50 ? 193 GLU A CB  1 
ATOM   784  C CG  . GLU A 1 100 ? -4.923  15.387  -3.566  1.00 53.30 ? 193 GLU A CG  1 
ATOM   785  C CD  . GLU A 1 100 ? -5.405  15.179  -2.151  1.00 61.69 ? 193 GLU A CD  1 
ATOM   786  O OE1 . GLU A 1 100 ? -4.503  15.078  -1.284  1.00 67.66 ? 193 GLU A OE1 1 
ATOM   787  O OE2 . GLU A 1 100 ? -6.651  15.067  -1.929  1.00 68.33 ? 193 GLU A OE2 1 
ATOM   788  N N   . ILE A 1 101 ? -4.414  12.277  -6.928  1.00 23.86 ? 194 ILE A N   1 
ATOM   789  C CA  . ILE A 1 101 ? -4.231  10.911  -7.421  1.00 26.47 ? 194 ILE A CA  1 
ATOM   790  C C   . ILE A 1 101 ? -4.301  10.908  -8.956  1.00 27.82 ? 194 ILE A C   1 
ATOM   791  O O   . ILE A 1 101 ? -5.336  11.306  -9.529  1.00 26.36 ? 194 ILE A O   1 
ATOM   792  C CB  . ILE A 1 101 ? -5.325  9.933   -6.855  1.00 26.67 ? 194 ILE A CB  1 
ATOM   793  C CG1 . ILE A 1 101 ? -5.237  9.802   -5.308  1.00 26.94 ? 194 ILE A CG1 1 
ATOM   794  C CG2 . ILE A 1 101 ? -5.291  8.544   -7.538  1.00 25.88 ? 194 ILE A CG2 1 
ATOM   795  C CD1 . ILE A 1 101 ? -3.874  9.506   -4.678  1.00 25.30 ? 194 ILE A CD1 1 
ATOM   796  N N   . ARG A 1 102 ? -3.212  10.462  -9.608  1.00 24.61 ? 195 ARG A N   1 
ATOM   797  C CA  . ARG A 1 102 ? -3.147  10.359  -11.074 1.00 26.88 ? 195 ARG A CA  1 
ATOM   798  C C   . ARG A 1 102 ? -3.868  9.131   -11.592 1.00 26.34 ? 195 ARG A C   1 
ATOM   799  O O   . ARG A 1 102 ? -4.568  9.192   -12.604 1.00 26.90 ? 195 ARG A O   1 
ATOM   800  C CB  . ARG A 1 102 ? -1.661  10.367  -11.607 1.00 25.50 ? 195 ARG A CB  1 
ATOM   801  C CG  . ARG A 1 102 ? -1.527  10.576  -13.143 1.00 25.25 ? 195 ARG A CG  1 
ATOM   802  C CD  . ARG A 1 102 ? -0.179  10.169  -13.688 1.00 24.30 ? 195 ARG A CD  1 
ATOM   803  N NE  . ARG A 1 102 ? 0.863   11.067  -13.204 1.00 25.20 ? 195 ARG A NE  1 
ATOM   804  C CZ  . ARG A 1 102 ? 1.091   12.281  -13.739 1.00 26.51 ? 195 ARG A CZ  1 
ATOM   805  N NH1 . ARG A 1 102 ? 0.368   12.721  -14.813 1.00 26.55 ? 195 ARG A NH1 1 
ATOM   806  N NH2 . ARG A 1 102 ? 2.047   13.039  -13.254 1.00 26.98 ? 195 ARG A NH2 1 
ATOM   807  N N   . ASN A 1 103 ? -3.677  7.994   -10.924 1.00 25.54 ? 196 ASN A N   1 
ATOM   808  C CA  . ASN A 1 103 ? -4.114  6.692   -11.463 1.00 24.60 ? 196 ASN A CA  1 
ATOM   809  C C   . ASN A 1 103 ? -4.164  5.636   -10.326 1.00 24.62 ? 196 ASN A C   1 
ATOM   810  O O   . ASN A 1 103 ? -3.608  5.850   -9.244  1.00 21.65 ? 196 ASN A O   1 
ATOM   811  C CB  . ASN A 1 103 ? -3.108  6.245   -12.551 1.00 24.51 ? 196 ASN A CB  1 
ATOM   812  C CG  . ASN A 1 103 ? -3.733  5.343   -13.589 1.00 30.15 ? 196 ASN A CG  1 
ATOM   813  O OD1 . ASN A 1 103 ? -4.890  4.966   -13.454 1.00 30.87 ? 196 ASN A OD1 1 
ATOM   814  N ND2 . ASN A 1 103 ? -2.908  4.856   -14.568 1.00 32.07 ? 196 ASN A ND2 1 
ATOM   815  N N   . ILE A 1 104 ? -4.917  4.564   -10.554 1.00 22.64 ? 197 ILE A N   1 
ATOM   816  C CA  . ILE A 1 104 ? -5.234  3.491   -9.608  1.00 23.84 ? 197 ILE A CA  1 
ATOM   817  C C   . ILE A 1 104 ? -5.205  2.215   -10.445 1.00 25.40 ? 197 ILE A C   1 
ATOM   818  O O   . ILE A 1 104 ? -5.916  2.168   -11.442 1.00 24.03 ? 197 ILE A O   1 
ATOM   819  C CB  . ILE A 1 104 ? -6.669  3.621   -9.017  1.00 23.47 ? 197 ILE A CB  1 
ATOM   820  C CG1 . ILE A 1 104 ? -6.796  4.837   -8.121  1.00 24.30 ? 197 ILE A CG1 1 
ATOM   821  C CG2 . ILE A 1 104 ? -7.023  2.352   -8.165  1.00 23.58 ? 197 ILE A CG2 1 
ATOM   822  C CD1 . ILE A 1 104 ? -8.220  5.255   -7.796  1.00 26.71 ? 197 ILE A CD1 1 
ATOM   823  N N   . GLU A 1 105 ? -4.381  1.229   -10.099 1.00 24.83 ? 198 GLU A N   1 
ATOM   824  C CA  . GLU A 1 105 ? -4.247  -0.018  -10.904 1.00 26.05 ? 198 GLU A CA  1 
ATOM   825  C C   . GLU A 1 105 ? -4.014  -1.243  -10.056 1.00 21.91 ? 198 GLU A C   1 
ATOM   826  O O   . GLU A 1 105 ? -3.397  -1.188  -8.951  1.00 21.64 ? 198 GLU A O   1 
ATOM   827  C CB  . GLU A 1 105 ? -3.092  0.039   -11.919 1.00 28.74 ? 198 GLU A CB  1 
ATOM   828  C CG  . GLU A 1 105 ? -3.247  1.017   -13.092 1.00 35.63 ? 198 GLU A CG  1 
ATOM   829  C CD  . GLU A 1 105 ? -2.021  1.029   -14.037 1.00 40.80 ? 198 GLU A CD  1 
ATOM   830  O OE1 . GLU A 1 105 ? -1.220  0.049   -14.045 1.00 41.28 ? 198 GLU A OE1 1 
ATOM   831  O OE2 . GLU A 1 105 ? -1.861  2.023   -14.808 1.00 55.15 ? 198 GLU A OE2 1 
ATOM   832  N N   . TRP A 1 106 ? -4.433  -2.387  -10.595 1.00 22.19 ? 199 TRP A N   1 
ATOM   833  C CA  . TRP A 1 106 ? -4.076  -3.694  -10.001 1.00 23.95 ? 199 TRP A CA  1 
ATOM   834  C C   . TRP A 1 106 ? -2.663  -4.145  -10.454 1.00 26.50 ? 199 TRP A C   1 
ATOM   835  O O   . TRP A 1 106 ? -2.338  -4.015  -11.650 1.00 26.10 ? 199 TRP A O   1 
ATOM   836  C CB  . TRP A 1 106 ? -5.113  -4.822  -10.394 1.00 25.33 ? 199 TRP A CB  1 
ATOM   837  C CG  . TRP A 1 106 ? -6.470  -4.675  -9.767  1.00 24.73 ? 199 TRP A CG  1 
ATOM   838  C CD1 . TRP A 1 106 ? -7.640  -4.209  -10.406 1.00 25.23 ? 199 TRP A CD1 1 
ATOM   839  C CD2 . TRP A 1 106 ? -6.883  -5.041  -8.416  1.00 22.77 ? 199 TRP A CD2 1 
ATOM   840  N NE1 . TRP A 1 106 ? -8.705  -4.253  -9.515  1.00 27.62 ? 199 TRP A NE1 1 
ATOM   841  C CE2 . TRP A 1 106 ? -8.273  -4.701  -8.291  1.00 23.64 ? 199 TRP A CE2 1 
ATOM   842  C CE3 . TRP A 1 106 ? -6.225  -5.530  -7.308  1.00 23.55 ? 199 TRP A CE3 1 
ATOM   843  C CZ2 . TRP A 1 106 ? -8.997  -4.916  -7.122  1.00 23.63 ? 199 TRP A CZ2 1 
ATOM   844  C CZ3 . TRP A 1 106 ? -6.950  -5.715  -6.083  1.00 22.91 ? 199 TRP A CZ3 1 
ATOM   845  C CH2 . TRP A 1 106 ? -8.327  -5.446  -6.021  1.00 25.83 ? 199 TRP A CH2 1 
ATOM   846  N N   . PHE A 1 107 ? -1.848  -4.706  -9.545  1.00 25.49 ? 200 PHE A N   1 
ATOM   847  C CA  . PHE A 1 107 ? -0.517  -5.220  -9.884  1.00 25.94 ? 200 PHE A CA  1 
ATOM   848  C C   . PHE A 1 107 ? -0.359  -6.612  -9.394  1.00 26.99 ? 200 PHE A C   1 
ATOM   849  O O   . PHE A 1 107 ? -0.835  -6.949  -8.265  1.00 25.83 ? 200 PHE A O   1 
ATOM   850  C CB  . PHE A 1 107 ? 0.620   -4.303  -9.307  1.00 24.31 ? 200 PHE A CB  1 
ATOM   851  C CG  . PHE A 1 107 ? 0.760   -2.951  -10.030 1.00 24.27 ? 200 PHE A CG  1 
ATOM   852  C CD1 . PHE A 1 107 ? -0.005  -1.845  -9.628  1.00 25.23 ? 200 PHE A CD1 1 
ATOM   853  C CD2 . PHE A 1 107 ? 1.586   -2.817  -11.179 1.00 24.27 ? 200 PHE A CD2 1 
ATOM   854  C CE1 . PHE A 1 107 ? 0.094   -0.619  -10.322 1.00 25.93 ? 200 PHE A CE1 1 
ATOM   855  C CE2 . PHE A 1 107 ? 1.687   -1.601  -11.851 1.00 24.43 ? 200 PHE A CE2 1 
ATOM   856  C CZ  . PHE A 1 107 ? 0.938   -0.494  -11.405 1.00 21.79 ? 200 PHE A CZ  1 
ATOM   857  N N   . SER A 1 108 ? 0.308   -7.456  -10.208 1.00 24.75 ? 201 SER A N   1 
ATOM   858  C CA  . SER A 1 108 ? 0.595   -8.823  -9.794  1.00 25.56 ? 201 SER A CA  1 
ATOM   859  C C   . SER A 1 108 ? 1.615   -8.833  -8.663  1.00 22.44 ? 201 SER A C   1 
ATOM   860  O O   . SER A 1 108 ? 2.736   -8.346  -8.871  1.00 24.07 ? 201 SER A O   1 
ATOM   861  C CB  . SER A 1 108 ? 1.139   -9.713  -10.958 1.00 26.72 ? 201 SER A CB  1 
ATOM   862  O OG  . SER A 1 108 ? 1.975   -10.727 -10.422 1.00 28.51 ? 201 SER A OG  1 
ATOM   863  N N   . ILE A 1 109 ? 1.260   -9.497  -7.545  1.00 23.38 ? 202 ILE A N   1 
ATOM   864  C CA  . ILE A 1 109 ? 2.155   -9.609  -6.385  1.00 25.79 ? 202 ILE A CA  1 
ATOM   865  C C   . ILE A 1 109 ? 3.481   -10.296 -6.702  1.00 29.26 ? 202 ILE A C   1 
ATOM   866  O O   . ILE A 1 109 ? 4.573   -9.873  -6.222  1.00 28.67 ? 202 ILE A O   1 
ATOM   867  C CB  . ILE A 1 109 ? 1.513   -10.302 -5.185  1.00 30.54 ? 202 ILE A CB  1 
ATOM   868  C CG1 . ILE A 1 109 ? 0.368   -9.480  -4.587  1.00 36.34 ? 202 ILE A CG1 1 
ATOM   869  C CG2 . ILE A 1 109 ? 2.531   -10.375 -4.029  1.00 34.87 ? 202 ILE A CG2 1 
ATOM   870  C CD1 . ILE A 1 109 ? -0.452  -10.261 -3.568  1.00 36.58 ? 202 ILE A CD1 1 
ATOM   871  N N   . GLU A 1 110 ? 3.413   -11.374 -7.493  1.00 30.02 ? 203 GLU A N   1 
ATOM   872  C CA  . GLU A 1 110 ? 4.641   -12.088 -7.749  1.00 32.60 ? 203 GLU A CA  1 
ATOM   873  C C   . GLU A 1 110 ? 5.621   -11.358 -8.681  1.00 30.50 ? 203 GLU A C   1 
ATOM   874  O O   . GLU A 1 110 ? 6.818   -11.658 -8.671  1.00 29.30 ? 203 GLU A O   1 
ATOM   875  C CB  . GLU A 1 110 ? 4.331   -13.529 -8.151  1.00 38.34 ? 203 GLU A CB  1 
ATOM   876  C CG  . GLU A 1 110 ? 3.772   -13.725 -9.523  1.00 40.96 ? 203 GLU A CG  1 
ATOM   877  C CD  . GLU A 1 110 ? 3.513   -15.220 -9.778  1.00 52.43 ? 203 GLU A CD  1 
ATOM   878  O OE1 . GLU A 1 110 ? 3.312   -15.997 -8.799  1.00 57.63 ? 203 GLU A OE1 1 
ATOM   879  O OE2 . GLU A 1 110 ? 3.568   -15.625 -10.949 1.00 49.13 ? 203 GLU A OE2 1 
ATOM   880  N N   . LYS A 1 111 ? 5.108   -10.413 -9.485  1.00 27.12 ? 204 LYS A N   1 
ATOM   881  C CA  . LYS A 1 111 ? 5.971   -9.568  -10.372 1.00 29.71 ? 204 LYS A CA  1 
ATOM   882  C C   . LYS A 1 111 ? 6.533   -8.294  -9.711  1.00 28.58 ? 204 LYS A C   1 
ATOM   883  O O   . LYS A 1 111 ? 7.447   -7.670  -10.268 1.00 26.61 ? 204 LYS A O   1 
ATOM   884  C CB  . LYS A 1 111 ? 5.208   -9.130  -11.595 1.00 31.89 ? 204 LYS A CB  1 
ATOM   885  C CG  . LYS A 1 111 ? 4.857   -10.344 -12.458 1.00 39.37 ? 204 LYS A CG  1 
ATOM   886  C CD  . LYS A 1 111 ? 4.157   -9.961  -13.760 1.00 44.86 ? 204 LYS A CD  1 
ATOM   887  C CE  . LYS A 1 111 ? 4.025   -11.236 -14.586 1.00 60.18 ? 204 LYS A CE  1 
ATOM   888  N NZ  . LYS A 1 111 ? 3.800   -10.940 -16.011 1.00 73.87 ? 204 LYS A NZ  1 
ATOM   889  N N   . LEU A 1 112 ? 5.974   -7.875  -8.570  1.00 25.73 ? 205 LEU A N   1 
ATOM   890  C CA  . LEU A 1 112 ? 6.461   -6.641  -7.927  1.00 22.82 ? 205 LEU A CA  1 
ATOM   891  C C   . LEU A 1 112 ? 7.818   -6.930  -7.313  1.00 25.74 ? 205 LEU A C   1 
ATOM   892  O O   . LEU A 1 112 ? 8.056   -8.033  -6.814  1.00 29.08 ? 205 LEU A O   1 
ATOM   893  C CB  . LEU A 1 112 ? 5.527   -6.134  -6.812  1.00 24.48 ? 205 LEU A CB  1 
ATOM   894  C CG  . LEU A 1 112 ? 4.192   -5.546  -7.293  1.00 24.52 ? 205 LEU A CG  1 
ATOM   895  C CD1 . LEU A 1 112 ? 3.171   -5.369  -6.137  1.00 24.23 ? 205 LEU A CD1 1 
ATOM   896  C CD2 . LEU A 1 112 ? 4.448   -4.222  -8.031  1.00 26.39 ? 205 LEU A CD2 1 
ATOM   897  N N   . PRO A 1 113 ? 8.695   -5.919  -7.277  1.00 30.33 ? 206 PRO A N   1 
ATOM   898  C CA  . PRO A 1 113 ? 9.986   -6.087  -6.585  1.00 29.72 ? 206 PRO A CA  1 
ATOM   899  C C   . PRO A 1 113 ? 9.844   -6.059  -5.074  1.00 31.60 ? 206 PRO A C   1 
ATOM   900  O O   . PRO A 1 113 ? 8.916   -5.382  -4.523  1.00 25.43 ? 206 PRO A O   1 
ATOM   901  C CB  . PRO A 1 113 ? 10.810  -4.897  -7.109  1.00 27.72 ? 206 PRO A CB  1 
ATOM   902  C CG  . PRO A 1 113 ? 9.763   -3.834  -7.287  1.00 33.00 ? 206 PRO A CG  1 
ATOM   903  C CD  . PRO A 1 113 ? 8.546   -4.558  -7.851  1.00 31.90 ? 206 PRO A CD  1 
ATOM   904  N N   . CYS A 1 114 ? 10.724  -6.768  -4.377  1.00 31.96 ? 207 CYS A N   1 
ATOM   905  C CA  . CYS A 1 114 ? 10.761  -6.620  -2.907  1.00 35.23 ? 207 CYS A CA  1 
ATOM   906  C C   . CYS A 1 114 ? 12.078  -5.973  -2.417  1.00 35.31 ? 207 CYS A C   1 
ATOM   907  O O   . CYS A 1 114 ? 12.272  -5.854  -1.217  1.00 35.00 ? 207 CYS A O   1 
ATOM   908  C CB  . CYS A 1 114 ? 10.530  -7.937  -2.214  1.00 39.15 ? 207 CYS A CB  1 
ATOM   909  S SG  . CYS A 1 114 ? 11.846  -9.108  -2.560  1.00 48.64 ? 207 CYS A SG  1 
ATOM   910  N N   . HIS A 1 115 ? 12.907  -5.477  -3.351  1.00 35.77 ? 208 HIS A N   1 
ATOM   911  C CA  . HIS A 1 115 ? 14.073  -4.596  -3.022  1.00 38.92 ? 208 HIS A CA  1 
ATOM   912  C C   . HIS A 1 115 ? 14.372  -3.770  -4.251  1.00 39.28 ? 208 HIS A C   1 
ATOM   913  O O   . HIS A 1 115 ? 13.886  -4.094  -5.363  1.00 34.38 ? 208 HIS A O   1 
ATOM   914  C CB  . HIS A 1 115 ? 15.289  -5.455  -2.638  1.00 39.01 ? 208 HIS A CB  1 
ATOM   915  C CG  . HIS A 1 115 ? 15.678  -6.451  -3.703  1.00 38.10 ? 208 HIS A CG  1 
ATOM   916  N ND1 . HIS A 1 115 ? 16.389  -6.096  -4.833  1.00 41.69 ? 208 HIS A ND1 1 
ATOM   917  C CD2 . HIS A 1 115 ? 15.357  -7.759  -3.868  1.00 42.89 ? 208 HIS A CD2 1 
ATOM   918  C CE1 . HIS A 1 115 ? 16.541  -7.148  -5.620  1.00 38.38 ? 208 HIS A CE1 1 
ATOM   919  N NE2 . HIS A 1 115 ? 15.916  -8.167  -5.065  1.00 40.62 ? 208 HIS A NE2 1 
ATOM   920  N N   A ARG A 1 116 ? 15.106  -2.659  -4.117  0.45 38.97 ? 209 ARG A N   1 
ATOM   921  N N   B ARG A 1 116 ? 15.202  -2.749  -4.064  0.05 39.23 ? 209 ARG A N   1 
ATOM   922  C CA  A ARG A 1 116 ? 15.662  -2.013  -5.319  0.45 40.51 ? 209 ARG A CA  1 
ATOM   923  C CA  B ARG A 1 116 ? 15.772  -1.995  -5.164  0.05 40.05 ? 209 ARG A CA  1 
ATOM   924  C C   A ARG A 1 116 ? 16.998  -2.642  -5.685  0.45 40.13 ? 209 ARG A C   1 
ATOM   925  C C   B ARG A 1 116 ? 17.038  -2.681  -5.667  0.05 41.73 ? 209 ARG A C   1 
ATOM   926  O O   A ARG A 1 116 ? 17.556  -3.388  -4.924  0.45 39.16 ? 209 ARG A O   1 
ATOM   927  O O   B ARG A 1 116 ? 17.622  -3.494  -4.950  0.05 42.12 ? 209 ARG A O   1 
ATOM   928  C CB  A ARG A 1 116 ? 15.771  -0.520  -5.130  0.45 42.93 ? 209 ARG A CB  1 
ATOM   929  C CB  B ARG A 1 116 ? 16.106  -0.588  -4.704  0.05 39.06 ? 209 ARG A CB  1 
ATOM   930  C CG  A ARG A 1 116 ? 14.396  0.094   -5.038  0.45 42.23 ? 209 ARG A CG  1 
ATOM   931  C CG  B ARG A 1 116 ? 16.206  0.332   -5.885  0.05 37.87 ? 209 ARG A CG  1 
ATOM   932  C CD  A ARG A 1 116 ? 14.409  1.279   -4.143  0.45 44.01 ? 209 ARG A CD  1 
ATOM   933  C CD  B ARG A 1 116 ? 15.220  -0.169  -6.918  0.05 36.88 ? 209 ARG A CD  1 
ATOM   934  N NE  A ARG A 1 116 ? 15.028  2.404   -4.786  0.45 47.61 ? 209 ARG A NE  1 
ATOM   935  N NE  B ARG A 1 116 ? 15.587  0.156   -8.297  0.05 35.04 ? 209 ARG A NE  1 
ATOM   936  C CZ  A ARG A 1 116 ? 15.563  3.408   -4.114  0.45 49.98 ? 209 ARG A CZ  1 
ATOM   937  C CZ  B ARG A 1 116 ? 15.385  -0.649  -9.337  0.05 35.29 ? 209 ARG A CZ  1 
ATOM   938  N NH1 A ARG A 1 116 ? 15.543  3.376   -2.794  0.45 55.45 ? 209 ARG A NH1 1 
ATOM   939  N NH1 B ARG A 1 116 ? 15.738  -0.265  -10.558 0.05 35.34 ? 209 ARG A NH1 1 
ATOM   940  N NH2 A ARG A 1 116 ? 16.109  4.431   -4.754  0.45 46.98 ? 209 ARG A NH2 1 
ATOM   941  N NH2 B ARG A 1 116 ? 14.847  -1.847  -9.157  0.05 35.07 ? 209 ARG A NH2 1 
ATOM   942  N N   . ASN A 1 117 ? 17.456  -2.361  -6.893  1.00 45.29 ? 210 ASN A N   1 
ATOM   943  C CA  . ASN A 1 117 ? 18.678  -2.899  -7.458  1.00 45.70 ? 210 ASN A CA  1 
ATOM   944  C C   . ASN A 1 117 ? 19.787  -1.942  -7.131  1.00 45.57 ? 210 ASN A C   1 
ATOM   945  O O   . ASN A 1 117 ? 19.554  -0.700  -7.063  1.00 39.12 ? 210 ASN A O   1 
ATOM   946  C CB  . ASN A 1 117 ? 18.497  -2.959  -8.971  1.00 51.44 ? 210 ASN A CB  1 
ATOM   947  C CG  . ASN A 1 117 ? 17.444  -3.965  -9.369  1.00 54.13 ? 210 ASN A CG  1 
ATOM   948  O OD1 . ASN A 1 117 ? 17.221  -4.946  -8.645  1.00 47.71 ? 210 ASN A OD1 1 
ATOM   949  N ND2 . ASN A 1 117 ? 16.808  -3.739  -10.514 1.00 53.23 ? 210 ASN A ND2 1 
ATOM   950  N N   . ASP A 1 118 ? 20.977  -2.516  -6.915  1.00 50.23 ? 211 ASP A N   1 
ATOM   951  C CA  . ASP A 1 118 ? 22.181  -1.723  -6.651  1.00 51.73 ? 211 ASP A CA  1 
ATOM   952  C C   . ASP A 1 118 ? 22.672  -1.176  -8.013  1.00 53.24 ? 211 ASP A C   1 
ATOM   953  O O   . ASP A 1 118 ? 21.921  -1.215  -9.022  1.00 43.46 ? 211 ASP A O   1 
ATOM   954  C CB  . ASP A 1 118 ? 23.234  -2.480  -5.772  1.00 52.23 ? 211 ASP A CB  1 
ATOM   955  C CG  . ASP A 1 118 ? 23.763  -3.783  -6.389  1.00 55.47 ? 211 ASP A CG  1 
ATOM   956  O OD1 . ASP A 1 118 ? 23.793  -3.974  -7.624  1.00 48.97 ? 211 ASP A OD1 1 
ATOM   957  O OD2 . ASP A 1 118 ? 24.204  -4.624  -5.581  1.00 67.30 ? 211 ASP A OD2 1 
ATOM   958  N N   . MET A 1 119 ? 23.860  -0.578  -8.025  1.00 49.61 ? 212 MET A N   1 
ATOM   959  C CA  . MET A 1 119 ? 24.483  -0.112  -9.285  1.00 56.68 ? 212 MET A CA  1 
ATOM   960  C C   . MET A 1 119 ? 25.923  -0.608  -9.365  1.00 63.78 ? 212 MET A C   1 
ATOM   961  O O   . MET A 1 119 ? 26.808  0.064   -9.927  1.00 65.78 ? 212 MET A O   1 
ATOM   962  C CB  . MET A 1 119 ? 24.403  1.386   -9.328  1.00 52.49 ? 212 MET A CB  1 
ATOM   963  C CG  . MET A 1 119 ? 22.969  1.785   -9.565  1.00 55.30 ? 212 MET A CG  1 
ATOM   964  S SD  . MET A 1 119 ? 22.725  3.500   -9.326  1.00 55.97 ? 212 MET A SD  1 
ATOM   965  C CE  . MET A 1 119 ? 23.326  3.675   -7.650  1.00 64.34 ? 212 MET A CE  1 
ATOM   966  N N   . THR A 1 120 ? 26.115  -1.825  -8.834  1.00 63.74 ? 213 THR A N   1 
ATOM   967  C CA  . THR A 1 120 ? 27.380  -2.536  -8.845  1.00 68.14 ? 213 THR A CA  1 
ATOM   968  C C   . THR A 1 120 ? 27.921  -2.785  -10.264 1.00 72.04 ? 213 THR A C   1 
ATOM   969  O O   . THR A 1 120 ? 29.131  -2.886  -10.387 1.00 72.99 ? 213 THR A O   1 
ATOM   970  C CB  . THR A 1 120 ? 27.300  -3.873  -8.073  1.00 66.68 ? 213 THR A CB  1 
ATOM   971  O OG1 . THR A 1 120 ? 26.239  -4.679  -8.604  1.00 82.54 ? 213 THR A OG1 1 
ATOM   972  C CG2 . THR A 1 120 ? 27.057  -3.643  -6.585  1.00 65.82 ? 213 THR A CG2 1 
ATOM   973  N N   . PRO A 1 121 ? 27.050  -2.856  -11.327 1.00 78.32 ? 214 PRO A N   1 
ATOM   974  C CA  . PRO A 1 121 ? 27.642  -2.792  -12.682 1.00 72.97 ? 214 PRO A CA  1 
ATOM   975  C C   . PRO A 1 121 ? 28.418  -1.483  -12.988 1.00 72.05 ? 214 PRO A C   1 
ATOM   976  O O   . PRO A 1 121 ? 29.366  -1.513  -13.778 1.00 63.59 ? 214 PRO A O   1 
ATOM   977  C CB  . PRO A 1 121 ? 26.417  -2.953  -13.620 1.00 75.50 ? 214 PRO A CB  1 
ATOM   978  C CG  . PRO A 1 121 ? 25.219  -2.617  -12.782 1.00 78.78 ? 214 PRO A CG  1 
ATOM   979  C CD  . PRO A 1 121 ? 25.598  -3.165  -11.428 1.00 85.58 ? 214 PRO A CD  1 
ATOM   980  N N   . LYS A 1 122 ? 28.043  -0.366  -12.360 1.00 64.03 ? 215 LYS A N   1 
ATOM   981  C CA  . LYS A 1 122 ? 28.736  0.908   -12.556 1.00 60.57 ? 215 LYS A CA  1 
ATOM   982  C C   . LYS A 1 122 ? 29.874  1.178   -11.481 1.00 61.20 ? 215 LYS A C   1 
ATOM   983  O O   . LYS A 1 122 ? 30.462  2.263   -11.474 1.00 67.81 ? 215 LYS A O   1 
ATOM   984  C CB  . LYS A 1 122 ? 27.691  2.041   -12.570 1.00 54.70 ? 215 LYS A CB  1 
ATOM   985  C CG  . LYS A 1 122 ? 27.799  2.970   -13.747 1.00 61.07 ? 215 LYS A CG  1 
ATOM   986  N N   . SER A 1 123 ? 30.198  0.206   -10.607 1.00 57.11 ? 216 SER A N   1 
ATOM   987  C CA  . SER A 1 123 ? 31.046  0.446   -9.394  1.00 52.39 ? 216 SER A CA  1 
ATOM   988  C C   . SER A 1 123 ? 30.690  1.760   -8.626  1.00 47.12 ? 216 SER A C   1 
ATOM   989  O O   . SER A 1 123 ? 31.557  2.517   -8.173  1.00 43.12 ? 216 SER A O   1 
ATOM   990  C CB  . SER A 1 123 ? 32.522  0.430   -9.784  1.00 54.78 ? 216 SER A CB  1 
ATOM   991  O OG  . SER A 1 123 ? 32.900  -0.841  -10.277 1.00 54.85 ? 216 SER A OG  1 
ATOM   992  N N   . LYS A 1 124 ? 29.387  2.025   -8.518  1.00 37.79 ? 217 LYS A N   1 
ATOM   993  C CA  . LYS A 1 124 ? 28.866  3.203   -7.871  1.00 37.80 ? 217 LYS A CA  1 
ATOM   994  C C   . LYS A 1 124 ? 27.986  2.759   -6.670  1.00 35.78 ? 217 LYS A C   1 
ATOM   995  O O   . LYS A 1 124 ? 27.252  1.768   -6.781  1.00 34.93 ? 217 LYS A O   1 
ATOM   996  C CB  . LYS A 1 124 ? 28.054  3.974   -8.908  1.00 39.56 ? 217 LYS A CB  1 
ATOM   997  C CG  . LYS A 1 124 ? 27.516  5.308   -8.447  1.00 39.59 ? 217 LYS A CG  1 
ATOM   998  C CD  . LYS A 1 124 ? 27.178  6.192   -9.653  1.00 45.27 ? 217 LYS A CD  1 
ATOM   999  N N   . LEU A 1 125 ? 28.066  3.484   -5.545  1.00 29.85 ? 218 LEU A N   1 
ATOM   1000 C CA  . LEU A 1 125 ? 27.256  3.190   -4.351  1.00 30.41 ? 218 LEU A CA  1 
ATOM   1001 C C   . LEU A 1 125 ? 25.812  3.716   -4.461  1.00 31.43 ? 218 LEU A C   1 
ATOM   1002 O O   . LEU A 1 125 ? 25.565  4.717   -5.073  1.00 34.09 ? 218 LEU A O   1 
ATOM   1003 C CB  . LEU A 1 125 ? 27.893  3.801   -3.078  1.00 29.09 ? 218 LEU A CB  1 
ATOM   1004 C CG  . LEU A 1 125 ? 29.330  3.333   -2.786  1.00 29.74 ? 218 LEU A CG  1 
ATOM   1005 C CD1 . LEU A 1 125 ? 29.764  3.716   -1.390  1.00 34.25 ? 218 LEU A CD1 1 
ATOM   1006 C CD2 . LEU A 1 125 ? 29.576  1.858   -2.985  1.00 33.59 ? 218 LEU A CD2 1 
ATOM   1007 N N   . GLY A 1 126 ? 24.897  3.014   -3.809  1.00 32.50 ? 219 GLY A N   1 
ATOM   1008 C CA  . GLY A 1 126 ? 23.480  3.421   -3.686  1.00 32.52 ? 219 GLY A CA  1 
ATOM   1009 C C   . GLY A 1 126 ? 22.552  2.480   -4.445  1.00 29.50 ? 219 GLY A C   1 
ATOM   1010 O O   . GLY A 1 126 ? 22.917  1.361   -4.831  1.00 28.68 ? 219 GLY A O   1 
ATOM   1011 N N   . LEU A 1 127 ? 21.361  2.977   -4.694  1.00 32.84 ? 220 LEU A N   1 
ATOM   1012 C CA  . LEU A 1 127 ? 20.264  2.207   -5.350  1.00 32.23 ? 220 LEU A CA  1 
ATOM   1013 C C   . LEU A 1 127 ? 19.773  2.903   -6.611  1.00 28.05 ? 220 LEU A C   1 
ATOM   1014 O O   . LEU A 1 127 ? 19.685  4.141   -6.630  1.00 27.75 ? 220 LEU A O   1 
ATOM   1015 C CB  . LEU A 1 127 ? 19.097  2.079   -4.312  1.00 33.81 ? 220 LEU A CB  1 
ATOM   1016 C CG  . LEU A 1 127 ? 19.386  1.217   -3.055  1.00 36.49 ? 220 LEU A CG  1 
ATOM   1017 C CD1 . LEU A 1 127 ? 18.221  1.278   -2.089  1.00 44.85 ? 220 LEU A CD1 1 
ATOM   1018 C CD2 . LEU A 1 127 ? 19.698  -0.262  -3.412  1.00 39.16 ? 220 LEU A CD2 1 
ATOM   1019 N N   . ALA A 1 128 ? 19.380  2.149   -7.628  1.00 32.87 ? 221 ALA A N   1 
ATOM   1020 C CA  . ALA A 1 128 ? 18.749  2.712   -8.834  1.00 32.88 ? 221 ALA A CA  1 
ATOM   1021 C C   . ALA A 1 128 ? 17.309  3.155   -8.515  1.00 34.35 ? 221 ALA A C   1 
ATOM   1022 O O   . ALA A 1 128 ? 16.684  2.583   -7.628  1.00 31.34 ? 221 ALA A O   1 
ATOM   1023 C CB  . ALA A 1 128 ? 18.695  1.665   -9.967  1.00 37.03 ? 221 ALA A CB  1 
ATOM   1024 N N   . PRO A 1 129 ? 16.783  4.142   -9.252  1.00 38.35 ? 222 PRO A N   1 
ATOM   1025 C CA  . PRO A 1 129 ? 15.397  4.578   -9.070  1.00 35.59 ? 222 PRO A CA  1 
ATOM   1026 C C   . PRO A 1 129 ? 14.442  3.463   -9.372  1.00 31.76 ? 222 PRO A C   1 
ATOM   1027 O O   . PRO A 1 129 ? 14.798  2.538   -10.146 1.00 29.59 ? 222 PRO A O   1 
ATOM   1028 C CB  . PRO A 1 129 ? 15.264  5.710   -10.087 1.00 39.53 ? 222 PRO A CB  1 
ATOM   1029 C CG  . PRO A 1 129 ? 16.622  6.327   -10.111 1.00 42.74 ? 222 PRO A CG  1 
ATOM   1030 C CD  . PRO A 1 129 ? 17.496  5.082   -10.157 1.00 41.47 ? 222 PRO A CD  1 
ATOM   1031 N N   . ASN A 1 130 ? 13.292  3.461   -8.691  1.00 28.77 ? 223 ASN A N   1 
ATOM   1032 C CA  . ASN A 1 130 ? 12.240  2.444   -8.970  1.00 31.35 ? 223 ASN A CA  1 
ATOM   1033 C C   . ASN A 1 130 ? 10.922  3.062   -8.644  1.00 28.53 ? 223 ASN A C   1 
ATOM   1034 O O   . ASN A 1 130 ? 10.767  3.621   -7.582  1.00 26.96 ? 223 ASN A O   1 
ATOM   1035 C CB  . ASN A 1 130 ? 12.464  1.212   -8.092  1.00 33.69 ? 223 ASN A CB  1 
ATOM   1036 C CG  . ASN A 1 130 ? 11.596  0.022   -8.470  1.00 31.22 ? 223 ASN A CG  1 
ATOM   1037 O OD1 . ASN A 1 130 ? 10.428  0.013   -8.168  1.00 28.91 ? 223 ASN A OD1 1 
ATOM   1038 N ND2 . ASN A 1 130 ? 12.171  -0.986  -9.106  1.00 31.45 ? 223 ASN A ND2 1 
ATOM   1039 N N   . LYS A 1 131 ? 9.981   2.962   -9.558  1.00 26.22 ? 224 LYS A N   1 
ATOM   1040 C CA  . LYS A 1 131 ? 8.666   3.591   -9.404  1.00 24.69 ? 224 LYS A CA  1 
ATOM   1041 C C   . LYS A 1 131 ? 7.804   2.962   -8.296  1.00 23.53 ? 224 LYS A C   1 
ATOM   1042 O O   . LYS A 1 131 ? 6.803   3.549   -7.897  1.00 25.76 ? 224 LYS A O   1 
ATOM   1043 C CB  . LYS A 1 131 ? 7.879   3.624   -10.739 1.00 25.24 ? 224 LYS A CB  1 
ATOM   1044 C CG  . LYS A 1 131 ? 7.513   2.285   -11.283 1.00 29.51 ? 224 LYS A CG  1 
ATOM   1045 C CD  . LYS A 1 131 ? 6.710   2.467   -12.562 1.00 30.84 ? 224 LYS A CD  1 
ATOM   1046 C CE  . LYS A 1 131 ? 6.241   1.145   -13.092 1.00 35.09 ? 224 LYS A CE  1 
ATOM   1047 N NZ  . LYS A 1 131 ? 5.377   1.449   -14.307 1.00 38.26 ? 224 LYS A NZ  1 
ATOM   1048 N N   . PHE A 1 132 ? 8.181   1.782   -7.801  1.00 24.34 ? 225 PHE A N   1 
ATOM   1049 C CA  . PHE A 1 132 ? 7.488   1.155   -6.651  1.00 24.66 ? 225 PHE A CA  1 
ATOM   1050 C C   . PHE A 1 132 ? 8.164   1.378   -5.267  1.00 24.92 ? 225 PHE A C   1 
ATOM   1051 O O   . PHE A 1 132 ? 7.832   0.699   -4.320  1.00 23.49 ? 225 PHE A O   1 
ATOM   1052 C CB  . PHE A 1 132 ? 7.383   -0.349  -6.919  1.00 23.04 ? 225 PHE A CB  1 
ATOM   1053 C CG  . PHE A 1 132 ? 6.636   -0.685  -8.193  1.00 23.44 ? 225 PHE A CG  1 
ATOM   1054 C CD1 . PHE A 1 132 ? 5.248   -0.531  -8.244  1.00 23.68 ? 225 PHE A CD1 1 
ATOM   1055 C CD2 . PHE A 1 132 ? 7.303   -1.204  -9.314  1.00 28.44 ? 225 PHE A CD2 1 
ATOM   1056 C CE1 . PHE A 1 132 ? 4.558   -0.840  -9.405  1.00 22.74 ? 225 PHE A CE1 1 
ATOM   1057 C CE2 . PHE A 1 132 ? 6.607   -1.510  -10.490 1.00 25.90 ? 225 PHE A CE2 1 
ATOM   1058 C CZ  . PHE A 1 132 ? 5.236   -1.306  -10.529 1.00 24.89 ? 225 PHE A CZ  1 
ATOM   1059 N N   A PHE A 1 133 ? 9.054   2.363   -5.182  0.25 25.35 ? 226 PHE A N   1 
ATOM   1060 N N   B PHE A 1 133 ? 9.099   2.323   -5.188  0.25 25.60 ? 226 PHE A N   1 
ATOM   1061 C CA  A PHE A 1 133 ? 9.809   2.611   -3.962  0.25 26.53 ? 226 PHE A CA  1 
ATOM   1062 C CA  B PHE A 1 133 ? 9.805   2.653   -3.944  0.25 27.10 ? 226 PHE A CA  1 
ATOM   1063 C C   A PHE A 1 133 ? 8.954   2.669   -2.676  0.25 26.03 ? 226 PHE A C   1 
ATOM   1064 C C   B PHE A 1 133 ? 8.925   2.620   -2.690  0.25 26.29 ? 226 PHE A C   1 
ATOM   1065 O O   A PHE A 1 133 ? 9.351   2.115   -1.661  0.25 25.12 ? 226 PHE A O   1 
ATOM   1066 O O   B PHE A 1 133 ? 9.280   1.979   -1.710  0.25 25.57 ? 226 PHE A O   1 
ATOM   1067 C CB  A PHE A 1 133 ? 10.726  3.857   -4.116  0.25 27.61 ? 226 PHE A CB  1 
ATOM   1068 C CB  B PHE A 1 133 ? 10.440  4.050   -4.068  0.25 28.48 ? 226 PHE A CB  1 
ATOM   1069 C CG  A PHE A 1 133 ? 10.007  5.170   -4.380  0.25 28.51 ? 226 PHE A CG  1 
ATOM   1070 C CG  B PHE A 1 133 ? 11.146  4.521   -2.820  0.25 29.62 ? 226 PHE A CG  1 
ATOM   1071 C CD1 A PHE A 1 133 ? 9.493   5.484   -5.641  0.25 28.84 ? 226 PHE A CD1 1 
ATOM   1072 C CD1 B PHE A 1 133 ? 12.321  3.910   -2.392  0.25 32.82 ? 226 PHE A CD1 1 
ATOM   1073 C CD2 A PHE A 1 133 ? 9.949   6.145   -3.393  0.25 29.00 ? 226 PHE A CD2 1 
ATOM   1074 C CD2 B PHE A 1 133 ? 10.660  5.588   -2.094  0.25 30.29 ? 226 PHE A CD2 1 
ATOM   1075 C CE1 A PHE A 1 133 ? 8.881   6.693   -5.882  0.25 28.65 ? 226 PHE A CE1 1 
ATOM   1076 C CE1 B PHE A 1 133 ? 12.979  4.343   -1.242  0.25 32.55 ? 226 PHE A CE1 1 
ATOM   1077 C CE2 A PHE A 1 133 ? 9.332   7.357   -3.635  0.25 29.10 ? 226 PHE A CE2 1 
ATOM   1078 C CE2 B PHE A 1 133 ? 11.314  6.031   -0.957  0.25 33.02 ? 226 PHE A CE2 1 
ATOM   1079 C CZ  A PHE A 1 133 ? 8.789   7.628   -4.870  0.25 28.82 ? 226 PHE A CZ  1 
ATOM   1080 C CZ  B PHE A 1 133 ? 12.478  5.413   -0.533  0.25 31.86 ? 226 PHE A CZ  1 
ATOM   1081 N N   . MET A 1 134 ? 7.790   3.308   -2.735  1.00 24.97 ? 227 MET A N   1 
ATOM   1082 C CA  . MET A 1 134 ? 6.880   3.404   -1.551  1.00 27.75 ? 227 MET A CA  1 
ATOM   1083 C C   . MET A 1 134 ? 6.209   2.063   -1.155  1.00 28.24 ? 227 MET A C   1 
ATOM   1084 O O   . MET A 1 134 ? 5.951   1.849   0.001   1.00 27.70 ? 227 MET A O   1 
ATOM   1085 C CB  . MET A 1 134 ? 5.835   4.513   -1.741  1.00 30.20 ? 227 MET A CB  1 
ATOM   1086 C CG  . MET A 1 134 ? 6.385   5.939   -1.884  1.00 37.59 ? 227 MET A CG  1 
ATOM   1087 S SD  . MET A 1 134 ? 5.136   7.230   -2.311  1.00 54.03 ? 227 MET A SD  1 
ATOM   1088 C CE  . MET A 1 134 ? 4.820   7.172   -4.108  1.00 49.85 ? 227 MET A CE  1 
ATOM   1089 N N   . ALA A 1 135 ? 5.926   1.173   -2.112  1.00 25.45 ? 228 ALA A N   1 
ATOM   1090 C CA  . ALA A 1 135 ? 5.371   -0.159  -1.855  1.00 23.04 ? 228 ALA A CA  1 
ATOM   1091 C C   . ALA A 1 135 ? 6.357   -1.216  -1.423  1.00 23.96 ? 228 ALA A C   1 
ATOM   1092 O O   . ALA A 1 135 ? 6.002   -2.146  -0.638  1.00 21.84 ? 228 ALA A O   1 
ATOM   1093 C CB  . ALA A 1 135 ? 4.651   -0.645  -3.069  1.00 22.35 ? 228 ALA A CB  1 
ATOM   1094 N N   . ILE A 1 136 ? 7.603   -1.111  -1.941  1.00 23.92 ? 229 ILE A N   1 
ATOM   1095 C CA  . ILE A 1 136 ? 8.614   -2.155  -1.763  1.00 22.82 ? 229 ILE A CA  1 
ATOM   1096 C C   . ILE A 1 136 ? 8.802   -2.709  -0.330  1.00 23.91 ? 229 ILE A C   1 
ATOM   1097 O O   . ILE A 1 136 ? 8.882   -3.926  -0.139  1.00 23.47 ? 229 ILE A O   1 
ATOM   1098 C CB  . ILE A 1 136 ? 9.956   -1.665  -2.389  1.00 24.19 ? 229 ILE A CB  1 
ATOM   1099 C CG1 . ILE A 1 136 ? 9.863   -1.966  -3.896  1.00 25.86 ? 229 ILE A CG1 1 
ATOM   1100 C CG2 . ILE A 1 136 ? 11.166  -2.310  -1.756  1.00 25.62 ? 229 ILE A CG2 1 
ATOM   1101 C CD1 . ILE A 1 136 ? 10.897  -1.276  -4.810  1.00 28.48 ? 229 ILE A CD1 1 
ATOM   1102 N N   . PRO A 1 137 ? 8.884   -1.834  0.693   1.00 27.00 ? 230 PRO A N   1 
ATOM   1103 C CA  . PRO A 1 137 ? 9.131   -2.334  2.070   1.00 27.24 ? 230 PRO A CA  1 
ATOM   1104 C C   . PRO A 1 137 ? 8.055   -3.327  2.575   1.00 25.41 ? 230 PRO A C   1 
ATOM   1105 O O   . PRO A 1 137 ? 8.344   -4.165  3.414   1.00 25.55 ? 230 PRO A O   1 
ATOM   1106 C CB  . PRO A 1 137 ? 9.126   -1.048  2.923   1.00 28.37 ? 230 PRO A CB  1 
ATOM   1107 C CG  . PRO A 1 137 ? 9.459   0.042   1.981   1.00 30.56 ? 230 PRO A CG  1 
ATOM   1108 C CD  . PRO A 1 137 ? 8.888   -0.381  0.620   1.00 30.15 ? 230 PRO A CD  1 
ATOM   1109 N N   . PHE A 1 138 ? 6.810   -3.260  2.062   1.00 24.21 ? 231 PHE A N   1 
ATOM   1110 C CA  . PHE A 1 138 ? 5.752   -4.146  2.518   1.00 23.11 ? 231 PHE A CA  1 
ATOM   1111 C C   . PHE A 1 138 ? 5.639   -5.464  1.780   1.00 23.35 ? 231 PHE A C   1 
ATOM   1112 O O   . PHE A 1 138 ? 4.869   -6.317  2.209   1.00 21.85 ? 231 PHE A O   1 
ATOM   1113 C CB  . PHE A 1 138 ? 4.380   -3.415  2.383   1.00 24.41 ? 231 PHE A CB  1 
ATOM   1114 C CG  . PHE A 1 138 ? 4.281   -2.150  3.267   1.00 24.98 ? 231 PHE A CG  1 
ATOM   1115 C CD1 . PHE A 1 138 ? 3.806   -2.254  4.562   1.00 29.16 ? 231 PHE A CD1 1 
ATOM   1116 C CD2 . PHE A 1 138 ? 4.672   -0.900  2.798   1.00 27.28 ? 231 PHE A CD2 1 
ATOM   1117 C CE1 . PHE A 1 138 ? 3.736   -1.136  5.364   1.00 27.41 ? 231 PHE A CE1 1 
ATOM   1118 C CE2 . PHE A 1 138 ? 4.539   0.227   3.581   1.00 27.06 ? 231 PHE A CE2 1 
ATOM   1119 C CZ  . PHE A 1 138 ? 4.082   0.082   4.869   1.00 23.95 ? 231 PHE A CZ  1 
ATOM   1120 N N   . ILE A 1 139 ? 6.327   -5.632  0.674   1.00 24.29 ? 232 ILE A N   1 
ATOM   1121 C CA  . ILE A 1 139 ? 6.070   -6.775  -0.202  1.00 23.42 ? 232 ILE A CA  1 
ATOM   1122 C C   . ILE A 1 139 ? 6.492   -8.134  0.390   1.00 27.43 ? 232 ILE A C   1 
ATOM   1123 O O   . ILE A 1 139 ? 5.742   -9.135  0.351   1.00 27.11 ? 232 ILE A O   1 
ATOM   1124 C CB  . ILE A 1 139 ? 6.722   -6.581  -1.571  1.00 25.30 ? 232 ILE A CB  1 
ATOM   1125 C CG1 . ILE A 1 139 ? 6.167   -5.337  -2.305  1.00 28.66 ? 232 ILE A CG1 1 
ATOM   1126 C CG2 . ILE A 1 139 ? 6.525   -7.818  -2.445  1.00 30.95 ? 232 ILE A CG2 1 
ATOM   1127 C CD1 . ILE A 1 139 ? 4.669   -5.255  -2.531  1.00 27.37 ? 232 ILE A CD1 1 
ATOM   1128 N N   . ARG A 1 140 ? 7.716   -8.217  0.870   1.00 27.61 ? 233 ARG A N   1 
ATOM   1129 C CA  . ARG A 1 140 ? 8.136   -9.455  1.546   1.00 28.87 ? 233 ARG A CA  1 
ATOM   1130 C C   . ARG A 1 140 ? 7.284   -9.812  2.780   1.00 27.03 ? 233 ARG A C   1 
ATOM   1131 O O   . ARG A 1 140 ? 6.828   -10.940 2.892   1.00 27.14 ? 233 ARG A O   1 
ATOM   1132 C CB  . ARG A 1 140 ? 9.660   -9.413  1.866   1.00 37.14 ? 233 ARG A CB  1 
ATOM   1133 C CG  . ARG A 1 140 ? 10.193  -10.628 2.622   1.00 47.67 ? 233 ARG A CG  1 
ATOM   1134 C CD  . ARG A 1 140 ? 9.798   -11.922 1.944   1.00 56.49 ? 233 ARG A CD  1 
ATOM   1135 N NE  . ARG A 1 140 ? 10.062  -11.906 0.487   1.00 67.16 ? 233 ARG A NE  1 
ATOM   1136 C CZ  . ARG A 1 140 ? 9.668   -12.850 -0.376  1.00 73.23 ? 233 ARG A CZ  1 
ATOM   1137 N NH1 . ARG A 1 140 ? 8.965   -13.938 0.020   1.00 78.80 ? 233 ARG A NH1 1 
ATOM   1138 N NH2 . ARG A 1 140 ? 9.989   -12.713 -1.656  1.00 73.83 ? 233 ARG A NH2 1 
ATOM   1139 N N   . PRO A 1 141 ? 7.062   -8.870  3.719   1.00 24.77 ? 234 PRO A N   1 
ATOM   1140 C CA  . PRO A 1 141 ? 6.175   -9.178  4.808   1.00 28.23 ? 234 PRO A CA  1 
ATOM   1141 C C   . PRO A 1 141 ? 4.759   -9.614  4.386   1.00 27.99 ? 234 PRO A C   1 
ATOM   1142 O O   . PRO A 1 141 ? 4.106   -10.427 5.079   1.00 27.00 ? 234 PRO A O   1 
ATOM   1143 C CB  . PRO A 1 141 ? 6.057   -7.853  5.578   1.00 29.26 ? 234 PRO A CB  1 
ATOM   1144 C CG  . PRO A 1 141 ? 7.303   -7.111  5.265   1.00 30.76 ? 234 PRO A CG  1 
ATOM   1145 C CD  . PRO A 1 141 ? 7.794   -7.613  3.921   1.00 27.05 ? 234 PRO A CD  1 
ATOM   1146 N N   . LEU A 1 142 ? 4.265   -9.054  3.309   1.00 26.49 ? 235 LEU A N   1 
ATOM   1147 C CA  . LEU A 1 142 ? 2.914   -9.434  2.801   1.00 27.12 ? 235 LEU A CA  1 
ATOM   1148 C C   . LEU A 1 142 ? 2.880   -10.870 2.300   1.00 28.32 ? 235 LEU A C   1 
ATOM   1149 O O   . LEU A 1 142 ? 1.924   -11.635 2.614   1.00 26.73 ? 235 LEU A O   1 
ATOM   1150 C CB  . LEU A 1 142 ? 2.390   -8.414  1.757   1.00 24.94 ? 235 LEU A CB  1 
ATOM   1151 C CG  . LEU A 1 142 ? 1.153   -8.875  0.919   1.00 25.89 ? 235 LEU A CG  1 
ATOM   1152 C CD1 . LEU A 1 142 ? -0.082  -8.939  1.806   1.00 25.92 ? 235 LEU A CD1 1 
ATOM   1153 C CD2 . LEU A 1 142 ? 0.910   -8.072  -0.357  1.00 28.47 ? 235 LEU A CD2 1 
ATOM   1154 N N   . ARG A 1 143 ? 3.891   -11.229 1.508   1.00 30.29 ? 236 ARG A N   1 
ATOM   1155 C CA  . ARG A 1 143 ? 4.016   -12.612 0.979   1.00 32.58 ? 236 ARG A CA  1 
ATOM   1156 C C   . ARG A 1 143 ? 4.113   -13.614 2.161   1.00 31.95 ? 236 ARG A C   1 
ATOM   1157 O O   . ARG A 1 143 ? 3.434   -14.639 2.146   1.00 33.20 ? 236 ARG A O   1 
ATOM   1158 C CB  . ARG A 1 143 ? 5.223   -12.759 0.069   1.00 31.12 ? 236 ARG A CB  1 
ATOM   1159 C CG  . ARG A 1 143 ? 5.146   -12.027 -1.263  1.00 32.61 ? 236 ARG A CG  1 
ATOM   1160 C CD  . ARG A 1 143 ? 6.445   -12.194 -2.072  1.00 35.22 ? 236 ARG A CD  1 
ATOM   1161 N NE  . ARG A 1 143 ? 6.366   -11.476 -3.373  1.00 39.48 ? 236 ARG A NE  1 
ATOM   1162 C CZ  . ARG A 1 143 ? 7.382   -10.926 -4.075  1.00 37.94 ? 236 ARG A CZ  1 
ATOM   1163 N NH1 . ARG A 1 143 ? 8.614   -10.967 -3.622  1.00 37.19 ? 236 ARG A NH1 1 
ATOM   1164 N NH2 . ARG A 1 143 ? 7.159   -10.310 -5.256  1.00 36.05 ? 236 ARG A NH2 1 
ATOM   1165 N N   . ASP A 1 144 ? 4.859   -13.243 3.218   1.00 34.82 ? 237 ASP A N   1 
ATOM   1166 C CA  . ASP A 1 144 ? 5.012   -14.109 4.378   1.00 33.94 ? 237 ASP A CA  1 
ATOM   1167 C C   . ASP A 1 144 ? 3.730   -14.201 5.180   1.00 35.41 ? 237 ASP A C   1 
ATOM   1168 O O   . ASP A 1 144 ? 3.362   -15.267 5.606   1.00 33.37 ? 237 ASP A O   1 
ATOM   1169 C CB  . ASP A 1 144 ? 6.174   -13.620 5.259   1.00 37.54 ? 237 ASP A CB  1 
ATOM   1170 C CG  . ASP A 1 144 ? 7.581   -13.865 4.584   1.00 45.25 ? 237 ASP A CG  1 
ATOM   1171 O OD1 . ASP A 1 144 ? 7.714   -14.560 3.499   1.00 41.94 ? 237 ASP A OD1 1 
ATOM   1172 O OD2 . ASP A 1 144 ? 8.542   -13.256 5.096   1.00 42.90 ? 237 ASP A OD2 1 
ATOM   1173 N N   . TRP A 1 145 ? 3.043   -13.075 5.373   1.00 31.70 ? 238 TRP A N   1 
ATOM   1174 C CA  . TRP A 1 145 ? 1.732   -13.062 6.011   1.00 32.38 ? 238 TRP A CA  1 
ATOM   1175 C C   . TRP A 1 145 ? 0.675   -13.910 5.257   1.00 33.10 ? 238 TRP A C   1 
ATOM   1176 O O   . TRP A 1 145 ? -0.050  -14.713 5.897   1.00 32.48 ? 238 TRP A O   1 
ATOM   1177 C CB  . TRP A 1 145 ? 1.286   -11.589 6.246   1.00 31.43 ? 238 TRP A CB  1 
ATOM   1178 C CG  . TRP A 1 145 ? 0.042   -11.387 7.124   1.00 35.23 ? 238 TRP A CG  1 
ATOM   1179 C CD1 . TRP A 1 145 ? 0.014   -10.929 8.434   1.00 34.48 ? 238 TRP A CD1 1 
ATOM   1180 C CD2 . TRP A 1 145 ? -1.336  -11.557 6.734   1.00 33.04 ? 238 TRP A CD2 1 
ATOM   1181 N NE1 . TRP A 1 145 ? -1.268  -10.839 8.884   1.00 34.42 ? 238 TRP A NE1 1 
ATOM   1182 C CE2 . TRP A 1 145 ? -2.125  -11.234 7.875   1.00 36.98 ? 238 TRP A CE2 1 
ATOM   1183 C CE3 . TRP A 1 145 ? -1.982  -11.962 5.540   1.00 33.33 ? 238 TRP A CE3 1 
ATOM   1184 C CZ2 . TRP A 1 145 ? -3.521  -11.272 7.846   1.00 36.19 ? 238 TRP A CZ2 1 
ATOM   1185 C CZ3 . TRP A 1 145 ? -3.393  -11.985 5.505   1.00 30.07 ? 238 TRP A CZ3 1 
ATOM   1186 C CH2 . TRP A 1 145 ? -4.135  -11.649 6.667   1.00 33.20 ? 238 TRP A CH2 1 
ATOM   1187 N N   . LEU A 1 146 ? 0.624   -13.827 3.922   1.00 31.76 ? 239 LEU A N   1 
ATOM   1188 C CA  . LEU A 1 146 ? -0.339  -14.653 3.136   1.00 32.91 ? 239 LEU A CA  1 
ATOM   1189 C C   . LEU A 1 146 ? -0.074  -16.172 3.253   1.00 37.55 ? 239 LEU A C   1 
ATOM   1190 O O   . LEU A 1 146 ? -1.024  -16.945 3.371   1.00 36.09 ? 239 LEU A O   1 
ATOM   1191 C CB  . LEU A 1 146 ? -0.411  -14.267 1.653   1.00 30.48 ? 239 LEU A CB  1 
ATOM   1192 C CG  . LEU A 1 146 ? -0.931  -12.821 1.408   1.00 27.57 ? 239 LEU A CG  1 
ATOM   1193 C CD1 . LEU A 1 146 ? -0.596  -12.336 -0.002  1.00 26.70 ? 239 LEU A CD1 1 
ATOM   1194 C CD2 . LEU A 1 146 ? -2.425  -12.755 1.692   1.00 29.58 ? 239 LEU A CD2 1 
ATOM   1195 N N   . SER A 1 147 ? 1.192   -16.560 3.203   1.00 40.41 ? 240 SER A N   1 
ATOM   1196 C CA  . SER A 1 147 ? 1.624   -17.938 3.509   1.00 43.05 ? 240 SER A CA  1 
ATOM   1197 C C   . SER A 1 147 ? 1.182   -18.462 4.856   1.00 42.73 ? 240 SER A C   1 
ATOM   1198 O O   . SER A 1 147 ? 0.540   -19.484 4.896   1.00 39.80 ? 240 SER A O   1 
ATOM   1199 C CB  . SER A 1 147 ? 3.125   -18.042 3.474   1.00 43.47 ? 240 SER A CB  1 
ATOM   1200 O OG  . SER A 1 147 ? 3.453   -18.008 2.137   1.00 47.75 ? 240 SER A OG  1 
ATOM   1201 N N   . ARG A 1 148 ? 1.471   -17.742 5.935   1.00 41.14 ? 241 ARG A N   1 
ATOM   1202 C CA  . ARG A 1 148 ? 1.013   -18.126 7.252   1.00 46.83 ? 241 ARG A CA  1 
ATOM   1203 C C   . ARG A 1 148 ? -0.536  -18.145 7.511   1.00 57.24 ? 241 ARG A C   1 
ATOM   1204 O O   . ARG A 1 148 ? -0.980  -18.946 8.325   1.00 60.58 ? 241 ARG A O   1 
ATOM   1205 C CB  . ARG A 1 148 ? 1.704   -17.285 8.374   1.00 49.49 ? 241 ARG A CB  1 
ATOM   1206 C CG  . ARG A 1 148 ? 3.229   -17.302 8.391   1.00 52.39 ? 241 ARG A CG  1 
ATOM   1207 N N   . ARG A 1 149 ? -1.308  -17.296 6.827   0.50 58.80 ? 242 ARG A N   1 
ATOM   1208 C CA  . ARG A 1 149 ? -2.755  -17.160 7.081   0.50 60.33 ? 242 ARG A CA  1 
ATOM   1209 C C   . ARG A 1 149 ? -3.690  -17.716 6.011   0.50 61.53 ? 242 ARG A C   1 
ATOM   1210 O O   . ARG A 1 149 ? -4.897  -17.729 6.230   0.50 68.47 ? 242 ARG A O   1 
ATOM   1211 C CB  . ARG A 1 149 ? -3.107  -15.698 7.317   0.50 64.01 ? 242 ARG A CB  1 
ATOM   1212 C CG  . ARG A 1 149 ? -2.582  -15.151 8.633   0.50 66.89 ? 242 ARG A CG  1 
ATOM   1213 C CD  . ARG A 1 149 ? -3.339  -15.700 9.835   0.50 70.49 ? 242 ARG A CD  1 
ATOM   1214 N NE  . ARG A 1 149 ? -2.641  -15.343 11.063  0.50 71.26 ? 242 ARG A NE  1 
ATOM   1215 C CZ  . ARG A 1 149 ? -1.484  -14.691 11.068  0.50 71.51 ? 242 ARG A CZ  1 
ATOM   1216 N NH1 . ARG A 1 149 ? -0.880  -14.389 12.208  0.50 73.75 ? 242 ARG A NH1 1 
ATOM   1217 N NH2 . ARG A 1 149 ? -0.933  -14.341 9.914   0.50 71.37 ? 242 ARG A NH2 1 
ATOM   1218 N N   . PHE A 1 150 ? -3.158  -18.140 4.863   1.00 63.78 ? 243 PHE A N   1 
ATOM   1219 C CA  . PHE A 1 150 ? -3.954  -18.843 3.814   1.00 56.97 ? 243 PHE A CA  1 
ATOM   1220 C C   . PHE A 1 150 ? -3.310  -20.177 3.424   1.00 71.96 ? 243 PHE A C   1 
ATOM   1221 O O   . PHE A 1 150 ? -3.977  -21.217 3.470   1.00 81.29 ? 243 PHE A O   1 
ATOM   1222 C CB  . PHE A 1 150 ? -4.173  -17.964 2.579   1.00 56.12 ? 243 PHE A CB  1 
ATOM   1223 C CG  . PHE A 1 150 ? -5.159  -16.833 2.804   1.00 67.47 ? 243 PHE A CG  1 
ATOM   1224 C CD1 . PHE A 1 150 ? -6.482  -16.938 2.373   1.00 75.81 ? 243 PHE A CD1 1 
ATOM   1225 C CD2 . PHE A 1 150 ? -4.785  -15.683 3.449   1.00 58.96 ? 243 PHE A CD2 1 
ATOM   1226 C CE1 . PHE A 1 150 ? -7.402  -15.905 2.591   1.00 73.57 ? 243 PHE A CE1 1 
ATOM   1227 C CE2 . PHE A 1 150 ? -5.703  -14.671 3.698   1.00 60.50 ? 243 PHE A CE2 1 
ATOM   1228 C CZ  . PHE A 1 150 ? -7.008  -14.774 3.269   1.00 64.15 ? 243 PHE A CZ  1 
ATOM   1229 N N   . GLY A 1 151 ? -2.038  -20.145 3.004   1.00 88.12 ? 244 GLY A N   1 
ATOM   1230 C CA  . GLY A 1 151 ? -1.231  -21.361 2.716   1.00 82.61 ? 244 GLY A CA  1 
ATOM   1231 C C   . GLY A 1 151 ? -0.688  -21.437 1.302   1.00 78.27 ? 244 GLY A C   1 
ATOM   1232 O O   . GLY A 1 151 ? -1.106  -22.289 0.521   1.00 80.69 ? 244 GLY A O   1 
HETATM 1233 C C1  . EDO B 2 .   ? -14.899 6.404   5.321   1.00 70.43 ? 301 EDO A C1  1 
HETATM 1234 O O1  . EDO B 2 .   ? -15.910 7.061   4.538   1.00 73.19 ? 301 EDO A O1  1 
HETATM 1235 C C2  . EDO B 2 .   ? -15.477 5.074   5.835   1.00 76.20 ? 301 EDO A C2  1 
HETATM 1236 O O2  . EDO B 2 .   ? -15.529 5.021   7.286   1.00 74.52 ? 301 EDO A O2  1 
HETATM 1237 C C1  . EDO C 2 .   ? 11.272  6.170   -11.488 1.00 52.95 ? 302 EDO A C1  1 
HETATM 1238 O O1  . EDO C 2 .   ? 11.395  6.190   -10.035 1.00 55.91 ? 302 EDO A O1  1 
HETATM 1239 C C2  . EDO C 2 .   ? 12.267  5.215   -12.121 1.00 57.62 ? 302 EDO A C2  1 
HETATM 1240 O O2  . EDO C 2 .   ? 11.612  4.057   -12.683 1.00 65.22 ? 302 EDO A O2  1 
HETATM 1241 S S   . DMS D 3 .   ? -4.095  -7.517  -13.246 1.00 85.71 ? 303 DMS A S   1 
HETATM 1242 O O   . DMS D 3 .   ? -2.811  -7.180  -12.598 1.00 79.67 ? 303 DMS A O   1 
HETATM 1243 C C1  . DMS D 3 .   ? -4.288  -6.631  -14.700 1.00 75.10 ? 303 DMS A C1  1 
HETATM 1244 C C2  . DMS D 3 .   ? -4.017  -9.152  -13.759 1.00 83.53 ? 303 DMS A C2  1 
HETATM 1245 C C   . ACT E 4 .   ? 6.964   13.463  -12.234 1.00 55.69 ? 304 ACT A C   1 
HETATM 1246 O O   . ACT E 4 .   ? 7.165   13.927  -11.088 1.00 60.65 ? 304 ACT A O   1 
HETATM 1247 O OXT . ACT E 4 .   ? 5.888   12.880  -12.456 1.00 62.37 ? 304 ACT A OXT 1 
HETATM 1248 C CH3 . ACT E 4 .   ? 7.957   13.611  -13.377 1.00 58.18 ? 304 ACT A CH3 1 
HETATM 1249 C C   . ACT F 4 .   ? 13.015  6.486   -5.965  1.00 50.43 ? 305 ACT A C   1 
HETATM 1250 O O   . ACT F 4 .   ? 13.329  5.317   -6.232  1.00 45.33 ? 305 ACT A O   1 
HETATM 1251 O OXT . ACT F 4 .   ? 12.266  7.097   -6.769  1.00 67.44 ? 305 ACT A OXT 1 
HETATM 1252 C CH3 . ACT F 4 .   ? 13.568  7.132   -4.724  1.00 49.65 ? 305 ACT A CH3 1 
HETATM 1253 C C1  . PEG G 5 .   ? 1.111   6.991   -3.263  1.00 55.68 ? 306 PEG A C1  1 
HETATM 1254 O O1  . PEG G 5 .   ? 1.813   7.025   -4.478  1.00 50.35 ? 306 PEG A O1  1 
HETATM 1255 C C2  . PEG G 5 .   ? 0.070   8.111   -3.346  1.00 57.52 ? 306 PEG A C2  1 
HETATM 1256 O O2  . PEG G 5 .   ? -0.055  8.710   -2.081  1.00 66.00 ? 306 PEG A O2  1 
HETATM 1257 C C3  . PEG G 5 .   ? -0.682  7.876   -1.089  1.00 74.79 ? 306 PEG A C3  1 
HETATM 1258 C C4  . PEG G 5 .   ? 0.286   7.717   0.081   1.00 84.19 ? 306 PEG A C4  1 
HETATM 1259 O O4  . PEG G 5 .   ? 0.098   8.761   1.062   1.00 79.82 ? 306 PEG A O4  1 
HETATM 1260 C C01 . JGD H 6 .   ? -8.654  1.036   -12.070 1.00 46.36 ? 307 JGD A C01 1 
HETATM 1261 N N02 . JGD H 6 .   ? -9.600  2.127   -11.826 1.00 53.29 ? 307 JGD A N02 1 
HETATM 1262 C C03 . JGD H 6 .   ? -10.922 1.641   -11.445 1.00 47.23 ? 307 JGD A C03 1 
HETATM 1263 C C04 . JGD H 6 .   ? -9.311  3.474   -11.928 1.00 55.02 ? 307 JGD A C04 1 
HETATM 1264 C C05 . JGD H 6 .   ? -10.258 4.477   -11.591 1.00 54.64 ? 307 JGD A C05 1 
HETATM 1265 C C06 . JGD H 6 .   ? -9.858  5.758   -11.339 1.00 54.98 ? 307 JGD A C06 1 
HETATM 1266 N N07 . JGD H 6 .   ? -8.632  6.183   -11.689 1.00 53.77 ? 307 JGD A N07 1 
HETATM 1267 C C08 . JGD H 6 .   ? -7.779  5.332   -12.276 1.00 50.53 ? 307 JGD A C08 1 
HETATM 1268 C C09 . JGD H 6 .   ? -8.087  4.008   -12.429 1.00 54.87 ? 307 JGD A C09 1 
HETATM 1269 O O   . HOH I 7 .   ? 21.459  -1.031  -11.400 1.00 57.95 ? 401 HOH A O   1 
HETATM 1270 O O   . HOH I 7 .   ? -2.060  6.661   15.983  1.00 41.83 ? 402 HOH A O   1 
HETATM 1271 O O   . HOH I 7 .   ? -12.108 7.920   15.139  1.00 44.94 ? 403 HOH A O   1 
HETATM 1272 O O   . HOH I 7 .   ? 10.932  1.651   -12.169 1.00 33.86 ? 404 HOH A O   1 
HETATM 1273 O O   . HOH I 7 .   ? -17.575 -0.844  0.447   1.00 37.04 ? 405 HOH A O   1 
HETATM 1274 O O   . HOH I 7 .   ? -1.621  -9.573  11.700  1.00 40.68 ? 406 HOH A O   1 
HETATM 1275 O O   . HOH I 7 .   ? -0.413  6.170   -14.747 1.00 39.53 ? 407 HOH A O   1 
HETATM 1276 O O   . HOH I 7 .   ? -19.221 -1.179  9.779   1.00 57.24 ? 408 HOH A O   1 
HETATM 1277 O O   . HOH I 7 .   ? -15.047 -4.565  9.982   1.00 45.77 ? 409 HOH A O   1 
HETATM 1278 O O   . HOH I 7 .   ? -12.186 3.073   3.067   1.00 31.49 ? 410 HOH A O   1 
HETATM 1279 O O   . HOH I 7 .   ? -0.570  -14.499 -3.402  1.00 41.72 ? 411 HOH A O   1 
HETATM 1280 O O   . HOH I 7 .   ? -5.831  10.962  1.146   1.00 60.04 ? 412 HOH A O   1 
HETATM 1281 O O   . HOH I 7 .   ? -6.394  -2.739  14.995  1.00 38.39 ? 413 HOH A O   1 
HETATM 1282 O O   . HOH I 7 .   ? 4.318   14.511  -11.064 1.00 34.66 ? 414 HOH A O   1 
HETATM 1283 O O   . HOH I 7 .   ? -5.489  13.916  -13.108 1.00 98.34 ? 415 HOH A O   1 
HETATM 1284 O O   . HOH I 7 .   ? 25.176  0.201   -5.662  1.00 38.71 ? 416 HOH A O   1 
HETATM 1285 O O   . HOH I 7 .   ? 34.044  3.486   -8.014  1.00 29.77 ? 417 HOH A O   1 
HETATM 1286 O O   . HOH I 7 .   ? 17.723  5.987   7.554   1.00 45.70 ? 418 HOH A O   1 
HETATM 1287 O O   . HOH I 7 .   ? 16.160  2.478   -12.448 1.00 54.96 ? 419 HOH A O   1 
HETATM 1288 O O   . HOH I 7 .   ? 8.905   -10.738 5.956   1.00 57.38 ? 420 HOH A O   1 
HETATM 1289 O O   . HOH I 7 .   ? -16.565 -4.348  -4.934  1.00 46.83 ? 421 HOH A O   1 
HETATM 1290 O O   . HOH I 7 .   ? -1.785  -11.610 -11.505 1.00 56.48 ? 422 HOH A O   1 
HETATM 1291 O O   . HOH I 7 .   ? -8.548  1.317   15.725  1.00 49.16 ? 423 HOH A O   1 
HETATM 1292 O O   . HOH I 7 .   ? 11.860  1.317   -1.027  1.00 52.23 ? 424 HOH A O   1 
HETATM 1293 O O   . HOH I 7 .   ? -1.037  -2.645  -13.784 1.00 43.19 ? 425 HOH A O   1 
HETATM 1294 O O   . HOH I 7 .   ? 10.515  -4.261  5.039   1.00 33.71 ? 426 HOH A O   1 
HETATM 1295 O O   . HOH I 7 .   ? 1.998   4.738   -0.120  1.00 34.83 ? 427 HOH A O   1 
HETATM 1296 O O   . HOH I 7 .   ? -17.572 -1.088  4.138   1.00 33.55 ? 428 HOH A O   1 
HETATM 1297 O O   . HOH I 7 .   ? -2.358  13.927  14.289  1.00 59.74 ? 429 HOH A O   1 
HETATM 1298 O O   . HOH I 7 .   ? -11.033 12.900  10.962  1.00 53.60 ? 430 HOH A O   1 
HETATM 1299 O O   . HOH I 7 .   ? 9.869   -6.257  0.887   1.00 28.59 ? 431 HOH A O   1 
HETATM 1300 O O   . HOH I 7 .   ? 4.723   -10.714 7.725   1.00 33.79 ? 432 HOH A O   1 
HETATM 1301 O O   . HOH I 7 .   ? 2.829   10.888  -11.206 1.00 27.02 ? 433 HOH A O   1 
HETATM 1302 O O   . HOH I 7 .   ? 13.467  -4.108  0.536   1.00 58.39 ? 434 HOH A O   1 
HETATM 1303 O O   . HOH I 7 .   ? 15.539  -1.762  -1.515  1.00 42.22 ? 435 HOH A O   1 
HETATM 1304 O O   . HOH I 7 .   ? 7.027   3.093   2.212   1.00 44.82 ? 436 HOH A O   1 
HETATM 1305 O O   . HOH I 7 .   ? 6.520   -16.417 1.844   1.00 58.36 ? 437 HOH A O   1 
HETATM 1306 O O   . HOH I 7 .   ? -4.782  12.331  -1.334  1.00 47.29 ? 438 HOH A O   1 
HETATM 1307 O O   . HOH I 7 .   ? 13.005  3.428   12.582  1.00 43.09 ? 439 HOH A O   1 
HETATM 1308 O O   . HOH I 7 .   ? -14.797 4.084   9.787   1.00 57.56 ? 440 HOH A O   1 
HETATM 1309 O O   . HOH I 7 .   ? -10.487 -8.250  5.813   1.00 23.12 ? 441 HOH A O   1 
HETATM 1310 O O   . HOH I 7 .   ? 1.886   -8.183  10.847  1.00 45.76 ? 442 HOH A O   1 
HETATM 1311 O O   . HOH I 7 .   ? -12.342 9.680   11.185  1.00 57.19 ? 443 HOH A O   1 
HETATM 1312 O O   . HOH I 7 .   ? 2.787   -15.686 -0.353  1.00 37.46 ? 444 HOH A O   1 
HETATM 1313 O O   . HOH I 7 .   ? 14.506  -4.883  -7.963  1.00 45.27 ? 445 HOH A O   1 
HETATM 1314 O O   . HOH I 7 .   ? -8.077  8.360   19.453  1.00 86.59 ? 446 HOH A O   1 
HETATM 1315 O O   . HOH I 7 .   ? -4.286  -1.445  -1.431  1.00 20.44 ? 447 HOH A O   1 
HETATM 1316 O O   . HOH I 7 .   ? -13.402 6.791   8.574   1.00 38.13 ? 448 HOH A O   1 
HETATM 1317 O O   . HOH I 7 .   ? -23.219 -1.377  5.833   1.00 50.96 ? 449 HOH A O   1 
HETATM 1318 O O   . HOH I 7 .   ? -3.516  -17.602 -4.781  1.00 44.94 ? 450 HOH A O   1 
HETATM 1319 O O   . HOH I 7 .   ? -5.784  -2.411  -13.105 1.00 31.66 ? 451 HOH A O   1 
HETATM 1320 O O   . HOH I 7 .   ? -19.206 -5.301  8.633   1.00 33.96 ? 452 HOH A O   1 
HETATM 1321 O O   . HOH I 7 .   ? -8.294  -9.549  6.652   1.00 31.34 ? 453 HOH A O   1 
HETATM 1322 O O   . HOH I 7 .   ? 6.692   4.498   -5.118  1.00 25.41 ? 454 HOH A O   1 
HETATM 1323 O O   . HOH I 7 .   ? 0.983   -12.818 -8.018  1.00 31.35 ? 455 HOH A O   1 
HETATM 1324 O O   . HOH I 7 .   ? 20.697  5.244   -3.036  1.00 37.74 ? 456 HOH A O   1 
HETATM 1325 O O   . HOH I 7 .   ? 1.435   -6.644  -12.761 1.00 26.26 ? 457 HOH A O   1 
HETATM 1326 O O   . HOH I 7 .   ? 4.920   7.503   13.860  1.00 53.89 ? 458 HOH A O   1 
HETATM 1327 O O   . HOH I 7 .   ? 3.277   -5.981  11.611  1.00 44.47 ? 459 HOH A O   1 
HETATM 1328 O O   . HOH I 7 .   ? 3.061   2.256   0.132   1.00 24.40 ? 460 HOH A O   1 
HETATM 1329 O O   . HOH I 7 .   ? -5.895  1.938   -14.354 1.00 50.31 ? 461 HOH A O   1 
HETATM 1330 O O   . HOH I 7 .   ? -6.487  -15.579 -12.618 1.00 52.58 ? 462 HOH A O   1 
HETATM 1331 O O   . HOH I 7 .   ? 5.385   6.330   -11.344 1.00 47.45 ? 463 HOH A O   1 
HETATM 1332 O O   . HOH I 7 .   ? -14.297 -0.302  10.577  1.00 51.74 ? 464 HOH A O   1 
HETATM 1333 O O   . HOH I 7 .   ? -7.924  -5.883  8.075   1.00 24.99 ? 465 HOH A O   1 
HETATM 1334 O O   . HOH I 7 .   ? -1.178  12.188  4.679   1.00 47.22 ? 466 HOH A O   1 
HETATM 1335 O O   . HOH I 7 .   ? -4.608  -12.272 -12.215 1.00 64.00 ? 467 HOH A O   1 
HETATM 1336 O O   . HOH I 7 .   ? 9.904   -1.886  11.124  1.00 43.26 ? 468 HOH A O   1 
HETATM 1337 O O   . HOH I 7 .   ? -17.451 1.237   -1.453  1.00 31.75 ? 469 HOH A O   1 
HETATM 1338 O O   . HOH I 7 .   ? -18.494 -3.020  -10.890 1.00 63.56 ? 470 HOH A O   1 
HETATM 1339 O O   . HOH I 7 .   ? -12.168 -7.142  13.838  1.00 50.44 ? 471 HOH A O   1 
HETATM 1340 O O   . HOH I 7 .   ? 0.805   2.997   -15.834 1.00 58.73 ? 472 HOH A O   1 
HETATM 1341 O O   . HOH I 7 .   ? 8.916   -8.458  -12.796 1.00 61.69 ? 473 HOH A O   1 
HETATM 1342 O O   . HOH I 7 .   ? -18.084 -0.854  -8.377  1.00 46.98 ? 474 HOH A O   1 
HETATM 1343 O O   . HOH I 7 .   ? 17.963  6.572   -3.613  1.00 48.93 ? 475 HOH A O   1 
HETATM 1344 O O   . HOH I 7 .   ? 5.576   -17.254 6.302   1.00 60.74 ? 476 HOH A O   1 
HETATM 1345 O O   . HOH I 7 .   ? -13.256 1.709   9.952   1.00 43.95 ? 477 HOH A O   1 
HETATM 1346 O O   . HOH I 7 .   ? -6.172  16.801  13.011  1.00 54.15 ? 478 HOH A O   1 
HETATM 1347 O O   . HOH I 7 .   ? -14.196 -9.266  -10.954 1.00 62.89 ? 479 HOH A O   1 
HETATM 1348 O O   . HOH I 7 .   ? 31.441  -0.762  -16.099 1.00 65.37 ? 480 HOH A O   1 
HETATM 1349 O O   . HOH I 7 .   ? 21.370  -5.412  -9.182  1.00 86.38 ? 481 HOH A O   1 
HETATM 1350 O O   . HOH I 7 .   ? 5.741   -6.387  9.558   1.00 53.79 ? 482 HOH A O   1 
HETATM 1351 O O   . HOH I 7 .   ? 10.465  -3.325  -10.840 1.00 31.46 ? 483 HOH A O   1 
HETATM 1352 O O   . HOH I 7 .   ? 20.313  -5.837  -7.236  1.00 65.00 ? 484 HOH A O   1 
HETATM 1353 O O   . HOH I 7 .   ? 17.389  -10.507 -7.295  1.00 60.62 ? 485 HOH A O   1 
HETATM 1354 O O   . HOH I 7 .   ? -0.508  -8.510  14.427  1.00 64.50 ? 486 HOH A O   1 
HETATM 1355 O O   . HOH I 7 .   ? 5.127   -5.063  -12.349 1.00 40.14 ? 487 HOH A O   1 
HETATM 1356 O O   . HOH I 7 .   ? -17.382 0.781   -4.055  1.00 40.58 ? 488 HOH A O   1 
HETATM 1357 O O   . HOH I 7 .   ? 7.453   -10.738 8.239   1.00 50.94 ? 489 HOH A O   1 
HETATM 1358 O O   . HOH I 7 .   ? 4.550   -8.803  9.102   1.00 50.16 ? 490 HOH A O   1 
HETATM 1359 O O   . HOH I 7 .   ? -19.310 3.481   -0.604  1.00 45.23 ? 491 HOH A O   1 
# 
